data_6E1K
#
_entry.id   6E1K
#
_cell.length_a   1
_cell.length_b   1
_cell.length_c   1
_cell.angle_alpha   90.00
_cell.angle_beta   90.00
_cell.angle_gamma   90.00
#
_symmetry.space_group_name_H-M   'P 1'
#
loop_
_entity.id
_entity.type
_entity.pdbx_description
1 polymer 'Two pore calcium channel protein 1'
2 polymer 'cat06 light chain'
3 polymer 'cat06 heavy chain'
4 non-polymer 'CALCIUM ION'
5 non-polymer 'PALMITIC ACID'
6 water water
#
loop_
_entity_poly.entity_id
_entity_poly.type
_entity_poly.pdbx_seq_one_letter_code
_entity_poly.pdbx_strand_id
1 'polypeptide(L)'
;MGGGGTDRVRR(SEP)EAI(TPO)HG(TPO)PFQKAAALVDLAEDGIGLPVEILDQSSFGESARYYFIFTRLDLIWSLNY
FALLFLNFFEQPLWCEKNPKPSCKDRDYYYLGELPYLTNAESIIYEVITLAILLVHTFFPISYEGSRIFWTSRLNLVKVA
CVVILFVDVLVDFLYLSPLAFDFLPFRIAPYVRVIIFILSIRELRDTLVLLSGMLGTYLNILALWMLFLLFASWIAFVMF
ENTQQGLTVFTSYGATLYQMFILFTTSNNPDVWIPAYKSSRWSSVFFVLYVLIGVYFVTNLILAVVYDSFKEQLAKQVSG
MDQMKRRMLEKAFGLIDSDKNGEIDKNQCIKLFEQLTNYRTLPKISKEEFGLIFDELDDTRDFKINKDEFADLCQAIALR
FQKEEVPSLFEHFPQIYHSALSQQLRAFVRSPNFGYAISFILIINFIAVVVETTLNIEESSAQKPWQVAEFVFGWIYVLE
MALKIYTYGFENYWREGANRFDFLVTWVIVIGETATFITPDENTFFSNGQWIRYLLLARMLRLIRLLMNVQRYRAFIATF
ITLIPSLMPYLGTIFCVLCIYCSIGVQVFGGLVNAGNKKLFETELAEDDYLLFNFNDYPNGMVTLFNLLVMGNWQVWMES
YKDLTGTWWSITYFVSFYVITILLLLNLVVAFVLEAFFTELDLEEEEKCQGQDSQEKRNRRRSAGSKSRSQRVDTLLHHM
LGDELSKPECSTSDTLVPR
;
A,B
2 'polypeptide(L)'
;DIQMTQSPSSLSASVGDRVTITCRASQSVSSAVAWYQQKPGKAPKLLIYSASSLYSGVPSRFSGSRSGTDFTLTISSLQP
EDFATYYCQQSSSSLITFGQGTKVEIKRTVAAPSVFIFPPSDSQLKSGTASVVCLLNNFYPREAKVQWKVDNALQSGNSQ
ESVTEQDSKDSTYSLSSTLTLSKADYEKHKVYACEVTHQGLSSPVTKSFNRGEC
;
C,E
3 'polypeptide(L)'
;EVQLVESGGGLVQPGGSLRLSCAASGFNVYSYSIHWVRQAPGKGLEWVASISSYYSSTSYADSVKGRFTISADTSKNTAY
LQMNSLRAEDTAVYYCARSYWYWRTSTLGGIDYWGQGTLVTVFNQIKGPSVFPLAPSSKSTSGGTAALGCLVKDYFPEPV
TVSWNSGALTSGVHTFPAVLQSSGLYSLSSVVTVPSSSLGTQTYICNVNHKPSNTKVDKKVEPKSCDKTHT
;
D,F
#
# COMPACT_ATOMS: atom_id res chain seq x y z
N GLU A 13 5.60 22.87 -39.64
CA GLU A 13 5.05 21.56 -39.29
C GLU A 13 6.06 20.44 -39.55
N ALA A 14 6.30 19.61 -38.54
CA ALA A 14 7.27 18.52 -38.63
C ALA A 14 6.60 17.14 -38.58
N ILE A 15 5.29 17.09 -38.76
CA ILE A 15 4.56 15.83 -38.70
C ILE A 15 4.79 15.01 -39.96
N HIS A 17 6.87 13.64 -42.75
CA HIS A 17 8.27 13.42 -43.07
C HIS A 17 8.56 11.98 -43.48
N GLY A 18 7.54 11.30 -43.99
CA GLY A 18 7.72 9.98 -44.57
C GLY A 18 8.40 10.14 -45.91
N PRO A 20 11.44 11.54 -47.32
CA PRO A 20 12.72 11.27 -46.65
C PRO A 20 13.37 12.45 -45.92
N PHE A 21 13.44 12.34 -44.59
CA PHE A 21 14.19 13.28 -43.77
C PHE A 21 15.66 12.90 -43.79
N GLN A 22 16.48 13.76 -43.17
CA GLN A 22 17.90 13.46 -43.10
C GLN A 22 18.16 12.41 -42.03
N LYS A 23 19.39 11.88 -42.04
CA LYS A 23 19.78 10.84 -41.10
C LYS A 23 19.79 11.36 -39.67
N ALA A 24 20.09 12.63 -39.49
CA ALA A 24 19.89 13.28 -38.21
C ALA A 24 18.52 13.91 -38.08
N ALA A 25 17.80 14.09 -39.19
CA ALA A 25 16.46 14.65 -39.15
C ALA A 25 15.36 13.60 -39.17
N ALA A 26 15.69 12.34 -39.47
CA ALA A 26 14.70 11.30 -39.24
C ALA A 26 14.68 10.86 -37.78
N LEU A 27 15.62 11.36 -36.98
CA LEU A 27 15.62 11.08 -35.56
C LEU A 27 14.48 11.80 -34.85
N VAL A 28 14.02 12.93 -35.38
CA VAL A 28 13.18 13.86 -34.63
C VAL A 28 11.78 13.32 -34.34
N ASP A 29 11.43 12.17 -34.90
CA ASP A 29 10.17 11.49 -34.64
C ASP A 29 10.34 10.36 -33.65
N LEU A 30 11.33 9.50 -33.88
CA LEU A 30 11.51 8.36 -33.00
C LEU A 30 12.02 8.80 -31.65
N ALA A 31 12.78 9.89 -31.61
CA ALA A 31 13.08 10.49 -30.32
C ALA A 31 11.86 11.22 -29.75
N GLU A 32 10.96 11.70 -30.62
CA GLU A 32 9.71 12.28 -30.11
C GLU A 32 8.77 11.20 -29.60
N ASP A 33 8.67 10.08 -30.31
CA ASP A 33 7.71 9.04 -29.94
C ASP A 33 8.14 8.22 -28.74
N GLY A 34 9.20 8.60 -28.02
CA GLY A 34 9.47 7.99 -26.74
C GLY A 34 9.04 8.89 -25.61
N ILE A 35 8.75 10.15 -25.95
CA ILE A 35 8.44 11.15 -24.93
C ILE A 35 7.01 10.99 -24.43
N GLY A 36 6.04 11.16 -25.33
CA GLY A 36 4.64 11.06 -24.95
C GLY A 36 4.08 9.67 -24.97
N LEU A 37 4.94 8.66 -25.11
CA LEU A 37 4.62 7.26 -25.36
C LEU A 37 3.58 6.99 -26.44
N PRO A 38 3.83 7.29 -27.72
CA PRO A 38 3.07 6.62 -28.78
C PRO A 38 3.68 5.27 -29.10
N VAL A 39 3.05 4.60 -30.03
CA VAL A 39 3.48 3.29 -30.48
C VAL A 39 3.57 3.31 -31.99
N GLU A 40 4.66 2.77 -32.51
CA GLU A 40 4.72 2.32 -33.88
C GLU A 40 4.74 0.80 -33.81
N ILE A 41 4.26 0.15 -34.87
CA ILE A 41 4.22 -1.30 -34.90
C ILE A 41 5.64 -1.83 -34.99
N LEU A 42 5.88 -2.97 -34.32
CA LEU A 42 7.17 -3.64 -34.49
C LEU A 42 7.34 -4.17 -35.90
N ASP A 43 6.24 -4.36 -36.64
CA ASP A 43 6.33 -4.59 -38.08
C ASP A 43 6.58 -3.30 -38.85
N GLN A 44 6.15 -2.15 -38.32
CA GLN A 44 6.47 -0.89 -38.97
C GLN A 44 7.94 -0.54 -38.81
N SER A 45 8.54 -0.91 -37.68
CA SER A 45 9.97 -0.72 -37.50
C SER A 45 10.77 -1.87 -38.11
N SER A 46 10.10 -2.94 -38.53
CA SER A 46 10.79 -4.14 -39.00
C SER A 46 11.55 -3.89 -40.29
N PHE A 47 11.04 -3.01 -41.15
CA PHE A 47 11.77 -2.65 -42.35
C PHE A 47 12.96 -1.76 -41.99
N GLY A 48 13.98 -1.81 -42.84
CA GLY A 48 15.25 -1.20 -42.49
C GLY A 48 15.22 0.31 -42.52
N GLU A 49 14.52 0.89 -43.51
CA GLU A 49 14.56 2.33 -43.70
C GLU A 49 13.75 3.08 -42.66
N SER A 50 12.63 2.50 -42.23
CA SER A 50 11.62 3.13 -41.38
C SER A 50 11.09 4.43 -41.98
N ALA A 51 11.12 4.53 -43.31
CA ALA A 51 10.57 5.67 -44.02
C ALA A 51 9.90 5.22 -45.30
N ARG A 52 9.56 3.94 -45.40
CA ARG A 52 8.96 3.36 -46.59
C ARG A 52 7.48 3.70 -46.64
N TYR A 53 6.73 3.00 -47.50
CA TYR A 53 5.29 3.16 -47.52
C TYR A 53 4.61 2.63 -46.26
N TYR A 54 5.30 1.81 -45.47
CA TYR A 54 4.76 1.36 -44.22
C TYR A 54 4.74 2.44 -43.14
N PHE A 55 5.35 3.59 -43.37
CA PHE A 55 5.35 4.66 -42.38
C PHE A 55 4.45 5.83 -42.75
N ILE A 56 4.25 6.07 -44.05
CA ILE A 56 3.25 7.03 -44.49
C ILE A 56 1.87 6.59 -44.03
N PHE A 57 1.64 5.29 -44.04
CA PHE A 57 0.32 4.74 -43.83
C PHE A 57 0.09 4.33 -42.38
N THR A 58 0.93 4.79 -41.47
CA THR A 58 0.58 4.85 -40.05
C THR A 58 0.24 6.27 -39.64
N ARG A 59 0.93 7.25 -40.22
CA ARG A 59 0.54 8.63 -39.99
C ARG A 59 -0.72 9.01 -40.76
N LEU A 60 -1.18 8.18 -41.68
CA LEU A 60 -2.51 8.36 -42.22
C LEU A 60 -3.56 7.74 -41.32
N ASP A 61 -3.16 7.00 -40.30
CA ASP A 61 -4.13 6.47 -39.34
C ASP A 61 -4.33 7.47 -38.22
N LEU A 62 -3.27 7.73 -37.46
CA LEU A 62 -3.34 8.55 -36.25
C LEU A 62 -3.58 10.04 -36.51
N ILE A 63 -3.64 10.47 -37.77
CA ILE A 63 -4.16 11.79 -38.11
C ILE A 63 -5.66 11.73 -38.39
N TRP A 64 -6.13 10.73 -39.14
CA TRP A 64 -7.56 10.54 -39.30
C TRP A 64 -8.14 9.65 -38.22
N SER A 65 -7.57 9.66 -37.02
CA SER A 65 -7.97 8.79 -35.92
C SER A 65 -9.13 9.32 -35.11
N LEU A 66 -9.93 10.24 -35.63
CA LEU A 66 -11.17 10.59 -34.96
C LEU A 66 -12.37 10.06 -35.72
N ASN A 67 -12.21 9.77 -37.00
CA ASN A 67 -13.20 8.98 -37.69
C ASN A 67 -13.14 7.51 -37.33
N TYR A 68 -12.16 7.07 -36.55
CA TYR A 68 -12.09 5.69 -36.14
C TYR A 68 -12.43 5.46 -34.69
N PHE A 69 -12.50 6.50 -33.88
CA PHE A 69 -12.85 6.35 -32.47
C PHE A 69 -14.24 6.84 -32.14
N ALA A 70 -14.70 7.91 -32.77
CA ALA A 70 -16.09 8.30 -32.60
C ALA A 70 -17.02 7.43 -33.41
N LEU A 71 -16.50 6.62 -34.33
CA LEU A 71 -17.34 5.59 -34.91
C LEU A 71 -17.64 4.52 -33.90
N LEU A 72 -16.74 4.30 -32.94
CA LEU A 72 -16.90 3.21 -31.99
C LEU A 72 -18.08 3.44 -31.07
N PHE A 73 -18.43 4.70 -30.85
CA PHE A 73 -19.62 5.01 -30.11
C PHE A 73 -20.85 5.07 -31.02
N LEU A 74 -20.67 5.40 -32.28
CA LEU A 74 -21.77 5.30 -33.22
C LEU A 74 -22.15 3.85 -33.39
N ASN A 75 -21.16 2.96 -33.25
CA ASN A 75 -21.39 1.51 -33.24
C ASN A 75 -22.04 1.10 -31.94
N PHE A 76 -21.52 1.57 -30.82
CA PHE A 76 -21.84 1.01 -29.53
C PHE A 76 -23.17 1.49 -29.03
N PHE A 77 -23.44 2.76 -29.19
CA PHE A 77 -24.68 3.33 -28.71
C PHE A 77 -25.83 3.07 -29.63
N GLU A 78 -25.66 2.27 -30.69
CA GLU A 78 -26.82 1.73 -31.37
C GLU A 78 -27.47 0.64 -30.52
N GLN A 79 -26.80 0.15 -29.50
CA GLN A 79 -27.49 -0.78 -28.61
C GLN A 79 -28.62 -0.12 -27.82
N PRO A 80 -28.45 1.02 -27.08
CA PRO A 80 -29.60 1.58 -26.38
C PRO A 80 -30.67 2.09 -27.28
N LEU A 81 -30.34 2.38 -28.53
CA LEU A 81 -31.28 2.88 -29.51
C LEU A 81 -31.85 1.80 -30.41
N TRP A 82 -31.57 0.53 -30.13
CA TRP A 82 -32.25 -0.58 -30.79
C TRP A 82 -33.73 -0.64 -30.44
N CYS A 83 -34.30 -1.81 -30.71
CA CYS A 83 -35.56 -2.16 -30.11
C CYS A 83 -35.28 -2.98 -28.85
N GLU A 84 -36.34 -3.44 -28.20
CA GLU A 84 -36.26 -4.63 -27.37
C GLU A 84 -36.00 -5.80 -28.30
N LYS A 85 -35.52 -6.91 -27.78
CA LYS A 85 -35.47 -8.11 -28.63
C LYS A 85 -36.86 -8.53 -29.05
N ASN A 86 -37.77 -8.60 -28.10
CA ASN A 86 -38.99 -9.36 -28.25
C ASN A 86 -40.27 -8.61 -27.94
N PRO A 87 -40.62 -7.59 -28.73
CA PRO A 87 -42.03 -7.27 -28.92
C PRO A 87 -42.58 -7.80 -30.23
N LYS A 88 -41.75 -8.54 -30.99
CA LYS A 88 -42.20 -9.19 -32.21
C LYS A 88 -43.21 -10.33 -31.98
N PRO A 89 -43.08 -11.19 -30.97
CA PRO A 89 -44.24 -12.03 -30.67
C PRO A 89 -45.39 -11.26 -30.03
N SER A 90 -45.09 -10.39 -29.08
CA SER A 90 -46.05 -9.94 -28.08
C SER A 90 -47.04 -8.94 -28.68
N CYS A 91 -48.02 -8.58 -27.85
CA CYS A 91 -49.15 -7.76 -28.25
C CYS A 91 -49.20 -6.46 -27.46
N LYS A 92 -49.55 -5.38 -28.18
CA LYS A 92 -49.56 -4.00 -27.72
C LYS A 92 -48.16 -3.55 -27.28
N ASP A 93 -47.30 -3.30 -28.28
CA ASP A 93 -46.01 -2.65 -28.00
C ASP A 93 -46.18 -1.19 -27.64
N ARG A 94 -46.94 -0.44 -28.44
CA ARG A 94 -46.92 1.02 -28.34
C ARG A 94 -47.56 1.50 -27.04
N ASP A 95 -48.50 0.74 -26.49
CA ASP A 95 -48.84 0.89 -25.09
C ASP A 95 -47.63 0.48 -24.28
N TYR A 96 -47.12 1.41 -23.49
CA TYR A 96 -45.88 1.17 -22.76
C TYR A 96 -46.14 0.37 -21.50
N TYR A 97 -45.70 -0.88 -21.55
CA TYR A 97 -45.62 -1.74 -20.40
C TYR A 97 -44.26 -1.57 -19.71
N TYR A 98 -44.16 -0.41 -19.06
CA TYR A 98 -43.07 0.06 -18.20
C TYR A 98 -41.79 0.26 -18.95
N LEU A 99 -41.86 0.62 -20.22
CA LEU A 99 -40.64 0.67 -20.99
C LEU A 99 -39.98 2.02 -20.79
N GLY A 100 -38.91 2.25 -21.53
CA GLY A 100 -38.06 3.39 -21.33
C GLY A 100 -38.57 4.62 -22.03
N GLU A 101 -37.64 5.36 -22.64
CA GLU A 101 -37.93 6.70 -23.14
C GLU A 101 -37.39 6.93 -24.53
N LEU A 102 -36.27 6.31 -24.89
CA LEU A 102 -35.64 6.45 -26.18
C LEU A 102 -36.56 5.93 -27.29
N PRO A 103 -36.37 6.38 -28.53
CA PRO A 103 -37.10 5.77 -29.63
C PRO A 103 -36.53 4.41 -30.00
N TYR A 104 -37.24 3.76 -30.91
CA TYR A 104 -36.87 2.44 -31.40
C TYR A 104 -36.61 2.60 -32.86
N LEU A 105 -35.38 2.33 -33.28
CA LEU A 105 -35.03 2.47 -34.68
C LEU A 105 -35.69 1.38 -35.49
N THR A 106 -36.40 1.77 -36.53
CA THR A 106 -37.03 0.80 -37.38
C THR A 106 -36.00 0.15 -38.30
N ASN A 107 -36.42 -0.90 -39.00
CA ASN A 107 -35.49 -1.69 -39.77
C ASN A 107 -34.96 -0.95 -40.98
N ALA A 108 -35.66 0.07 -41.46
CA ALA A 108 -35.11 0.95 -42.47
C ALA A 108 -34.24 2.04 -41.87
N GLU A 109 -34.22 2.15 -40.54
CA GLU A 109 -33.30 3.04 -39.85
C GLU A 109 -32.13 2.29 -39.25
N SER A 110 -32.17 0.96 -39.23
CA SER A 110 -31.02 0.16 -38.83
C SER A 110 -30.20 -0.31 -40.01
N ILE A 111 -30.54 0.11 -41.22
CA ILE A 111 -29.75 -0.28 -42.37
C ILE A 111 -29.01 0.93 -42.93
N ILE A 112 -29.43 2.13 -42.60
CA ILE A 112 -28.69 3.29 -43.06
C ILE A 112 -27.87 3.77 -41.87
N TYR A 113 -27.68 2.88 -40.90
CA TYR A 113 -26.88 3.14 -39.73
C TYR A 113 -26.06 1.94 -39.32
N GLU A 114 -26.30 0.79 -39.92
CA GLU A 114 -25.35 -0.30 -39.81
C GLU A 114 -24.47 -0.43 -41.04
N VAL A 115 -24.83 0.15 -42.16
CA VAL A 115 -23.88 0.23 -43.24
C VAL A 115 -22.90 1.38 -43.00
N ILE A 116 -23.39 2.50 -42.50
CA ILE A 116 -22.52 3.63 -42.19
C ILE A 116 -21.59 3.29 -41.04
N THR A 117 -22.03 2.47 -40.10
CA THR A 117 -21.10 1.98 -39.09
C THR A 117 -20.14 0.94 -39.66
N LEU A 118 -20.58 0.10 -40.59
CA LEU A 118 -19.73 -0.89 -41.23
C LEU A 118 -19.13 -0.43 -42.56
N ALA A 119 -19.10 0.87 -42.82
CA ALA A 119 -18.21 1.38 -43.84
C ALA A 119 -16.96 1.99 -43.25
N ILE A 120 -16.99 2.26 -41.96
CA ILE A 120 -15.95 2.95 -41.22
C ILE A 120 -15.36 2.01 -40.19
N LEU A 121 -15.62 0.74 -40.35
CA LEU A 121 -15.11 -0.28 -39.47
C LEU A 121 -14.29 -1.30 -40.23
N LEU A 122 -14.67 -1.61 -41.46
CA LEU A 122 -13.73 -2.30 -42.32
C LEU A 122 -12.56 -1.41 -42.69
N VAL A 123 -12.80 -0.12 -42.91
CA VAL A 123 -11.70 0.77 -43.18
C VAL A 123 -10.86 1.01 -41.93
N HIS A 124 -11.38 0.72 -40.74
CA HIS A 124 -10.48 0.62 -39.60
C HIS A 124 -9.78 -0.73 -39.56
N THR A 125 -10.44 -1.80 -39.98
CA THR A 125 -9.82 -3.11 -39.78
C THR A 125 -8.92 -3.48 -40.95
N PHE A 126 -9.32 -3.15 -42.18
CA PHE A 126 -8.48 -3.42 -43.33
C PHE A 126 -7.69 -2.18 -43.75
N PHE A 127 -7.31 -1.37 -42.79
CA PHE A 127 -6.28 -0.37 -42.97
C PHE A 127 -4.84 -0.83 -42.74
N PRO A 128 -4.46 -1.62 -41.72
CA PRO A 128 -3.04 -1.94 -41.56
C PRO A 128 -2.50 -2.86 -42.62
N ILE A 129 -3.32 -3.39 -43.52
CA ILE A 129 -2.85 -3.97 -44.75
C ILE A 129 -2.14 -2.93 -45.62
N SER A 130 -2.38 -1.64 -45.39
CA SER A 130 -1.53 -0.62 -45.95
C SER A 130 -0.25 -0.37 -45.16
N TYR A 131 0.01 -1.07 -44.04
CA TYR A 131 1.37 -1.08 -43.50
C TYR A 131 1.77 -2.44 -42.94
N GLU A 132 1.04 -3.49 -43.25
CA GLU A 132 1.45 -4.85 -42.96
C GLU A 132 1.09 -5.69 -44.17
N GLY A 133 1.56 -6.93 -44.16
CA GLY A 133 1.48 -7.75 -45.34
C GLY A 133 0.21 -8.54 -45.39
N SER A 134 0.18 -9.46 -46.36
CA SER A 134 -0.88 -10.44 -46.42
C SER A 134 -0.64 -11.60 -45.46
N ARG A 135 0.48 -11.60 -44.73
CA ARG A 135 0.73 -12.62 -43.71
C ARG A 135 1.24 -12.06 -42.40
N ILE A 136 1.69 -10.82 -42.35
CA ILE A 136 2.01 -10.21 -41.06
C ILE A 136 0.73 -9.88 -40.32
N PHE A 137 -0.26 -9.41 -41.08
CA PHE A 137 -1.58 -9.06 -40.59
C PHE A 137 -2.24 -10.24 -39.91
N TRP A 138 -2.43 -11.32 -40.64
CA TRP A 138 -3.31 -12.40 -40.25
C TRP A 138 -2.71 -13.34 -39.23
N THR A 139 -1.72 -12.93 -38.44
CA THR A 139 -1.14 -13.80 -37.43
C THR A 139 -1.00 -13.00 -36.14
N SER A 140 -2.08 -12.33 -35.72
CA SER A 140 -1.95 -11.41 -34.61
C SER A 140 -3.01 -11.60 -33.51
N ARG A 141 -4.20 -12.09 -33.87
CA ARG A 141 -5.20 -12.64 -32.96
C ARG A 141 -5.90 -11.56 -32.11
N LEU A 142 -5.44 -10.32 -32.16
CA LEU A 142 -6.28 -9.16 -31.85
C LEU A 142 -6.69 -8.47 -33.13
N ASN A 143 -6.47 -9.14 -34.25
CA ASN A 143 -6.61 -8.81 -35.65
C ASN A 143 -7.32 -9.88 -36.43
N LEU A 144 -7.05 -11.16 -36.14
CA LEU A 144 -7.90 -12.22 -36.63
C LEU A 144 -9.29 -12.16 -36.02
N VAL A 145 -9.38 -11.68 -34.79
CA VAL A 145 -10.68 -11.57 -34.14
C VAL A 145 -11.49 -10.46 -34.76
N LYS A 146 -10.86 -9.31 -34.96
CA LYS A 146 -11.58 -8.14 -35.39
C LYS A 146 -11.95 -8.18 -36.87
N VAL A 147 -11.39 -9.12 -37.63
CA VAL A 147 -11.94 -9.45 -38.94
C VAL A 147 -13.14 -10.36 -38.78
N ALA A 148 -13.10 -11.28 -37.80
CA ALA A 148 -14.22 -12.18 -37.62
C ALA A 148 -15.42 -11.47 -37.03
N CYS A 149 -15.17 -10.47 -36.15
CA CYS A 149 -16.27 -9.73 -35.55
C CYS A 149 -17.04 -8.95 -36.60
N VAL A 150 -16.36 -8.50 -37.64
CA VAL A 150 -17.00 -7.73 -38.69
C VAL A 150 -17.76 -8.63 -39.64
N VAL A 151 -17.22 -9.81 -39.94
CA VAL A 151 -17.95 -10.76 -40.77
C VAL A 151 -19.20 -11.27 -40.03
N ILE A 152 -19.19 -11.25 -38.70
CA ILE A 152 -20.44 -11.41 -37.96
C ILE A 152 -21.38 -10.26 -38.26
N LEU A 153 -20.89 -9.02 -38.12
CA LEU A 153 -21.72 -7.87 -38.44
C LEU A 153 -21.99 -7.74 -39.93
N PHE A 154 -21.20 -8.37 -40.78
CA PHE A 154 -21.57 -8.35 -42.19
C PHE A 154 -22.57 -9.44 -42.51
N VAL A 155 -22.52 -10.58 -41.82
CA VAL A 155 -23.59 -11.56 -41.96
C VAL A 155 -24.87 -11.01 -41.37
N ASP A 156 -24.77 -10.35 -40.22
CA ASP A 156 -25.97 -9.89 -39.54
C ASP A 156 -26.64 -8.74 -40.27
N VAL A 157 -25.89 -7.93 -41.01
CA VAL A 157 -26.53 -6.95 -41.87
C VAL A 157 -27.20 -7.63 -43.05
N LEU A 158 -26.60 -8.70 -43.56
CA LEU A 158 -27.21 -9.47 -44.62
C LEU A 158 -28.49 -10.17 -44.14
N VAL A 159 -28.48 -10.68 -42.91
CA VAL A 159 -29.69 -11.27 -42.34
C VAL A 159 -30.74 -10.20 -42.09
N ASP A 160 -30.33 -9.01 -41.64
CA ASP A 160 -31.26 -7.92 -41.39
C ASP A 160 -31.68 -7.18 -42.65
N PHE A 161 -31.57 -7.79 -43.82
CA PHE A 161 -31.96 -7.19 -45.08
C PHE A 161 -33.01 -7.99 -45.82
N LEU A 162 -33.02 -9.31 -45.67
CA LEU A 162 -33.91 -10.17 -46.43
C LEU A 162 -34.72 -11.14 -45.56
N TYR A 163 -34.47 -11.20 -44.26
CA TYR A 163 -35.23 -11.98 -43.27
C TYR A 163 -35.22 -13.48 -43.55
N PRO A 173 -32.76 -17.80 -33.89
CA PRO A 173 -31.91 -17.92 -32.70
C PRO A 173 -32.10 -16.79 -31.70
N PHE A 174 -31.01 -16.19 -31.23
CA PHE A 174 -31.10 -15.19 -30.18
C PHE A 174 -30.36 -13.89 -30.52
N ARG A 175 -29.92 -13.71 -31.77
CA ARG A 175 -29.43 -12.43 -32.30
C ARG A 175 -28.19 -11.92 -31.56
N ILE A 176 -27.03 -12.53 -31.85
CA ILE A 176 -25.78 -12.00 -31.31
C ILE A 176 -25.25 -10.92 -32.25
N ALA A 177 -25.98 -9.83 -32.33
CA ALA A 177 -25.47 -8.53 -32.71
C ALA A 177 -24.93 -7.79 -31.50
N PRO A 178 -25.68 -7.50 -30.43
CA PRO A 178 -25.21 -6.50 -29.48
C PRO A 178 -24.13 -6.96 -28.55
N TYR A 179 -23.64 -8.18 -28.70
CA TYR A 179 -22.50 -8.58 -27.90
C TYR A 179 -21.24 -8.36 -28.68
N VAL A 180 -21.31 -8.46 -30.00
CA VAL A 180 -20.14 -8.17 -30.85
C VAL A 180 -19.78 -6.70 -30.79
N ARG A 181 -20.78 -5.83 -30.81
CA ARG A 181 -20.57 -4.41 -30.74
C ARG A 181 -19.91 -3.97 -29.46
N VAL A 182 -20.04 -4.73 -28.38
CA VAL A 182 -19.23 -4.44 -27.21
C VAL A 182 -17.84 -4.92 -27.45
N ILE A 183 -17.69 -6.10 -28.03
CA ILE A 183 -16.40 -6.76 -28.14
C ILE A 183 -15.51 -6.05 -29.15
N ILE A 184 -16.08 -5.55 -30.25
CA ILE A 184 -15.34 -4.64 -31.12
C ILE A 184 -14.91 -3.39 -30.36
N PHE A 185 -15.83 -2.81 -29.60
CA PHE A 185 -15.55 -1.60 -28.84
C PHE A 185 -14.54 -1.84 -27.75
N ILE A 186 -14.35 -3.06 -27.30
CA ILE A 186 -13.26 -3.26 -26.37
C ILE A 186 -11.94 -3.34 -27.11
N LEU A 187 -11.87 -4.14 -28.18
CA LEU A 187 -10.63 -4.32 -28.92
C LEU A 187 -10.21 -3.05 -29.65
N SER A 188 -11.15 -2.17 -29.97
CA SER A 188 -10.77 -1.04 -30.79
C SER A 188 -10.19 0.06 -29.96
N ILE A 189 -10.78 0.38 -28.81
CA ILE A 189 -10.17 1.38 -27.95
C ILE A 189 -9.02 0.72 -27.23
N ARG A 190 -7.84 1.35 -27.31
CA ARG A 190 -6.62 0.68 -26.91
C ARG A 190 -6.57 0.42 -25.42
N GLU A 191 -7.02 1.38 -24.63
CA GLU A 191 -6.85 1.26 -23.19
C GLU A 191 -7.82 0.24 -22.59
N LEU A 192 -8.95 0.00 -23.24
CA LEU A 192 -9.88 -1.01 -22.75
C LEU A 192 -9.38 -2.39 -23.10
N ARG A 193 -8.74 -2.52 -24.25
CA ARG A 193 -8.03 -3.74 -24.58
C ARG A 193 -6.82 -3.92 -23.69
N ASP A 194 -6.18 -2.83 -23.27
CA ASP A 194 -5.04 -2.95 -22.39
C ASP A 194 -5.44 -3.25 -20.96
N THR A 195 -6.56 -2.68 -20.49
CA THR A 195 -7.08 -2.99 -19.17
C THR A 195 -7.46 -4.46 -19.07
N LEU A 196 -8.05 -4.97 -20.13
CA LEU A 196 -8.54 -6.34 -20.15
C LEU A 196 -7.40 -7.35 -20.19
N VAL A 197 -6.16 -6.90 -20.38
CA VAL A 197 -5.02 -7.76 -20.17
C VAL A 197 -4.78 -7.98 -18.68
N LEU A 198 -4.98 -6.94 -17.86
CA LEU A 198 -4.86 -7.11 -16.41
C LEU A 198 -5.87 -8.11 -15.90
N LEU A 199 -7.13 -7.94 -16.27
CA LEU A 199 -8.21 -8.78 -15.80
C LEU A 199 -8.09 -10.22 -16.27
N SER A 200 -7.35 -10.47 -17.34
CA SER A 200 -7.06 -11.83 -17.73
C SER A 200 -5.72 -12.30 -17.19
N GLY A 201 -4.90 -11.40 -16.66
CA GLY A 201 -3.79 -11.82 -15.84
C GLY A 201 -4.14 -11.93 -14.38
N MET A 202 -5.13 -11.17 -13.94
CA MET A 202 -5.54 -11.24 -12.54
C MET A 202 -6.45 -12.40 -12.24
N LEU A 203 -6.93 -13.10 -13.26
CA LEU A 203 -8.11 -13.92 -13.09
C LEU A 203 -7.79 -15.23 -12.38
N GLY A 204 -6.58 -15.75 -12.57
CA GLY A 204 -6.20 -16.96 -11.88
C GLY A 204 -5.97 -16.74 -10.40
N THR A 205 -5.63 -15.52 -10.01
CA THR A 205 -5.54 -15.22 -8.60
C THR A 205 -6.93 -15.06 -8.01
N TYR A 206 -7.82 -14.41 -8.75
CA TYR A 206 -9.14 -14.08 -8.24
C TYR A 206 -10.03 -15.30 -8.12
N LEU A 207 -9.90 -16.28 -9.00
CA LEU A 207 -10.76 -17.44 -8.88
C LEU A 207 -10.33 -18.33 -7.72
N ASN A 208 -9.13 -18.17 -7.20
CA ASN A 208 -8.78 -18.85 -5.96
C ASN A 208 -9.49 -18.21 -4.79
N ILE A 209 -9.38 -16.89 -4.66
CA ILE A 209 -10.02 -16.20 -3.56
C ILE A 209 -11.53 -16.18 -3.73
N LEU A 210 -12.03 -16.34 -4.95
CA LEU A 210 -13.44 -16.62 -5.08
C LEU A 210 -13.75 -18.01 -4.57
N ALA A 211 -12.87 -18.96 -4.80
CA ALA A 211 -13.08 -20.33 -4.35
C ALA A 211 -12.81 -20.53 -2.87
N LEU A 212 -12.39 -19.50 -2.16
CA LEU A 212 -12.36 -19.53 -0.72
C LEU A 212 -13.41 -18.62 -0.11
N TRP A 213 -13.95 -17.71 -0.90
CA TRP A 213 -15.17 -17.00 -0.57
C TRP A 213 -16.36 -17.93 -0.49
N MET A 214 -16.52 -18.81 -1.49
CA MET A 214 -17.63 -19.75 -1.50
C MET A 214 -17.55 -20.70 -0.34
N LEU A 215 -16.34 -21.07 0.03
CA LEU A 215 -16.16 -21.96 1.16
C LEU A 215 -16.42 -21.24 2.47
N PHE A 216 -16.41 -19.92 2.48
CA PHE A 216 -16.89 -19.22 3.66
C PHE A 216 -18.40 -19.30 3.74
N LEU A 217 -19.11 -19.02 2.64
CA LEU A 217 -20.57 -19.10 2.64
C LEU A 217 -21.07 -20.52 2.69
N LEU A 218 -20.33 -21.49 2.15
CA LEU A 218 -20.80 -22.87 2.20
C LEU A 218 -20.69 -23.42 3.60
N PHE A 219 -19.65 -23.03 4.29
CA PHE A 219 -19.55 -23.48 5.66
C PHE A 219 -20.54 -22.75 6.53
N ALA A 220 -20.55 -21.42 6.49
CA ALA A 220 -21.40 -20.66 7.38
C ALA A 220 -22.87 -20.77 7.04
N SER A 221 -23.23 -21.32 5.89
CA SER A 221 -24.62 -21.63 5.70
C SER A 221 -24.95 -23.00 6.20
N TRP A 222 -23.94 -23.82 6.46
CA TRP A 222 -24.22 -25.13 7.02
C TRP A 222 -24.45 -25.05 8.51
N ILE A 223 -23.70 -24.24 9.25
CA ILE A 223 -24.01 -24.07 10.66
C ILE A 223 -25.32 -23.34 10.82
N ALA A 224 -25.56 -22.35 9.98
CA ALA A 224 -26.85 -21.68 9.96
C ALA A 224 -27.98 -22.59 9.50
N PHE A 225 -27.70 -23.62 8.71
CA PHE A 225 -28.69 -24.65 8.47
C PHE A 225 -28.91 -25.46 9.73
N VAL A 226 -27.81 -25.87 10.37
CA VAL A 226 -27.83 -26.83 11.45
C VAL A 226 -28.44 -26.24 12.70
N MET A 227 -28.02 -25.03 13.04
CA MET A 227 -28.30 -24.47 14.36
C MET A 227 -29.76 -24.12 14.52
N PHE A 228 -30.39 -23.63 13.46
CA PHE A 228 -31.69 -22.99 13.49
C PHE A 228 -32.82 -23.82 12.95
N GLU A 229 -32.57 -25.07 12.55
CA GLU A 229 -33.49 -25.76 11.65
C GLU A 229 -34.80 -26.12 12.33
N ASN A 230 -34.79 -26.43 13.61
CA ASN A 230 -36.07 -26.72 14.26
C ASN A 230 -36.84 -25.44 14.54
N THR A 231 -36.14 -24.39 14.94
CA THR A 231 -36.78 -23.27 15.61
C THR A 231 -37.37 -22.30 14.61
N GLN A 232 -37.68 -21.11 15.08
CA GLN A 232 -38.56 -20.21 14.36
C GLN A 232 -37.86 -19.47 13.23
N GLN A 233 -36.54 -19.34 13.27
CA GLN A 233 -35.84 -18.89 12.07
C GLN A 233 -35.93 -19.92 10.97
N GLY A 234 -35.39 -21.10 11.20
CA GLY A 234 -35.28 -22.13 10.21
C GLY A 234 -36.53 -22.92 9.90
N LEU A 235 -37.67 -22.34 10.16
CA LEU A 235 -38.93 -22.74 9.55
C LEU A 235 -39.50 -21.63 8.69
N THR A 236 -39.11 -20.39 8.94
CA THR A 236 -39.64 -19.24 8.24
C THR A 236 -38.80 -18.90 7.02
N VAL A 237 -37.55 -18.56 7.22
CA VAL A 237 -36.64 -18.18 6.15
C VAL A 237 -35.64 -19.28 5.86
N PHE A 238 -34.89 -19.72 6.87
CA PHE A 238 -33.86 -20.74 6.72
C PHE A 238 -34.46 -22.14 6.56
N THR A 239 -35.33 -22.32 5.55
CA THR A 239 -36.12 -23.54 5.45
C THR A 239 -35.27 -24.75 5.10
N SER A 240 -34.56 -24.68 3.99
CA SER A 240 -33.73 -25.75 3.50
C SER A 240 -32.36 -25.19 3.21
N TYR A 241 -31.41 -26.06 2.87
CA TYR A 241 -30.04 -25.59 2.70
C TYR A 241 -29.85 -24.80 1.43
N GLY A 242 -30.77 -24.89 0.48
CA GLY A 242 -30.70 -23.99 -0.65
C GLY A 242 -30.95 -22.56 -0.24
N ALA A 243 -32.09 -22.31 0.40
CA ALA A 243 -32.46 -21.02 0.95
C ALA A 243 -31.81 -20.71 2.27
N THR A 244 -30.70 -21.31 2.65
CA THR A 244 -29.80 -20.62 3.56
C THR A 244 -28.51 -20.22 2.93
N LEU A 245 -27.98 -20.97 1.98
CA LEU A 245 -26.86 -20.46 1.21
C LEU A 245 -27.26 -19.19 0.51
N TYR A 246 -28.48 -19.17 0.03
CA TYR A 246 -29.03 -18.05 -0.67
C TYR A 246 -29.20 -16.84 0.23
N GLN A 247 -29.80 -17.00 1.41
CA GLN A 247 -29.93 -15.92 2.37
C GLN A 247 -28.58 -15.48 2.91
N MET A 248 -27.73 -16.42 3.34
CA MET A 248 -26.42 -16.05 3.86
C MET A 248 -25.47 -15.54 2.79
N PHE A 249 -25.79 -15.73 1.53
CA PHE A 249 -25.11 -15.00 0.49
C PHE A 249 -25.47 -13.54 0.52
N ILE A 250 -26.75 -13.24 0.74
CA ILE A 250 -27.16 -11.84 0.72
C ILE A 250 -26.78 -11.18 2.05
N LEU A 251 -26.64 -11.93 3.15
CA LEU A 251 -26.08 -11.29 4.34
C LEU A 251 -24.61 -11.03 4.20
N PHE A 252 -23.89 -11.79 3.36
CA PHE A 252 -22.50 -11.48 3.10
C PHE A 252 -22.38 -10.07 2.56
N THR A 253 -23.29 -9.72 1.68
CA THR A 253 -23.39 -8.45 1.02
C THR A 253 -23.80 -7.33 1.95
N THR A 254 -24.32 -7.67 3.14
CA THR A 254 -24.93 -6.89 4.21
C THR A 254 -26.31 -6.38 3.89
N SER A 255 -26.78 -6.54 2.67
CA SER A 255 -27.95 -5.80 2.26
C SER A 255 -29.21 -6.41 2.74
N ASN A 256 -29.14 -7.53 3.41
CA ASN A 256 -30.34 -8.22 3.80
C ASN A 256 -30.57 -8.11 5.28
N ASN A 257 -30.03 -7.05 5.91
CA ASN A 257 -29.37 -7.32 7.17
C ASN A 257 -30.31 -7.69 8.31
N PRO A 258 -31.12 -6.87 9.01
CA PRO A 258 -31.90 -7.53 10.05
C PRO A 258 -33.04 -8.38 9.55
N ASP A 259 -33.51 -8.20 8.34
CA ASP A 259 -34.64 -8.96 7.84
C ASP A 259 -34.35 -10.45 7.63
N VAL A 260 -33.08 -10.85 7.54
CA VAL A 260 -32.80 -12.26 7.62
C VAL A 260 -33.08 -12.75 9.02
N TRP A 261 -32.57 -12.05 10.01
CA TRP A 261 -32.42 -12.69 11.30
C TRP A 261 -33.30 -12.14 12.39
N ILE A 262 -34.41 -11.51 12.02
CA ILE A 262 -35.38 -11.11 13.01
C ILE A 262 -36.06 -12.29 13.70
N PRO A 263 -36.63 -13.28 13.00
CA PRO A 263 -37.32 -14.32 13.76
C PRO A 263 -36.42 -15.32 14.45
N ALA A 264 -35.10 -15.30 14.24
CA ALA A 264 -34.20 -15.87 15.23
C ALA A 264 -33.99 -14.96 16.41
N TYR A 265 -34.02 -13.65 16.21
CA TYR A 265 -33.79 -12.69 17.28
C TYR A 265 -35.02 -12.54 18.15
N LYS A 266 -36.17 -12.66 17.57
CA LYS A 266 -37.38 -12.51 18.34
C LYS A 266 -37.62 -13.71 19.24
N SER A 267 -37.02 -14.85 18.94
CA SER A 267 -37.25 -16.07 19.72
C SER A 267 -36.13 -16.38 20.69
N SER A 268 -34.88 -16.13 20.35
CA SER A 268 -33.86 -16.02 21.36
C SER A 268 -32.90 -14.91 21.02
N ARG A 269 -32.58 -14.09 22.01
CA ARG A 269 -31.77 -12.93 21.74
C ARG A 269 -30.33 -13.30 21.48
N TRP A 270 -29.97 -14.50 21.83
CA TRP A 270 -28.61 -15.01 21.71
C TRP A 270 -28.21 -15.35 20.30
N SER A 271 -29.16 -15.50 19.38
CA SER A 271 -28.84 -15.88 18.02
C SER A 271 -28.44 -14.71 17.16
N SER A 272 -28.52 -13.49 17.68
CA SER A 272 -27.78 -12.41 17.06
C SER A 272 -26.30 -12.64 17.13
N VAL A 273 -25.79 -13.29 18.18
CA VAL A 273 -24.35 -13.49 18.35
C VAL A 273 -23.78 -14.38 17.25
N PHE A 274 -24.57 -15.31 16.73
CA PHE A 274 -24.16 -15.96 15.50
C PHE A 274 -24.13 -14.97 14.35
N PHE A 275 -25.18 -14.14 14.24
CA PHE A 275 -25.38 -13.27 13.08
C PHE A 275 -24.72 -11.93 13.20
N VAL A 276 -24.45 -11.43 14.41
CA VAL A 276 -23.62 -10.24 14.55
C VAL A 276 -22.14 -10.57 14.53
N LEU A 277 -21.79 -11.84 14.58
CA LEU A 277 -20.41 -12.23 14.35
C LEU A 277 -20.18 -12.72 12.94
N TYR A 278 -21.17 -13.29 12.28
CA TYR A 278 -20.99 -13.71 10.90
C TYR A 278 -20.79 -12.52 9.98
N VAL A 279 -21.58 -11.46 10.15
CA VAL A 279 -21.45 -10.30 9.27
C VAL A 279 -20.34 -9.40 9.76
N LEU A 280 -19.85 -9.63 10.96
CA LEU A 280 -18.62 -8.98 11.35
C LEU A 280 -17.44 -9.59 10.61
N ILE A 281 -17.38 -10.93 10.58
CA ILE A 281 -16.29 -11.62 9.86
C ILE A 281 -16.46 -11.45 8.36
N GLY A 282 -17.68 -11.59 7.86
CA GLY A 282 -17.93 -11.60 6.43
C GLY A 282 -17.64 -10.31 5.72
N VAL A 283 -17.68 -9.19 6.43
CA VAL A 283 -17.47 -7.89 5.82
C VAL A 283 -16.13 -7.28 6.18
N TYR A 284 -15.60 -7.54 7.37
CA TYR A 284 -14.42 -6.80 7.78
C TYR A 284 -13.14 -7.61 7.68
N PHE A 285 -13.21 -8.93 7.66
CA PHE A 285 -12.02 -9.72 7.37
C PHE A 285 -12.02 -10.15 5.91
N VAL A 286 -13.07 -10.86 5.50
CA VAL A 286 -13.06 -11.55 4.23
C VAL A 286 -13.17 -10.58 3.08
N THR A 287 -14.06 -9.60 3.18
CA THR A 287 -14.25 -8.65 2.08
C THR A 287 -13.02 -7.78 1.91
N ASN A 288 -12.35 -7.46 3.00
CA ASN A 288 -11.09 -6.75 2.91
C ASN A 288 -9.97 -7.65 2.43
N LEU A 289 -10.01 -8.93 2.79
CA LEU A 289 -9.04 -9.87 2.27
C LEU A 289 -9.50 -10.53 0.99
N ILE A 290 -10.57 -10.05 0.36
CA ILE A 290 -10.69 -10.13 -1.09
C ILE A 290 -10.14 -8.85 -1.68
N LEU A 291 -10.32 -7.73 -0.99
CA LEU A 291 -9.78 -6.47 -1.50
C LEU A 291 -8.26 -6.47 -1.44
N ALA A 292 -7.70 -7.07 -0.40
CA ALA A 292 -6.26 -7.12 -0.29
C ALA A 292 -5.62 -8.02 -1.31
N VAL A 293 -6.28 -9.10 -1.70
CA VAL A 293 -5.75 -9.95 -2.76
C VAL A 293 -5.84 -9.25 -4.09
N VAL A 294 -7.00 -8.69 -4.39
CA VAL A 294 -7.23 -8.07 -5.68
C VAL A 294 -6.48 -6.75 -5.81
N TYR A 295 -6.08 -6.14 -4.72
CA TYR A 295 -5.08 -5.07 -4.76
C TYR A 295 -3.66 -5.60 -4.76
N ASP A 296 -3.43 -6.83 -4.33
CA ASP A 296 -2.09 -7.39 -4.46
C ASP A 296 -1.82 -7.83 -5.90
N SER A 297 -2.80 -8.47 -6.54
CA SER A 297 -2.66 -8.81 -7.95
C SER A 297 -2.98 -7.67 -8.87
N PHE A 298 -3.30 -6.50 -8.36
CA PHE A 298 -3.26 -5.34 -9.23
C PHE A 298 -1.90 -4.71 -9.26
N LYS A 299 -1.18 -4.73 -8.14
CA LYS A 299 0.17 -4.20 -8.10
C LYS A 299 1.10 -4.99 -9.01
N GLU A 300 0.93 -6.30 -9.05
CA GLU A 300 1.84 -7.11 -9.84
C GLU A 300 1.51 -7.02 -11.32
N GLN A 301 0.23 -7.06 -11.69
CA GLN A 301 -0.11 -7.02 -13.10
C GLN A 301 0.06 -5.66 -13.72
N LEU A 302 0.02 -4.59 -12.92
CA LEU A 302 0.17 -3.25 -13.48
C LEU A 302 1.62 -2.98 -13.81
N ALA A 303 2.52 -3.29 -12.88
CA ALA A 303 3.95 -3.13 -13.14
C ALA A 303 4.44 -4.14 -14.17
N LYS A 304 3.77 -5.27 -14.29
CA LYS A 304 4.03 -6.17 -15.41
C LYS A 304 3.60 -5.55 -16.72
N GLN A 305 2.65 -4.63 -16.68
CA GLN A 305 2.28 -3.94 -17.91
C GLN A 305 3.15 -2.73 -18.16
N VAL A 306 3.59 -2.04 -17.11
CA VAL A 306 4.50 -0.90 -17.28
C VAL A 306 5.84 -1.37 -17.82
N SER A 307 6.34 -2.50 -17.33
CA SER A 307 7.53 -3.10 -17.92
C SER A 307 7.28 -3.72 -19.28
N GLY A 308 6.03 -3.88 -19.69
CA GLY A 308 5.74 -4.22 -21.08
C GLY A 308 5.48 -2.95 -21.85
N MET A 309 5.27 -1.86 -21.13
CA MET A 309 5.09 -0.57 -21.76
C MET A 309 6.41 0.16 -21.92
N ASP A 310 7.39 -0.11 -21.06
CA ASP A 310 8.70 0.51 -21.21
C ASP A 310 9.37 0.07 -22.50
N GLN A 311 9.32 -1.23 -22.79
CA GLN A 311 9.96 -1.72 -24.00
C GLN A 311 9.22 -1.28 -25.26
N MET A 312 7.99 -0.80 -25.14
CA MET A 312 7.34 -0.23 -26.31
C MET A 312 7.95 1.10 -26.69
N LYS A 313 8.65 1.76 -25.75
CA LYS A 313 9.41 2.98 -26.02
C LYS A 313 10.91 2.79 -25.86
N ARG A 314 11.34 1.69 -25.28
CA ARG A 314 12.75 1.34 -25.20
C ARG A 314 13.25 0.74 -26.51
N ARG A 315 12.42 -0.05 -27.18
CA ARG A 315 12.65 -0.43 -28.57
C ARG A 315 12.77 0.78 -29.49
N MET A 316 12.09 1.87 -29.16
CA MET A 316 12.27 3.09 -29.91
C MET A 316 13.67 3.66 -29.68
N LEU A 317 14.16 3.58 -28.46
CA LEU A 317 15.48 4.09 -28.12
C LEU A 317 16.59 3.06 -28.35
N GLU A 318 16.32 2.00 -29.11
CA GLU A 318 17.35 1.29 -29.85
C GLU A 318 17.20 1.49 -31.35
N LYS A 319 16.03 1.95 -31.79
CA LYS A 319 15.83 2.47 -33.12
C LYS A 319 16.20 3.94 -33.20
N ALA A 320 16.18 4.65 -32.07
CA ALA A 320 16.77 5.99 -32.05
C ALA A 320 18.29 5.95 -32.14
N PHE A 321 18.91 5.10 -31.34
CA PHE A 321 20.36 4.95 -31.30
C PHE A 321 20.88 4.43 -32.62
N GLY A 322 20.10 3.57 -33.27
CA GLY A 322 20.55 2.79 -34.39
C GLY A 322 20.28 3.44 -35.72
N LEU A 323 20.16 4.75 -35.68
CA LEU A 323 20.22 5.55 -36.88
C LEU A 323 21.30 6.62 -36.80
N ILE A 324 21.72 6.96 -35.59
CA ILE A 324 22.77 7.94 -35.35
C ILE A 324 24.10 7.44 -35.88
N ASP A 325 24.50 6.23 -35.50
CA ASP A 325 25.81 5.72 -35.88
C ASP A 325 25.81 5.29 -37.33
N SER A 326 26.94 5.47 -38.01
CA SER A 326 27.00 5.11 -39.42
C SER A 326 27.25 3.62 -39.60
N ASP A 327 28.34 3.11 -39.03
CA ASP A 327 28.76 1.73 -39.29
C ASP A 327 28.12 0.70 -38.36
N LYS A 328 27.23 1.13 -37.45
CA LYS A 328 26.63 0.29 -36.40
C LYS A 328 27.69 -0.41 -35.56
N ASN A 329 28.48 0.39 -34.83
CA ASN A 329 29.40 -0.22 -33.87
C ASN A 329 28.92 -0.06 -32.44
N GLY A 330 28.11 0.96 -32.16
CA GLY A 330 27.52 1.12 -30.85
C GLY A 330 27.90 2.38 -30.12
N GLU A 331 28.14 3.49 -30.84
CA GLU A 331 28.72 4.68 -30.24
C GLU A 331 28.00 5.95 -30.68
N ILE A 332 28.11 7.01 -29.86
CA ILE A 332 27.84 8.37 -30.28
C ILE A 332 29.01 9.25 -29.83
N ASP A 333 29.44 10.19 -30.68
CA ASP A 333 30.44 11.16 -30.26
C ASP A 333 29.77 12.34 -29.55
N LYS A 334 30.60 13.19 -28.93
CA LYS A 334 30.06 14.29 -28.13
C LYS A 334 29.43 15.36 -29.02
N ASN A 335 30.13 15.78 -30.07
CA ASN A 335 29.54 16.67 -31.06
C ASN A 335 28.41 15.98 -31.80
N GLN A 336 28.50 14.66 -31.95
CA GLN A 336 27.42 13.87 -32.48
C GLN A 336 26.24 13.85 -31.52
N CYS A 337 26.46 14.02 -30.21
CA CYS A 337 25.32 14.25 -29.35
C CYS A 337 24.75 15.64 -29.56
N ILE A 338 25.64 16.65 -29.60
CA ILE A 338 25.24 18.04 -29.61
C ILE A 338 24.52 18.42 -30.90
N LYS A 339 24.84 17.73 -32.01
CA LYS A 339 24.18 18.00 -33.29
C LYS A 339 22.70 17.65 -33.28
N LEU A 340 22.23 16.91 -32.28
CA LEU A 340 20.86 16.40 -32.24
C LEU A 340 19.98 17.15 -31.25
N PHE A 341 20.57 17.85 -30.28
CA PHE A 341 19.77 18.71 -29.42
C PHE A 341 19.22 19.89 -30.19
N GLU A 342 19.91 20.31 -31.26
CA GLU A 342 19.34 21.29 -32.18
C GLU A 342 18.20 20.69 -32.97
N GLN A 343 18.24 19.38 -33.22
CA GLN A 343 17.12 18.72 -33.85
C GLN A 343 15.93 18.58 -32.92
N LEU A 344 16.15 18.67 -31.61
CA LEU A 344 15.05 18.64 -30.65
C LEU A 344 14.15 19.86 -30.78
N THR A 345 14.73 21.00 -31.19
CA THR A 345 14.07 22.32 -31.23
C THR A 345 13.45 22.67 -29.88
N ASN A 346 14.20 22.41 -28.81
CA ASN A 346 13.73 22.64 -27.45
C ASN A 346 14.57 23.64 -26.69
N TYR A 347 15.88 23.45 -26.62
CA TYR A 347 16.77 24.28 -25.83
C TYR A 347 17.56 25.19 -26.75
N ARG A 348 18.00 26.34 -26.20
CA ARG A 348 18.55 27.41 -27.02
C ARG A 348 19.97 27.12 -27.49
N THR A 349 20.91 27.02 -26.56
CA THR A 349 22.32 26.98 -26.92
C THR A 349 22.85 25.54 -26.89
N LEU A 350 23.89 25.32 -27.70
CA LEU A 350 24.48 24.00 -27.88
C LEU A 350 25.51 23.53 -26.83
N PRO A 351 26.57 24.28 -26.48
CA PRO A 351 27.62 23.67 -25.64
C PRO A 351 27.26 23.57 -24.17
N LYS A 352 26.19 24.22 -23.72
CA LYS A 352 25.82 24.23 -22.31
C LYS A 352 24.94 23.04 -21.93
N ILE A 353 24.78 22.07 -22.81
CA ILE A 353 23.92 20.92 -22.53
C ILE A 353 24.77 19.74 -22.10
N SER A 354 25.63 19.25 -23.00
CA SER A 354 26.39 18.04 -22.71
C SER A 354 27.47 18.29 -21.65
N LYS A 355 27.91 19.53 -21.50
CA LYS A 355 28.78 19.87 -20.38
C LYS A 355 28.03 19.80 -19.06
N GLU A 356 26.71 19.98 -19.09
CA GLU A 356 25.87 19.85 -17.91
C GLU A 356 25.22 18.47 -17.81
N GLU A 357 24.76 17.91 -18.94
CA GLU A 357 24.01 16.67 -18.90
C GLU A 357 24.88 15.45 -18.68
N PHE A 358 26.16 15.48 -19.05
CA PHE A 358 27.02 14.34 -18.77
C PHE A 358 27.29 14.20 -17.29
N GLY A 359 27.35 15.32 -16.57
CA GLY A 359 27.36 15.26 -15.12
C GLY A 359 26.02 14.80 -14.56
N LEU A 360 24.93 15.08 -15.28
CA LEU A 360 23.63 14.58 -14.87
C LEU A 360 23.47 13.09 -15.15
N ILE A 361 24.29 12.53 -16.05
CA ILE A 361 24.38 11.09 -16.18
C ILE A 361 25.06 10.53 -14.93
N PHE A 362 24.36 9.65 -14.22
CA PHE A 362 24.90 9.09 -12.98
C PHE A 362 26.07 8.15 -13.25
N ASP A 363 25.99 7.38 -14.34
CA ASP A 363 27.02 6.42 -14.70
C ASP A 363 27.50 6.73 -16.11
N GLU A 364 28.36 7.72 -16.23
CA GLU A 364 28.99 8.06 -17.49
C GLU A 364 30.26 7.22 -17.62
N LEU A 365 30.55 6.77 -18.84
CA LEU A 365 31.76 6.00 -19.10
C LEU A 365 33.01 6.83 -18.87
N ASP A 366 33.04 8.04 -19.47
CA ASP A 366 34.23 8.91 -19.55
C ASP A 366 35.41 8.15 -20.16
N ASP A 367 35.12 7.35 -21.19
CA ASP A 367 36.18 6.62 -21.88
C ASP A 367 37.06 7.57 -22.68
N THR A 368 36.44 8.41 -23.49
CA THR A 368 37.10 9.57 -24.06
C THR A 368 36.83 10.76 -23.14
N ARG A 369 37.55 11.87 -23.41
CA ARG A 369 37.28 13.09 -22.66
C ARG A 369 36.00 13.78 -23.12
N ASP A 370 35.41 13.32 -24.22
CA ASP A 370 34.26 13.97 -24.83
C ASP A 370 33.04 13.07 -24.90
N PHE A 371 33.16 11.87 -25.46
CA PHE A 371 32.00 11.03 -25.75
C PHE A 371 31.76 10.00 -24.65
N LYS A 372 30.54 9.49 -24.61
CA LYS A 372 30.17 8.37 -23.75
C LYS A 372 29.45 7.35 -24.63
N ILE A 373 30.12 6.22 -24.87
CA ILE A 373 29.74 5.35 -25.98
C ILE A 373 29.14 4.02 -25.48
N ASN A 374 27.85 4.07 -25.16
CA ASN A 374 27.04 2.90 -24.91
C ASN A 374 25.61 3.23 -25.29
N LYS A 375 24.81 2.18 -25.45
CA LYS A 375 23.42 2.35 -25.85
C LYS A 375 22.51 2.51 -24.66
N ASP A 376 22.86 1.97 -23.50
CA ASP A 376 22.04 2.23 -22.33
C ASP A 376 22.38 3.56 -21.67
N GLU A 377 23.47 4.21 -22.10
CA GLU A 377 23.69 5.60 -21.73
C GLU A 377 22.61 6.47 -22.35
N PHE A 378 22.40 6.32 -23.65
CA PHE A 378 21.42 7.10 -24.38
C PHE A 378 19.98 6.73 -24.01
N ALA A 379 19.77 5.53 -23.48
CA ALA A 379 18.41 5.05 -23.23
C ALA A 379 17.74 5.78 -22.10
N ASP A 380 18.51 6.34 -21.17
CA ASP A 380 17.97 7.15 -20.09
C ASP A 380 18.23 8.64 -20.30
N LEU A 381 19.14 8.98 -21.22
CA LEU A 381 19.42 10.38 -21.52
C LEU A 381 18.24 11.04 -22.20
N CYS A 382 17.71 10.39 -23.23
CA CYS A 382 16.60 10.94 -23.99
C CYS A 382 15.28 10.79 -23.24
N GLN A 383 15.26 10.12 -22.09
CA GLN A 383 14.11 10.16 -21.20
C GLN A 383 14.24 11.17 -20.07
N ALA A 384 15.46 11.54 -19.66
CA ALA A 384 15.59 12.54 -18.60
C ALA A 384 15.30 13.94 -19.10
N ILE A 385 15.51 14.20 -20.39
CA ILE A 385 15.29 15.51 -20.98
C ILE A 385 13.80 15.84 -20.99
N ALA A 386 12.96 14.84 -21.22
CA ALA A 386 11.52 15.07 -21.35
C ALA A 386 10.86 15.42 -20.03
N LEU A 387 11.55 15.26 -18.91
CA LEU A 387 11.01 15.63 -17.61
C LEU A 387 11.51 16.98 -17.11
N ARG A 388 12.80 17.29 -17.31
CA ARG A 388 13.35 18.51 -16.74
C ARG A 388 12.96 19.74 -17.56
N PHE A 389 13.26 19.73 -18.85
CA PHE A 389 13.04 20.91 -19.67
C PHE A 389 11.57 21.10 -19.97
N GLN A 390 10.99 20.15 -20.70
CA GLN A 390 9.62 20.20 -21.24
C GLN A 390 9.40 21.53 -21.98
N LYS A 391 10.13 21.68 -23.08
CA LYS A 391 10.12 22.92 -23.84
C LYS A 391 10.01 22.65 -25.33
N GLU A 392 9.13 21.71 -25.71
CA GLU A 392 8.99 21.36 -27.12
C GLU A 392 8.18 22.41 -27.86
N GLU A 393 6.93 22.62 -27.45
CA GLU A 393 6.04 23.72 -27.87
C GLU A 393 5.80 23.69 -29.39
N VAL A 394 5.09 22.65 -29.82
CA VAL A 394 4.76 22.43 -31.22
C VAL A 394 3.84 23.54 -31.71
N PRO A 395 4.24 24.30 -32.73
CA PRO A 395 3.39 25.42 -33.19
C PRO A 395 2.13 24.98 -33.92
N SER A 396 2.20 23.86 -34.64
CA SER A 396 1.08 23.25 -35.37
C SER A 396 0.38 24.19 -36.35
N VAL A 538 -4.07 26.03 -2.86
CA VAL A 538 -4.61 25.38 -1.68
C VAL A 538 -3.62 24.35 -1.18
N GLN A 539 -3.36 24.32 0.11
CA GLN A 539 -2.40 23.39 0.71
C GLN A 539 -3.06 22.35 1.59
N ARG A 540 -4.08 22.72 2.35
CA ARG A 540 -4.73 21.78 3.25
C ARG A 540 -5.55 20.74 2.48
N TYR A 541 -6.14 21.13 1.36
CA TYR A 541 -6.96 20.23 0.57
C TYR A 541 -6.29 19.84 -0.73
N ARG A 542 -4.96 19.83 -0.77
CA ARG A 542 -4.29 19.66 -2.04
C ARG A 542 -4.18 18.20 -2.44
N ALA A 543 -3.71 17.35 -1.53
CA ALA A 543 -3.39 15.97 -1.85
C ALA A 543 -4.61 15.13 -2.22
N PHE A 544 -5.80 15.62 -1.86
CA PHE A 544 -7.04 15.01 -2.31
C PHE A 544 -7.32 15.35 -3.76
N ILE A 545 -7.41 16.64 -4.06
CA ILE A 545 -7.77 17.08 -5.40
C ILE A 545 -6.59 17.06 -6.36
N ALA A 546 -5.37 16.85 -5.84
CA ALA A 546 -4.30 16.40 -6.71
C ALA A 546 -4.62 15.02 -7.28
N THR A 547 -5.20 14.15 -6.46
CA THR A 547 -5.58 12.83 -6.92
C THR A 547 -6.91 12.88 -7.63
N PHE A 548 -7.87 13.65 -7.12
CA PHE A 548 -9.22 13.65 -7.67
C PHE A 548 -9.27 14.22 -9.08
N ILE A 549 -8.31 15.08 -9.44
CA ILE A 549 -8.21 15.57 -10.82
C ILE A 549 -7.38 14.61 -11.66
N THR A 550 -6.40 13.95 -11.03
CA THR A 550 -5.60 12.95 -11.71
C THR A 550 -6.45 11.78 -12.18
N LEU A 551 -7.41 11.40 -11.36
CA LEU A 551 -8.16 10.18 -11.52
C LEU A 551 -9.25 10.21 -12.56
N ILE A 552 -9.65 11.36 -13.06
CA ILE A 552 -10.80 11.36 -13.96
C ILE A 552 -10.44 10.76 -15.31
N PRO A 553 -9.26 10.99 -15.91
CA PRO A 553 -8.90 10.12 -17.04
C PRO A 553 -8.11 8.88 -16.66
N SER A 554 -7.78 8.68 -15.40
CA SER A 554 -7.06 7.46 -15.02
C SER A 554 -7.98 6.33 -14.62
N LEU A 555 -9.28 6.58 -14.53
CA LEU A 555 -10.23 5.50 -14.36
C LEU A 555 -11.10 5.28 -15.57
N MET A 556 -11.09 6.17 -16.54
CA MET A 556 -11.78 5.90 -17.80
C MET A 556 -11.37 4.66 -18.59
N PRO A 557 -10.22 4.02 -18.36
CA PRO A 557 -10.10 2.64 -18.82
C PRO A 557 -10.47 1.59 -17.81
N TYR A 558 -10.72 1.95 -16.56
CA TYR A 558 -11.11 0.96 -15.57
C TYR A 558 -12.56 1.14 -15.22
N LEU A 559 -13.18 2.20 -15.71
CA LEU A 559 -14.61 2.40 -15.69
C LEU A 559 -15.19 2.41 -17.09
N GLY A 560 -14.44 1.93 -18.06
CA GLY A 560 -15.00 1.71 -19.38
C GLY A 560 -15.03 0.23 -19.62
N THR A 561 -14.27 -0.52 -18.83
CA THR A 561 -14.43 -1.96 -18.85
C THR A 561 -15.72 -2.36 -18.19
N ILE A 562 -16.04 -1.70 -17.08
CA ILE A 562 -17.25 -2.03 -16.35
C ILE A 562 -18.47 -1.60 -17.13
N PHE A 563 -18.42 -0.46 -17.81
CA PHE A 563 -19.52 -0.08 -18.69
C PHE A 563 -19.68 -1.05 -19.85
N CYS A 564 -18.62 -1.78 -20.20
CA CYS A 564 -18.67 -2.85 -21.18
C CYS A 564 -18.76 -4.22 -20.53
N VAL A 565 -18.92 -4.27 -19.22
CA VAL A 565 -19.50 -5.42 -18.56
C VAL A 565 -20.99 -5.21 -18.33
N LEU A 566 -21.43 -3.97 -18.10
CA LEU A 566 -22.85 -3.72 -17.94
C LEU A 566 -23.56 -3.63 -19.27
N CYS A 567 -22.83 -3.63 -20.36
CA CYS A 567 -23.40 -3.69 -21.68
C CYS A 567 -23.36 -5.08 -22.25
N ILE A 568 -22.78 -6.02 -21.53
CA ILE A 568 -22.96 -7.41 -21.79
C ILE A 568 -24.14 -7.94 -21.01
N TYR A 569 -24.21 -7.60 -19.72
CA TYR A 569 -25.28 -8.06 -18.87
C TYR A 569 -26.60 -7.44 -19.19
N CYS A 570 -26.60 -6.23 -19.72
CA CYS A 570 -27.85 -5.68 -20.20
C CYS A 570 -28.40 -6.50 -21.33
N SER A 571 -27.55 -6.83 -22.31
CA SER A 571 -28.01 -7.55 -23.49
C SER A 571 -28.39 -8.97 -23.16
N ILE A 572 -27.71 -9.56 -22.20
CA ILE A 572 -28.18 -10.81 -21.62
C ILE A 572 -29.50 -10.59 -20.92
N GLY A 573 -29.53 -9.63 -20.00
CA GLY A 573 -30.70 -9.34 -19.21
C GLY A 573 -31.88 -8.84 -19.99
N VAL A 574 -31.68 -8.19 -21.13
CA VAL A 574 -32.79 -7.86 -22.01
C VAL A 574 -33.35 -9.13 -22.62
N GLN A 575 -32.54 -10.17 -22.77
CA GLN A 575 -33.00 -11.36 -23.47
C GLN A 575 -33.44 -12.47 -22.54
N VAL A 576 -32.74 -12.67 -21.44
CA VAL A 576 -33.14 -13.68 -20.48
C VAL A 576 -34.38 -13.22 -19.70
N PHE A 577 -34.41 -11.95 -19.28
CA PHE A 577 -35.46 -11.40 -18.45
C PHE A 577 -36.28 -10.37 -19.19
N GLY A 578 -36.74 -10.63 -20.41
CA GLY A 578 -37.27 -9.60 -21.29
C GLY A 578 -38.63 -9.06 -20.92
N GLY A 579 -39.57 -8.91 -21.84
CA GLY A 579 -40.77 -8.16 -21.49
C GLY A 579 -41.74 -8.78 -20.50
N LEU A 580 -41.27 -9.06 -19.27
CA LEU A 580 -41.87 -9.83 -18.19
C LEU A 580 -42.55 -9.02 -17.09
N VAL A 581 -41.95 -7.92 -16.65
CA VAL A 581 -42.61 -7.01 -15.72
C VAL A 581 -43.65 -6.26 -16.52
N ASN A 582 -44.85 -6.80 -16.64
CA ASN A 582 -45.89 -6.09 -17.36
C ASN A 582 -46.92 -5.58 -16.38
N ALA A 583 -47.68 -4.59 -16.83
CA ALA A 583 -48.88 -4.26 -16.10
C ALA A 583 -50.02 -5.23 -16.39
N GLY A 584 -49.83 -6.19 -17.29
CA GLY A 584 -50.70 -7.34 -17.32
C GLY A 584 -50.31 -8.48 -16.40
N ASN A 585 -49.14 -8.42 -15.78
CA ASN A 585 -48.67 -9.58 -15.04
C ASN A 585 -49.31 -9.62 -13.65
N LYS A 586 -49.39 -10.83 -13.10
CA LYS A 586 -50.02 -11.09 -11.82
C LYS A 586 -49.05 -11.56 -10.75
N LYS A 587 -48.06 -12.37 -11.10
CA LYS A 587 -47.05 -12.74 -10.13
C LYS A 587 -46.03 -11.64 -9.91
N LEU A 588 -46.07 -10.58 -10.72
CA LEU A 588 -45.27 -9.38 -10.46
C LEU A 588 -45.74 -8.65 -9.22
N PHE A 589 -47.05 -8.39 -9.13
CA PHE A 589 -47.61 -7.44 -8.18
C PHE A 589 -47.50 -7.87 -6.73
N GLU A 590 -46.85 -8.98 -6.41
CA GLU A 590 -46.61 -9.36 -5.04
C GLU A 590 -45.14 -9.43 -4.72
N THR A 591 -44.27 -9.23 -5.69
CA THR A 591 -42.84 -9.29 -5.47
C THR A 591 -42.38 -8.04 -4.74
N GLU A 592 -41.09 -7.92 -4.53
CA GLU A 592 -40.64 -6.71 -3.86
C GLU A 592 -40.53 -5.55 -4.81
N LEU A 593 -40.47 -5.79 -6.12
CA LEU A 593 -40.52 -4.71 -7.09
C LEU A 593 -41.84 -3.97 -7.00
N ALA A 594 -42.91 -4.64 -6.72
CA ALA A 594 -44.17 -3.94 -6.75
C ALA A 594 -44.43 -3.17 -5.46
N GLU A 595 -44.00 -3.68 -4.32
CA GLU A 595 -44.30 -3.02 -3.05
C GLU A 595 -43.33 -1.88 -2.78
N ASP A 596 -42.04 -2.07 -3.06
CA ASP A 596 -41.10 -0.96 -3.06
C ASP A 596 -41.34 0.00 -4.22
N ASP A 597 -42.16 -0.39 -5.19
CA ASP A 597 -42.38 0.30 -6.45
C ASP A 597 -41.05 0.56 -7.14
N TYR A 598 -40.47 -0.52 -7.61
CA TYR A 598 -39.40 -0.29 -8.55
C TYR A 598 -39.96 -0.31 -9.95
N LEU A 599 -40.52 -1.44 -10.41
CA LEU A 599 -41.53 -1.56 -11.48
C LEU A 599 -41.28 -0.71 -12.69
N LEU A 600 -40.03 -0.52 -12.94
CA LEU A 600 -39.27 0.31 -13.87
C LEU A 600 -37.98 -0.13 -13.24
N PHE A 601 -36.79 0.26 -13.72
CA PHE A 601 -35.55 -0.40 -13.32
C PHE A 601 -35.71 -1.91 -13.58
N ASN A 602 -35.81 -2.21 -14.84
CA ASN A 602 -36.82 -3.13 -15.32
C ASN A 602 -36.26 -4.36 -15.95
N PHE A 603 -35.44 -4.18 -17.01
CA PHE A 603 -34.87 -5.09 -18.02
C PHE A 603 -35.72 -5.25 -19.25
N ASN A 604 -36.62 -4.33 -19.58
CA ASN A 604 -37.30 -4.48 -20.85
C ASN A 604 -36.58 -3.79 -21.98
N ASP A 605 -36.26 -2.51 -21.89
CA ASP A 605 -35.39 -1.93 -22.89
C ASP A 605 -33.94 -2.08 -22.54
N TYR A 606 -33.13 -1.60 -23.42
CA TYR A 606 -31.71 -1.60 -23.18
C TYR A 606 -31.31 -0.46 -22.25
N PRO A 607 -31.93 0.71 -22.26
CA PRO A 607 -31.63 1.63 -21.17
C PRO A 607 -32.62 1.62 -20.03
N ASN A 608 -33.66 0.77 -20.02
CA ASN A 608 -34.26 0.38 -18.74
C ASN A 608 -33.32 -0.46 -17.93
N GLY A 609 -32.66 -1.38 -18.59
CA GLY A 609 -31.85 -2.31 -17.86
C GLY A 609 -30.41 -1.95 -17.75
N MET A 610 -29.99 -0.87 -18.39
CA MET A 610 -28.66 -0.32 -18.22
C MET A 610 -28.54 0.41 -16.90
N VAL A 611 -29.63 1.02 -16.49
CA VAL A 611 -29.74 1.72 -15.22
C VAL A 611 -29.97 0.74 -14.08
N THR A 612 -30.71 -0.34 -14.34
CA THR A 612 -30.99 -1.34 -13.34
C THR A 612 -29.72 -1.97 -12.85
N LEU A 613 -28.80 -2.22 -13.77
CA LEU A 613 -27.52 -2.75 -13.40
C LEU A 613 -26.67 -1.72 -12.68
N PHE A 614 -26.93 -0.44 -12.87
CA PHE A 614 -26.28 0.52 -12.00
C PHE A 614 -26.73 0.38 -10.56
N ASN A 615 -28.03 0.21 -10.32
CA ASN A 615 -28.50 0.09 -8.95
C ASN A 615 -27.99 -1.19 -8.31
N LEU A 616 -27.85 -2.23 -9.10
CA LEU A 616 -27.28 -3.47 -8.62
C LEU A 616 -25.81 -3.35 -8.37
N LEU A 617 -25.16 -2.35 -8.95
CA LEU A 617 -23.72 -2.17 -8.89
C LEU A 617 -23.34 -1.40 -7.65
N VAL A 618 -24.17 -0.41 -7.32
CA VAL A 618 -24.10 0.35 -6.09
C VAL A 618 -24.46 -0.50 -4.88
N MET A 619 -25.24 -1.58 -5.11
CA MET A 619 -25.82 -2.50 -4.13
C MET A 619 -26.85 -1.81 -3.24
N GLY A 620 -27.58 -0.88 -3.79
CA GLY A 620 -28.63 -0.29 -3.02
C GLY A 620 -29.87 -1.09 -3.30
N ASN A 621 -30.32 -1.88 -2.31
CA ASN A 621 -31.49 -2.75 -2.39
C ASN A 621 -31.37 -3.73 -3.54
N TRP A 622 -30.19 -4.34 -3.68
CA TRP A 622 -29.88 -5.06 -4.89
C TRP A 622 -30.65 -6.35 -4.97
N GLN A 623 -31.13 -6.87 -3.85
CA GLN A 623 -31.86 -8.12 -3.86
C GLN A 623 -33.33 -7.96 -4.16
N VAL A 624 -33.86 -6.75 -4.26
CA VAL A 624 -35.23 -6.57 -4.69
C VAL A 624 -35.40 -7.02 -6.12
N TRP A 625 -34.43 -6.69 -6.97
CA TRP A 625 -34.49 -7.15 -8.35
C TRP A 625 -34.24 -8.62 -8.43
N MET A 626 -33.35 -9.14 -7.59
CA MET A 626 -33.01 -10.55 -7.65
C MET A 626 -34.19 -11.41 -7.21
N GLU A 627 -34.70 -11.17 -6.01
CA GLU A 627 -35.82 -11.90 -5.45
C GLU A 627 -37.10 -11.71 -6.20
N SER A 628 -37.20 -10.69 -7.04
CA SER A 628 -38.37 -10.49 -7.87
C SER A 628 -38.23 -11.06 -9.23
N TYR A 629 -37.03 -11.16 -9.75
CA TYR A 629 -36.90 -11.85 -11.00
C TYR A 629 -36.79 -13.33 -10.84
N LYS A 630 -36.49 -13.82 -9.66
CA LYS A 630 -36.55 -15.25 -9.47
C LYS A 630 -37.99 -15.71 -9.39
N ASP A 631 -38.92 -14.82 -9.08
CA ASP A 631 -40.33 -15.17 -9.02
C ASP A 631 -41.06 -14.90 -10.31
N LEU A 632 -40.56 -14.03 -11.16
CA LEU A 632 -41.18 -13.78 -12.46
C LEU A 632 -40.79 -14.80 -13.51
N THR A 633 -39.58 -15.32 -13.43
CA THR A 633 -39.15 -16.38 -14.32
C THR A 633 -39.41 -17.74 -13.73
N GLY A 634 -39.70 -17.81 -12.45
CA GLY A 634 -40.16 -19.03 -11.84
C GLY A 634 -39.06 -19.91 -11.30
N THR A 635 -37.87 -19.81 -11.87
CA THR A 635 -36.83 -20.79 -11.63
C THR A 635 -36.12 -20.50 -10.32
N TRP A 636 -34.99 -21.15 -10.11
CA TRP A 636 -33.92 -20.59 -9.31
C TRP A 636 -32.77 -20.19 -10.15
N TRP A 637 -32.88 -20.33 -11.45
CA TRP A 637 -31.73 -20.12 -12.30
C TRP A 637 -31.56 -18.67 -12.66
N SER A 638 -32.57 -17.85 -12.41
CA SER A 638 -32.43 -16.41 -12.55
C SER A 638 -31.54 -15.83 -11.49
N ILE A 639 -31.30 -16.57 -10.41
CA ILE A 639 -30.37 -16.17 -9.36
C ILE A 639 -28.98 -16.01 -9.94
N THR A 640 -28.62 -16.89 -10.86
CA THR A 640 -27.25 -16.98 -11.32
C THR A 640 -26.85 -15.81 -12.21
N TYR A 641 -27.81 -15.09 -12.78
CA TYR A 641 -27.51 -13.82 -13.44
C TYR A 641 -27.04 -12.78 -12.44
N PHE A 642 -27.61 -12.78 -11.24
CA PHE A 642 -27.43 -11.75 -10.22
C PHE A 642 -26.37 -12.11 -9.21
N VAL A 643 -25.91 -13.35 -9.17
CA VAL A 643 -24.72 -13.74 -8.44
C VAL A 643 -23.48 -13.54 -9.28
N SER A 644 -23.55 -13.82 -10.58
CA SER A 644 -22.40 -13.59 -11.44
C SER A 644 -22.13 -12.12 -11.67
N PHE A 645 -23.14 -11.27 -11.62
CA PHE A 645 -22.89 -9.83 -11.67
C PHE A 645 -22.15 -9.41 -10.44
N TYR A 646 -22.44 -10.04 -9.33
CA TYR A 646 -21.83 -9.66 -8.07
C TYR A 646 -20.36 -9.99 -8.07
N VAL A 647 -20.02 -11.17 -8.57
CA VAL A 647 -18.68 -11.72 -8.46
C VAL A 647 -17.70 -10.96 -9.35
N ILE A 648 -18.09 -10.74 -10.60
CA ILE A 648 -17.29 -10.00 -11.55
C ILE A 648 -17.10 -8.56 -11.13
N THR A 649 -18.10 -7.97 -10.50
CA THR A 649 -17.94 -6.60 -10.06
C THR A 649 -17.74 -6.54 -8.55
N ILE A 650 -17.13 -7.58 -8.00
CA ILE A 650 -16.29 -7.54 -6.81
C ILE A 650 -14.85 -7.92 -7.11
N LEU A 651 -14.56 -8.50 -8.27
CA LEU A 651 -13.31 -8.17 -8.95
C LEU A 651 -13.31 -6.70 -9.35
N LEU A 652 -14.19 -6.34 -10.29
CA LEU A 652 -14.05 -5.08 -11.03
C LEU A 652 -14.24 -3.85 -10.16
N LEU A 653 -15.20 -3.88 -9.24
CA LEU A 653 -15.35 -2.69 -8.42
C LEU A 653 -14.44 -2.67 -7.22
N LEU A 654 -13.61 -3.68 -7.04
CA LEU A 654 -12.57 -3.63 -6.03
C LEU A 654 -11.18 -3.61 -6.62
N ASN A 655 -10.97 -4.32 -7.71
CA ASN A 655 -9.74 -4.15 -8.47
C ASN A 655 -9.65 -2.77 -9.04
N LEU A 656 -10.40 -2.61 -10.11
CA LEU A 656 -10.07 -1.60 -11.07
C LEU A 656 -10.44 -0.23 -10.55
N VAL A 657 -11.24 -0.16 -9.52
CA VAL A 657 -11.71 1.12 -9.00
C VAL A 657 -11.15 1.40 -7.61
N VAL A 658 -11.31 0.48 -6.68
CA VAL A 658 -10.87 0.77 -5.31
C VAL A 658 -9.36 0.73 -5.22
N ALA A 659 -8.76 -0.35 -5.69
CA ALA A 659 -7.31 -0.54 -5.58
C ALA A 659 -6.55 0.46 -6.42
N PHE A 660 -7.18 1.07 -7.40
CA PHE A 660 -6.49 2.06 -8.18
C PHE A 660 -6.49 3.40 -7.46
N VAL A 661 -7.61 3.76 -6.85
CA VAL A 661 -7.74 5.03 -6.16
C VAL A 661 -6.93 5.04 -4.87
N LEU A 662 -6.55 3.88 -4.35
CA LEU A 662 -5.55 3.90 -3.29
C LEU A 662 -4.18 4.24 -3.84
N GLU A 663 -3.67 3.45 -4.79
CA GLU A 663 -2.34 3.72 -5.34
C GLU A 663 -2.27 4.97 -6.20
N ALA A 664 -3.39 5.59 -6.55
CA ALA A 664 -3.29 6.89 -7.17
C ALA A 664 -3.22 7.99 -6.15
N PHE A 665 -3.64 7.73 -4.93
CA PHE A 665 -3.43 8.67 -3.85
C PHE A 665 -2.00 8.61 -3.34
N PHE A 666 -1.36 7.45 -3.42
CA PHE A 666 0.00 7.30 -2.93
C PHE A 666 1.03 7.84 -3.91
N THR A 667 0.60 8.23 -5.10
CA THR A 667 1.45 8.89 -6.06
C THR A 667 1.28 10.40 -6.04
N GLU A 668 0.06 10.91 -5.86
CA GLU A 668 -0.08 12.31 -5.47
C GLU A 668 0.07 12.52 -3.98
N LEU A 669 0.57 11.52 -3.27
CA LEU A 669 1.28 11.74 -2.01
C LEU A 669 2.76 11.88 -2.28
N ASP A 670 3.25 11.15 -3.28
CA ASP A 670 4.69 11.10 -3.54
C ASP A 670 5.16 12.36 -4.25
N LEU A 671 4.33 12.92 -5.13
CA LEU A 671 4.60 14.18 -5.81
C LEU A 671 4.32 15.41 -4.95
N GLU A 672 3.86 15.22 -3.71
CA GLU A 672 3.80 16.31 -2.76
C GLU A 672 4.81 16.17 -1.65
N GLU A 673 5.12 14.95 -1.22
CA GLU A 673 6.09 14.77 -0.14
C GLU A 673 7.52 14.94 -0.65
N GLU A 674 7.84 14.32 -1.78
CA GLU A 674 9.20 14.40 -2.32
C GLU A 674 9.44 15.64 -3.15
N GLU A 675 8.41 16.43 -3.45
CA GLU A 675 8.64 17.74 -4.04
C GLU A 675 9.29 18.67 -3.03
N LYS A 676 8.89 18.58 -1.77
CA LYS A 676 9.54 19.35 -0.72
C LYS A 676 10.93 18.82 -0.43
N CYS A 677 11.12 17.50 -0.53
CA CYS A 677 12.41 16.89 -0.23
C CYS A 677 13.44 17.22 -1.31
N GLN A 678 13.06 17.08 -2.58
CA GLN A 678 13.97 17.38 -3.68
C GLN A 678 14.21 18.87 -3.86
N GLY A 679 13.29 19.71 -3.36
CA GLY A 679 13.53 21.14 -3.36
C GLY A 679 14.60 21.59 -2.39
N GLN A 680 14.90 20.77 -1.38
CA GLN A 680 15.96 21.05 -0.42
C GLN A 680 17.15 20.13 -0.56
N ASP A 681 17.06 19.06 -1.36
CA ASP A 681 18.16 18.12 -1.50
C ASP A 681 19.21 18.62 -2.49
N SER A 682 18.79 19.00 -3.69
CA SER A 682 19.71 19.47 -4.72
C SER A 682 19.01 20.49 -5.60
N GLN A 683 19.75 21.01 -6.57
CA GLN A 683 19.22 22.05 -7.44
C GLN A 683 18.51 21.49 -8.67
N GLU A 684 18.84 20.27 -9.10
CA GLU A 684 18.29 19.69 -10.32
C GLU A 684 17.86 18.25 -10.03
N LYS A 685 17.40 17.57 -11.09
CA LYS A 685 16.80 16.25 -10.94
C LYS A 685 17.87 15.17 -10.81
N ARG A 686 17.65 14.24 -9.88
CA ARG A 686 18.48 13.06 -9.70
C ARG A 686 17.77 11.83 -10.25
N ASN A 687 18.53 10.91 -10.83
CA ASN A 687 17.95 9.71 -11.41
C ASN A 687 17.97 8.51 -10.48
N ARG A 688 18.76 8.55 -9.41
CA ARG A 688 18.83 7.43 -8.48
C ARG A 688 17.84 7.55 -7.32
N ARG A 689 17.48 8.79 -6.93
CA ARG A 689 16.40 8.96 -5.96
C ARG A 689 15.06 8.59 -6.58
N ARG A 690 14.90 8.83 -7.89
CA ARG A 690 13.68 8.44 -8.59
C ARG A 690 13.54 6.93 -8.67
N SER A 691 14.65 6.22 -8.88
CA SER A 691 14.60 4.76 -8.95
C SER A 691 14.40 4.12 -7.58
N ALA A 692 14.72 4.84 -6.50
CA ALA A 692 14.54 4.29 -5.15
C ALA A 692 13.20 4.69 -4.54
N GLY A 693 12.67 5.87 -4.89
CA GLY A 693 11.42 6.31 -4.31
C GLY A 693 10.19 5.61 -4.84
N SER A 694 10.22 5.22 -6.12
CA SER A 694 9.11 4.46 -6.69
C SER A 694 9.11 3.02 -6.21
N LYS A 695 10.24 2.51 -5.73
CA LYS A 695 10.34 1.16 -5.21
C LYS A 695 10.12 1.10 -3.70
N SER A 696 9.24 1.94 -3.16
CA SER A 696 8.97 1.96 -1.73
C SER A 696 7.51 1.74 -1.35
N ARG A 697 6.57 2.23 -2.15
CA ARG A 697 5.16 2.18 -1.79
C ARG A 697 4.35 1.43 -2.84
N GLU B 13 12.95 -22.21 38.89
CA GLU B 13 12.06 -21.11 38.57
C GLU B 13 12.82 -19.84 38.24
N ALA B 14 12.54 -19.29 37.06
CA ALA B 14 13.16 -18.06 36.59
C ALA B 14 12.05 -17.02 36.36
N ILE B 15 11.21 -16.84 37.36
CA ILE B 15 10.10 -15.91 37.28
C ILE B 15 10.46 -14.60 37.96
N HIS B 17 13.61 -13.57 40.05
CA HIS B 17 15.03 -13.19 39.88
C HIS B 17 15.40 -11.69 39.79
N GLY B 18 15.00 -10.94 40.81
CA GLY B 18 15.32 -9.52 40.87
C GLY B 18 15.73 -9.13 42.26
N PRO B 20 18.05 -11.23 44.33
CA PRO B 20 19.50 -11.22 44.50
C PRO B 20 20.14 -10.33 43.45
N PHE B 21 19.80 -10.61 42.18
CA PHE B 21 20.02 -9.72 41.04
C PHE B 21 21.50 -9.44 40.79
N GLN B 22 22.23 -10.49 40.45
CA GLN B 22 23.66 -10.42 40.19
C GLN B 22 23.94 -9.93 38.76
N LYS B 23 25.23 -9.73 38.47
CA LYS B 23 25.65 -9.23 37.17
C LYS B 23 25.40 -10.24 36.05
N ALA B 24 25.29 -11.51 36.39
CA ALA B 24 24.71 -12.48 35.47
C ALA B 24 23.23 -12.73 35.74
N ALA B 25 22.78 -12.57 36.99
CA ALA B 25 21.39 -12.86 37.29
C ALA B 25 20.47 -11.72 36.88
N ALA B 26 20.81 -10.47 37.25
CA ALA B 26 19.99 -9.35 36.84
C ALA B 26 20.19 -8.96 35.40
N LEU B 27 21.18 -9.54 34.73
CA LEU B 27 21.37 -9.28 33.31
C LEU B 27 20.24 -9.84 32.48
N VAL B 28 19.85 -11.09 32.74
CA VAL B 28 18.74 -11.67 31.99
C VAL B 28 17.38 -11.20 32.47
N ASP B 29 17.32 -10.54 33.63
CA ASP B 29 16.03 -10.02 34.10
C ASP B 29 15.58 -8.88 33.20
N LEU B 30 16.52 -8.15 32.59
CA LEU B 30 16.20 -7.12 31.63
C LEU B 30 16.47 -7.52 30.20
N ALA B 31 17.38 -8.47 29.96
CA ALA B 31 17.57 -8.93 28.59
C ALA B 31 16.41 -9.80 28.13
N GLU B 32 15.67 -10.41 29.06
CA GLU B 32 14.42 -11.08 28.67
C GLU B 32 13.35 -10.07 28.29
N ASP B 33 13.27 -8.95 29.03
CA ASP B 33 12.23 -7.97 28.79
C ASP B 33 12.49 -7.10 27.57
N GLY B 34 13.44 -7.44 26.71
CA GLY B 34 13.53 -6.78 25.43
C GLY B 34 13.03 -7.70 24.33
N ILE B 35 12.83 -8.97 24.69
CA ILE B 35 12.49 -9.98 23.69
C ILE B 35 11.02 -9.91 23.32
N GLY B 36 10.14 -10.12 24.30
CA GLY B 36 8.71 -10.11 24.07
C GLY B 36 8.08 -8.75 24.16
N LEU B 37 8.88 -7.70 24.21
CA LEU B 37 8.52 -6.33 24.53
C LEU B 37 7.59 -6.16 25.74
N PRO B 38 8.02 -6.44 26.97
CA PRO B 38 7.26 -5.96 28.12
C PRO B 38 7.60 -4.51 28.44
N VAL B 39 6.80 -3.99 29.36
CA VAL B 39 6.95 -2.63 29.87
C VAL B 39 7.63 -2.72 31.23
N GLU B 40 8.61 -1.86 31.44
CA GLU B 40 9.05 -1.48 32.77
C GLU B 40 8.93 0.03 32.82
N ILE B 41 8.55 0.57 33.98
CA ILE B 41 8.38 2.00 34.12
C ILE B 41 9.74 2.68 34.04
N LEU B 42 9.81 3.80 33.33
CA LEU B 42 11.03 4.59 33.31
C LEU B 42 11.35 5.16 34.69
N ASP B 43 10.34 5.29 35.57
CA ASP B 43 10.61 5.56 36.97
C ASP B 43 11.17 4.33 37.68
N GLN B 44 10.72 3.13 37.29
CA GLN B 44 11.30 1.93 37.87
C GLN B 44 12.72 1.69 37.36
N SER B 45 13.06 2.22 36.19
CA SER B 45 14.40 2.07 35.65
C SER B 45 15.35 3.15 36.14
N SER B 46 14.87 4.37 36.39
CA SER B 46 15.75 5.49 36.70
C SER B 46 16.43 5.37 38.06
N PHE B 47 15.94 4.49 38.93
CA PHE B 47 16.64 4.16 40.16
C PHE B 47 17.97 3.47 39.84
N GLY B 48 18.90 3.57 40.79
CA GLY B 48 20.26 3.13 40.51
C GLY B 48 20.41 1.63 40.42
N GLU B 49 19.81 0.88 41.36
CA GLU B 49 20.07 -0.54 41.44
C GLU B 49 19.24 -1.37 40.49
N SER B 50 18.01 -0.92 40.19
CA SER B 50 16.98 -1.68 39.47
C SER B 50 16.69 -3.03 40.14
N ALA B 51 16.89 -3.10 41.45
CA ALA B 51 16.58 -4.27 42.24
C ALA B 51 16.01 -3.85 43.58
N ARG B 52 15.58 -2.60 43.69
CA ARG B 52 15.24 -1.97 44.95
C ARG B 52 13.85 -2.37 45.41
N TYR B 53 13.30 -1.61 46.36
CA TYR B 53 11.94 -1.76 46.83
C TYR B 53 10.90 -1.61 45.73
N TYR B 54 11.24 -0.96 44.62
CA TYR B 54 10.33 -0.75 43.51
C TYR B 54 10.19 -1.94 42.59
N PHE B 55 11.25 -2.73 42.38
CA PHE B 55 11.18 -3.76 41.37
C PHE B 55 10.43 -5.00 41.83
N ILE B 56 10.39 -5.25 43.14
CA ILE B 56 9.58 -6.34 43.68
C ILE B 56 8.12 -6.09 43.37
N PHE B 57 7.71 -4.83 43.36
CA PHE B 57 6.31 -4.48 43.29
C PHE B 57 5.88 -4.10 41.89
N THR B 58 6.60 -4.55 40.86
CA THR B 58 6.08 -4.63 39.51
C THR B 58 5.86 -6.07 39.09
N ARG B 59 6.70 -6.99 39.55
CA ARG B 59 6.38 -8.39 39.40
C ARG B 59 5.28 -8.85 40.35
N LEU B 60 4.91 -8.03 41.33
CA LEU B 60 3.69 -8.31 42.06
C LEU B 60 2.47 -7.80 41.30
N ASP B 61 2.67 -7.04 40.23
CA ASP B 61 1.55 -6.61 39.41
C ASP B 61 1.30 -7.65 38.32
N LEU B 62 2.28 -7.82 37.43
CA LEU B 62 2.15 -8.66 36.25
C LEU B 62 2.10 -10.15 36.54
N ILE B 63 2.21 -10.58 37.80
CA ILE B 63 1.87 -11.94 38.20
C ILE B 63 0.41 -12.02 38.66
N TRP B 64 -0.05 -11.08 39.48
CA TRP B 64 -1.46 -11.02 39.81
C TRP B 64 -2.25 -10.20 38.82
N SER B 65 -1.82 -10.14 37.56
CA SER B 65 -2.44 -9.31 36.52
C SER B 65 -3.64 -9.94 35.87
N LEU B 66 -4.23 -10.98 36.43
CA LEU B 66 -5.50 -11.48 35.93
C LEU B 66 -6.64 -11.08 36.83
N ASN B 67 -6.37 -10.78 38.08
CA ASN B 67 -7.37 -10.10 38.90
C ASN B 67 -7.53 -8.64 38.53
N TYR B 68 -6.69 -8.08 37.66
CA TYR B 68 -6.85 -6.70 37.26
C TYR B 68 -7.39 -6.53 35.87
N PHE B 69 -7.44 -7.58 35.07
CA PHE B 69 -7.96 -7.45 33.72
C PHE B 69 -9.33 -8.09 33.57
N ALA B 70 -9.57 -9.21 34.25
CA ALA B 70 -10.92 -9.76 34.24
C ALA B 70 -11.83 -8.99 35.16
N LEU B 71 -11.30 -8.11 36.00
CA LEU B 71 -12.17 -7.16 36.66
C LEU B 71 -12.73 -6.16 35.67
N LEU B 72 -11.96 -5.83 34.65
CA LEU B 72 -12.34 -4.78 33.72
C LEU B 72 -13.57 -5.13 32.93
N PHE B 73 -13.87 -6.41 32.81
CA PHE B 73 -15.15 -6.82 32.26
C PHE B 73 -16.24 -6.81 33.31
N LEU B 74 -15.93 -7.25 34.53
CA LEU B 74 -16.88 -7.23 35.62
C LEU B 74 -17.30 -5.80 35.91
N ASN B 75 -16.39 -4.86 35.66
CA ASN B 75 -16.71 -3.44 35.64
C ASN B 75 -17.59 -3.10 34.46
N PHE B 76 -17.23 -3.59 33.29
CA PHE B 76 -17.76 -3.06 32.05
C PHE B 76 -19.09 -3.68 31.69
N PHE B 77 -19.20 -4.98 31.87
CA PHE B 77 -20.41 -5.68 31.52
C PHE B 77 -21.48 -5.53 32.57
N GLU B 78 -21.27 -4.70 33.60
CA GLU B 78 -22.40 -4.28 34.41
C GLU B 78 -23.23 -3.26 33.66
N GLN B 79 -22.72 -2.70 32.59
CA GLN B 79 -23.61 -1.87 31.80
C GLN B 79 -24.75 -2.65 31.12
N PRO B 80 -24.56 -3.78 30.39
CA PRO B 80 -25.75 -4.46 29.84
C PRO B 80 -26.63 -5.05 30.87
N LEU B 81 -26.15 -5.26 32.08
CA LEU B 81 -26.90 -5.84 33.17
C LEU B 81 -27.44 -4.80 34.13
N TRP B 82 -27.31 -3.51 33.84
CA TRP B 82 -28.00 -2.47 34.59
C TRP B 82 -29.50 -2.53 34.41
N CYS B 83 -30.14 -1.45 34.83
CA CYS B 83 -31.51 -1.21 34.41
C CYS B 83 -31.48 -0.41 33.11
N GLU B 84 -32.66 -0.08 32.60
CA GLU B 84 -32.80 1.08 31.73
C GLU B 84 -32.56 2.30 32.60
N LYS B 85 -32.28 3.44 32.01
CA LYS B 85 -32.25 4.64 32.83
C LYS B 85 -33.61 4.94 33.42
N ASN B 86 -34.64 4.87 32.61
CA ASN B 86 -35.92 5.50 32.92
C ASN B 86 -37.14 4.61 32.78
N PRO B 87 -37.26 3.56 33.59
CA PRO B 87 -38.60 3.09 33.98
C PRO B 87 -39.02 3.58 35.35
N LYS B 88 -38.18 4.40 35.99
CA LYS B 88 -38.52 5.02 37.27
C LYS B 88 -39.66 6.03 37.18
N PRO B 89 -39.77 6.90 36.17
CA PRO B 89 -41.04 7.61 36.03
C PRO B 89 -42.17 6.73 35.54
N SER B 90 -41.91 5.88 34.56
CA SER B 90 -42.94 5.34 33.70
C SER B 90 -43.73 4.24 34.41
N CYS B 91 -44.75 3.74 33.69
CA CYS B 91 -45.73 2.81 34.23
C CYS B 91 -45.74 1.50 33.46
N LYS B 92 -45.88 0.42 34.23
CA LYS B 92 -45.82 -0.97 33.77
C LYS B 92 -44.46 -1.28 33.13
N ASP B 93 -43.45 -1.43 34.00
CA ASP B 93 -42.16 -1.93 33.55
C ASP B 93 -42.21 -3.41 33.20
N ARG B 94 -42.81 -4.23 34.08
CA ARG B 94 -42.67 -5.67 33.95
C ARG B 94 -43.40 -6.22 32.72
N ASP B 95 -44.47 -5.55 32.30
CA ASP B 95 -44.95 -5.73 30.94
C ASP B 95 -43.87 -5.20 30.01
N TYR B 96 -43.35 -6.08 29.16
CA TYR B 96 -42.24 -5.71 28.30
C TYR B 96 -42.73 -4.93 27.09
N TYR B 97 -42.36 -3.65 27.10
CA TYR B 97 -42.54 -2.77 25.96
C TYR B 97 -41.31 -2.82 25.06
N TYR B 98 -41.23 -3.95 24.35
CA TYR B 98 -40.23 -4.30 23.34
C TYR B 98 -38.85 -4.39 23.89
N LEU B 99 -38.71 -4.85 25.12
CA LEU B 99 -37.39 -4.84 25.75
C LEU B 99 -36.67 -6.13 25.45
N GLY B 100 -35.50 -6.25 26.04
CA GLY B 100 -34.59 -7.35 25.79
C GLY B 100 -34.90 -8.53 26.67
N GLU B 101 -33.86 -9.17 27.19
CA GLU B 101 -34.04 -10.45 27.86
C GLU B 101 -33.17 -10.61 29.10
N LEU B 102 -32.04 -9.92 29.19
CA LEU B 102 -31.20 -9.89 30.38
C LEU B 102 -31.98 -9.39 31.59
N PRO B 103 -31.63 -9.84 32.79
CA PRO B 103 -32.28 -9.31 33.99
C PRO B 103 -31.83 -7.90 34.29
N TYR B 104 -32.55 -7.29 35.22
CA TYR B 104 -32.31 -5.92 35.62
C TYR B 104 -31.88 -6.01 37.08
N LEU B 105 -30.63 -5.70 37.34
CA LEU B 105 -30.10 -5.82 38.69
C LEU B 105 -30.71 -4.78 39.60
N THR B 106 -31.24 -5.24 40.73
CA THR B 106 -31.84 -4.33 41.68
C THR B 106 -30.74 -3.60 42.45
N ASN B 107 -31.16 -2.59 43.21
CA ASN B 107 -30.19 -1.72 43.85
C ASN B 107 -29.44 -2.40 44.98
N ALA B 108 -30.00 -3.47 45.53
CA ALA B 108 -29.24 -4.29 46.46
C ALA B 108 -28.34 -5.29 45.75
N GLU B 109 -28.49 -5.41 44.44
CA GLU B 109 -27.57 -6.19 43.64
C GLU B 109 -26.55 -5.33 42.91
N SER B 110 -26.73 -4.01 42.91
CA SER B 110 -25.73 -3.12 42.38
C SER B 110 -24.82 -2.56 43.45
N ILE B 111 -24.99 -2.97 44.70
CA ILE B 111 -24.10 -2.51 45.74
C ILE B 111 -23.17 -3.63 46.18
N ILE B 112 -23.51 -4.87 45.91
CA ILE B 112 -22.60 -5.95 46.26
C ILE B 112 -21.89 -6.35 44.97
N TYR B 113 -21.89 -5.45 44.01
CA TYR B 113 -21.23 -5.64 42.72
C TYR B 113 -20.58 -4.37 42.25
N GLU B 114 -20.84 -3.25 42.88
CA GLU B 114 -20.02 -2.08 42.68
C GLU B 114 -19.01 -1.86 43.79
N VAL B 115 -19.14 -2.54 44.91
CA VAL B 115 -18.04 -2.52 45.86
C VAL B 115 -16.98 -3.53 45.50
N ILE B 116 -17.39 -4.69 44.99
CA ILE B 116 -16.44 -5.68 44.49
C ILE B 116 -15.68 -5.15 43.28
N THR B 117 -16.35 -4.42 42.41
CA THR B 117 -15.66 -3.81 41.29
C THR B 117 -14.77 -2.65 41.76
N LEU B 118 -15.17 -1.92 42.80
CA LEU B 118 -14.35 -0.85 43.37
C LEU B 118 -13.58 -1.26 44.61
N ALA B 119 -13.31 -2.54 44.79
CA ALA B 119 -12.23 -2.95 45.65
C ALA B 119 -11.00 -3.33 44.85
N ILE B 120 -11.12 -3.31 43.53
CA ILE B 120 -10.12 -3.83 42.61
C ILE B 120 -9.86 -2.69 41.65
N LEU B 121 -10.17 -1.49 42.09
CA LEU B 121 -9.69 -0.29 41.43
C LEU B 121 -8.90 0.60 42.37
N LEU B 122 -9.25 0.60 43.63
CA LEU B 122 -8.36 1.17 44.62
C LEU B 122 -7.30 0.17 45.10
N VAL B 123 -7.24 -0.98 44.46
CA VAL B 123 -6.08 -1.83 44.47
C VAL B 123 -5.34 -1.79 43.14
N HIS B 124 -6.04 -1.57 42.04
CA HIS B 124 -5.32 -1.41 40.78
C HIS B 124 -4.70 -0.03 40.63
N THR B 125 -5.45 1.03 40.92
CA THR B 125 -4.89 2.35 40.62
C THR B 125 -3.95 2.82 41.72
N PHE B 126 -4.14 2.39 42.96
CA PHE B 126 -3.22 2.72 44.02
C PHE B 126 -2.27 1.57 44.32
N PHE B 127 -1.91 0.82 43.31
CA PHE B 127 -0.77 -0.07 43.34
C PHE B 127 0.54 0.59 42.91
N PRO B 128 0.62 1.46 41.85
CA PRO B 128 1.93 2.07 41.57
C PRO B 128 2.25 3.22 42.49
N ILE B 129 1.66 3.27 43.68
CA ILE B 129 2.30 3.94 44.79
C ILE B 129 3.31 2.98 45.43
N SER B 130 3.22 1.69 45.13
CA SER B 130 4.23 0.76 45.62
C SER B 130 5.39 0.56 44.68
N TYR B 131 5.44 1.24 43.53
CA TYR B 131 6.70 1.31 42.78
C TYR B 131 6.94 2.67 42.17
N GLU B 132 6.16 3.68 42.53
CA GLU B 132 6.46 5.06 42.21
C GLU B 132 6.17 5.89 43.43
N GLY B 133 6.59 7.13 43.40
CA GLY B 133 6.58 7.94 44.59
C GLY B 133 5.25 8.58 44.84
N SER B 134 5.23 9.40 45.89
CA SER B 134 4.07 10.23 46.15
C SER B 134 3.97 11.41 45.19
N ARG B 135 5.00 11.67 44.38
CA ARG B 135 4.92 12.71 43.38
C ARG B 135 5.31 12.27 41.99
N ILE B 136 5.89 11.08 41.82
CA ILE B 136 6.09 10.54 40.49
C ILE B 136 4.74 10.15 39.90
N PHE B 137 3.88 9.59 40.75
CA PHE B 137 2.52 9.17 40.48
C PHE B 137 1.72 10.29 39.87
N TRP B 138 1.45 11.31 40.69
CA TRP B 138 0.43 12.30 40.42
C TRP B 138 0.86 13.34 39.40
N THR B 139 1.85 13.08 38.58
CA THR B 139 2.28 14.02 37.56
C THR B 139 2.41 13.28 36.24
N SER B 140 1.37 12.50 35.92
CA SER B 140 1.44 11.58 34.80
C SER B 140 0.34 11.78 33.77
N ARG B 141 -0.69 12.58 34.07
CA ARG B 141 -1.70 13.09 33.13
C ARG B 141 -2.66 11.99 32.67
N LEU B 142 -2.36 10.75 33.02
CA LEU B 142 -3.20 9.56 32.88
C LEU B 142 -3.56 8.98 34.22
N ASN B 143 -2.57 8.97 35.09
CA ASN B 143 -2.72 8.44 36.43
C ASN B 143 -3.53 9.40 37.28
N LEU B 144 -3.53 10.67 36.93
CA LEU B 144 -4.46 11.61 37.50
C LEU B 144 -5.88 11.33 37.04
N VAL B 145 -6.04 10.81 35.83
CA VAL B 145 -7.38 10.58 35.29
C VAL B 145 -8.02 9.39 35.98
N LYS B 146 -7.28 8.30 36.10
CA LYS B 146 -7.84 7.08 36.62
C LYS B 146 -8.04 7.14 38.14
N VAL B 147 -7.45 8.11 38.82
CA VAL B 147 -7.87 8.41 40.18
C VAL B 147 -9.17 9.20 40.16
N ALA B 148 -9.33 10.09 39.19
CA ALA B 148 -10.56 10.87 39.13
C ALA B 148 -11.74 10.02 38.70
N CYS B 149 -11.50 9.06 37.80
CA CYS B 149 -12.58 8.19 37.34
C CYS B 149 -13.14 7.35 38.47
N VAL B 150 -12.28 6.96 39.41
CA VAL B 150 -12.69 6.13 40.52
C VAL B 150 -13.42 6.96 41.58
N VAL B 151 -12.96 8.19 41.81
CA VAL B 151 -13.68 9.08 42.73
C VAL B 151 -15.06 9.44 42.16
N ILE B 152 -15.23 9.44 40.84
CA ILE B 152 -16.58 9.48 40.28
C ILE B 152 -17.35 8.24 40.67
N LEU B 153 -16.76 7.06 40.46
CA LEU B 153 -17.42 5.82 40.88
C LEU B 153 -17.49 5.69 42.38
N PHE B 154 -16.65 6.39 43.14
CA PHE B 154 -16.85 6.33 44.57
C PHE B 154 -17.90 7.33 45.04
N VAL B 155 -18.05 8.46 44.35
CA VAL B 155 -19.19 9.32 44.63
C VAL B 155 -20.48 8.65 44.19
N ASP B 156 -20.46 8.00 43.05
CA ASP B 156 -21.68 7.40 42.51
C ASP B 156 -22.14 6.21 43.32
N VAL B 157 -21.22 5.48 43.95
CA VAL B 157 -21.64 4.44 44.88
C VAL B 157 -22.23 5.06 46.14
N LEU B 158 -21.68 6.19 46.57
CA LEU B 158 -22.25 6.90 47.71
C LEU B 158 -23.63 7.46 47.40
N VAL B 159 -23.82 7.96 46.17
CA VAL B 159 -25.15 8.42 45.76
C VAL B 159 -26.11 7.24 45.63
N ASP B 160 -25.64 6.11 45.12
CA ASP B 160 -26.47 4.92 44.98
C ASP B 160 -26.66 4.15 46.29
N PHE B 161 -26.43 4.78 47.42
CA PHE B 161 -26.61 4.16 48.73
C PHE B 161 -27.63 4.87 49.59
N LEU B 162 -27.77 6.19 49.43
CA LEU B 162 -28.64 6.97 50.29
C LEU B 162 -29.66 7.82 49.55
N TYR B 163 -29.61 7.87 48.22
CA TYR B 163 -30.58 8.56 47.34
C TYR B 163 -30.69 10.05 47.62
N PRO B 173 -30.18 14.62 37.73
CA PRO B 173 -29.22 14.67 36.64
C PRO B 173 -29.43 13.56 35.61
N PHE B 174 -28.36 13.10 34.97
CA PHE B 174 -28.47 12.10 33.93
C PHE B 174 -27.56 10.89 34.15
N ARG B 175 -26.94 10.75 35.33
CA ARG B 175 -26.25 9.53 35.78
C ARG B 175 -25.08 9.16 34.86
N ILE B 176 -23.96 9.88 35.01
CA ILE B 176 -22.74 9.49 34.32
C ILE B 176 -21.97 8.47 35.19
N ALA B 177 -22.59 7.32 35.35
CA ALA B 177 -21.91 6.07 35.66
C ALA B 177 -21.44 5.38 34.40
N PRO B 178 -22.30 5.01 33.42
CA PRO B 178 -21.85 4.05 32.43
C PRO B 178 -20.95 4.63 31.35
N TYR B 179 -20.57 5.89 31.45
CA TYR B 179 -19.59 6.39 30.53
C TYR B 179 -18.22 6.31 31.14
N VAL B 180 -18.14 6.41 32.45
CA VAL B 180 -16.86 6.25 33.16
C VAL B 180 -16.36 4.81 33.05
N ARG B 181 -17.26 3.85 33.19
CA ARG B 181 -16.92 2.46 33.08
C ARG B 181 -16.37 2.08 31.72
N VAL B 182 -16.70 2.83 30.69
CA VAL B 182 -16.01 2.62 29.43
C VAL B 182 -14.65 3.25 29.49
N ILE B 183 -14.57 4.43 30.09
CA ILE B 183 -13.35 5.22 30.05
C ILE B 183 -12.27 4.63 30.94
N ILE B 184 -12.64 4.08 32.10
CA ILE B 184 -11.71 3.25 32.86
C ILE B 184 -11.25 2.07 32.02
N PHE B 185 -12.18 1.42 31.35
CA PHE B 185 -11.89 0.23 30.57
C PHE B 185 -11.04 0.55 29.36
N ILE B 186 -11.05 1.77 28.87
CA ILE B 186 -10.11 2.07 27.81
C ILE B 186 -8.72 2.27 28.39
N LEU B 187 -8.60 3.11 29.43
CA LEU B 187 -7.30 3.39 30.02
C LEU B 187 -6.68 2.18 30.70
N SER B 188 -7.47 1.21 31.10
CA SER B 188 -6.90 0.11 31.85
C SER B 188 -6.29 -0.93 30.95
N ILE B 189 -6.99 -1.32 29.89
CA ILE B 189 -6.38 -2.25 28.96
C ILE B 189 -5.39 -1.49 28.10
N ARG B 190 -4.17 -1.98 28.04
CA ARG B 190 -3.07 -1.20 27.49
C ARG B 190 -3.24 -0.96 26.01
N GLU B 191 -3.69 -1.97 25.28
CA GLU B 191 -3.73 -1.86 23.83
C GLU B 191 -4.85 -0.95 23.36
N LEU B 192 -5.91 -0.81 24.15
CA LEU B 192 -6.99 0.10 23.77
C LEU B 192 -6.60 1.53 24.04
N ARG B 193 -5.85 1.75 25.12
CA ARG B 193 -5.24 3.04 25.35
C ARG B 193 -4.16 3.33 24.33
N ASP B 194 -3.45 2.32 23.85
CA ASP B 194 -2.45 2.54 22.83
C ASP B 194 -3.06 2.77 21.46
N THR B 195 -4.17 2.10 21.15
CA THR B 195 -4.89 2.36 19.91
C THR B 195 -5.42 3.76 19.86
N LEU B 196 -5.94 4.24 20.98
CA LEU B 196 -6.55 5.55 21.06
C LEU B 196 -5.53 6.66 20.97
N VAL B 197 -4.24 6.35 21.00
CA VAL B 197 -3.22 7.33 20.65
C VAL B 197 -3.19 7.55 19.15
N LEU B 198 -3.39 6.48 18.35
CA LEU B 198 -3.46 6.66 16.90
C LEU B 198 -4.62 7.54 16.52
N LEU B 199 -5.80 7.25 17.06
CA LEU B 199 -7.01 7.97 16.71
C LEU B 199 -6.99 9.42 17.16
N SER B 200 -6.14 9.78 18.11
CA SER B 200 -5.94 11.18 18.43
C SER B 200 -4.74 11.76 17.73
N GLY B 201 -3.87 10.93 17.18
CA GLY B 201 -2.92 11.43 16.21
C GLY B 201 -3.45 11.47 14.80
N MET B 202 -4.49 10.71 14.51
CA MET B 202 -5.06 10.73 13.18
C MET B 202 -6.13 11.78 13.00
N LEU B 203 -6.54 12.43 14.07
CA LEU B 203 -7.81 13.13 14.06
C LEU B 203 -7.71 14.44 13.32
N GLY B 204 -6.54 15.08 13.36
CA GLY B 204 -6.37 16.31 12.62
C GLY B 204 -6.30 16.10 11.14
N THR B 205 -5.89 14.91 10.72
CA THR B 205 -5.95 14.58 9.31
C THR B 205 -7.38 14.30 8.89
N TYR B 206 -8.11 13.57 9.74
CA TYR B 206 -9.43 13.11 9.39
C TYR B 206 -10.45 14.23 9.38
N LEU B 207 -10.33 15.22 10.25
CA LEU B 207 -11.32 16.29 10.23
C LEU B 207 -11.13 17.21 9.04
N ASN B 208 -9.98 17.18 8.39
CA ASN B 208 -9.86 17.86 7.11
C ASN B 208 -10.65 17.14 6.03
N ILE B 209 -10.41 15.84 5.88
CA ILE B 209 -11.09 15.08 4.86
C ILE B 209 -12.56 14.88 5.21
N LEU B 210 -12.91 15.00 6.48
CA LEU B 210 -14.33 15.11 6.79
C LEU B 210 -14.87 16.45 6.30
N ALA B 211 -14.07 17.51 6.43
CA ALA B 211 -14.51 18.84 6.02
C ALA B 211 -14.43 19.06 4.53
N LEU B 212 -14.10 18.05 3.74
CA LEU B 212 -14.20 18.10 2.30
C LEU B 212 -15.17 17.08 1.77
N TRP B 213 -15.39 16.00 2.52
CA TRP B 213 -16.59 15.18 2.38
C TRP B 213 -17.84 16.02 2.51
N MET B 214 -17.92 16.83 3.56
CA MET B 214 -19.08 17.66 3.84
C MET B 214 -19.29 18.69 2.75
N LEU B 215 -18.22 19.20 2.18
CA LEU B 215 -18.34 20.11 1.07
C LEU B 215 -18.73 19.39 -0.21
N PHE B 216 -18.55 18.07 -0.28
CA PHE B 216 -19.09 17.34 -1.41
C PHE B 216 -20.60 17.24 -1.32
N LEU B 217 -21.13 16.89 -0.14
CA LEU B 217 -22.57 16.80 0.05
C LEU B 217 -23.22 18.17 0.06
N LEU B 218 -22.53 19.22 0.52
CA LEU B 218 -23.12 20.55 0.55
C LEU B 218 -23.26 21.09 -0.86
N PHE B 219 -22.28 20.84 -1.69
CA PHE B 219 -22.40 21.29 -3.06
C PHE B 219 -23.41 20.45 -3.81
N ALA B 220 -23.26 19.13 -3.77
CA ALA B 220 -24.14 18.27 -4.54
C ALA B 220 -25.56 18.22 -4.01
N SER B 221 -25.82 18.74 -2.83
CA SER B 221 -27.20 18.92 -2.45
C SER B 221 -27.72 20.26 -2.90
N TRP B 222 -26.84 21.18 -3.22
CA TRP B 222 -27.32 22.45 -3.74
C TRP B 222 -27.74 22.33 -5.18
N ILE B 223 -27.01 21.60 -6.02
CA ILE B 223 -27.46 21.40 -7.39
C ILE B 223 -28.69 20.53 -7.41
N ALA B 224 -28.73 19.50 -6.58
CA ALA B 224 -29.90 18.66 -6.47
C ALA B 224 -31.10 19.41 -5.91
N PHE B 225 -30.90 20.45 -5.13
CA PHE B 225 -32.03 21.28 -4.77
C PHE B 225 -32.38 22.24 -5.89
N VAL B 226 -31.36 22.78 -6.57
CA VAL B 226 -31.59 23.74 -7.64
C VAL B 226 -32.28 23.08 -8.83
N MET B 227 -31.83 21.90 -9.21
CA MET B 227 -32.20 21.32 -10.48
C MET B 227 -33.63 20.83 -10.49
N PHE B 228 -34.05 20.17 -9.41
CA PHE B 228 -35.32 19.47 -9.38
C PHE B 228 -36.43 20.19 -8.66
N GLU B 229 -36.27 21.48 -8.33
CA GLU B 229 -37.11 22.08 -7.30
C GLU B 229 -38.56 22.27 -7.78
N ASN B 230 -38.76 22.62 -9.04
CA ASN B 230 -40.13 22.76 -9.50
C ASN B 230 -40.80 21.41 -9.70
N THR B 231 -40.05 20.43 -10.16
CA THR B 231 -40.64 19.25 -10.76
C THR B 231 -40.99 18.23 -9.69
N GLN B 232 -41.24 17.00 -10.12
CA GLN B 232 -41.95 16.04 -9.31
C GLN B 232 -41.05 15.38 -8.27
N GLN B 233 -39.73 15.43 -8.43
CA GLN B 233 -38.87 15.08 -7.30
C GLN B 233 -38.98 16.12 -6.21
N GLY B 234 -38.54 17.34 -6.50
CA GLY B 234 -38.41 18.43 -5.55
C GLY B 234 -39.68 18.99 -5.01
N LEU B 235 -40.82 18.45 -5.37
CA LEU B 235 -42.02 18.64 -4.58
C LEU B 235 -42.27 17.51 -3.62
N THR B 236 -41.76 16.32 -3.91
CA THR B 236 -42.11 15.12 -3.15
C THR B 236 -41.12 14.85 -2.04
N VAL B 237 -39.88 14.58 -2.38
CA VAL B 237 -38.83 14.29 -1.42
C VAL B 237 -37.93 15.49 -1.22
N PHE B 238 -37.38 16.04 -2.31
CA PHE B 238 -36.47 17.17 -2.24
C PHE B 238 -37.19 18.49 -1.97
N THR B 239 -37.95 18.55 -0.88
CA THR B 239 -38.88 19.66 -0.68
C THR B 239 -38.14 20.95 -0.38
N SER B 240 -37.46 21.02 0.75
CA SER B 240 -36.69 22.18 1.11
C SER B 240 -35.28 21.99 0.58
N TYR B 241 -34.33 22.78 1.09
CA TYR B 241 -32.94 22.45 0.86
C TYR B 241 -32.41 21.50 1.90
N GLY B 242 -32.84 21.63 3.15
CA GLY B 242 -32.25 20.85 4.23
C GLY B 242 -32.60 19.38 4.15
N ALA B 243 -33.81 19.07 3.75
CA ALA B 243 -34.22 17.74 3.34
C ALA B 243 -33.78 17.39 1.94
N THR B 244 -32.80 18.05 1.35
CA THR B 244 -32.00 17.42 0.32
C THR B 244 -30.59 17.13 0.77
N LEU B 245 -30.01 17.95 1.63
CA LEU B 245 -28.75 17.56 2.25
C LEU B 245 -28.93 16.28 2.98
N TYR B 246 -30.08 16.13 3.63
CA TYR B 246 -30.41 14.97 4.39
C TYR B 246 -30.57 13.74 3.51
N GLN B 247 -31.34 13.84 2.41
CA GLN B 247 -31.47 12.74 1.47
C GLN B 247 -30.18 12.44 0.76
N MET B 248 -29.48 13.46 0.25
CA MET B 248 -28.21 13.22 -0.43
C MET B 248 -27.08 12.83 0.50
N PHE B 249 -27.26 12.99 1.79
CA PHE B 249 -26.38 12.34 2.72
C PHE B 249 -26.58 10.86 2.73
N ILE B 250 -27.84 10.41 2.69
CA ILE B 250 -28.10 8.98 2.73
C ILE B 250 -27.83 8.36 1.38
N LEU B 251 -27.91 9.10 0.26
CA LEU B 251 -27.43 8.52 -0.99
C LEU B 251 -25.93 8.41 -1.04
N PHE B 252 -25.20 9.23 -0.27
CA PHE B 252 -23.75 9.06 -0.20
C PHE B 252 -23.43 7.68 0.31
N THR B 253 -24.19 7.24 1.28
CA THR B 253 -24.07 5.97 1.94
C THR B 253 -24.49 4.80 1.06
N THR B 254 -25.17 5.09 -0.05
CA THR B 254 -25.85 4.24 -1.04
C THR B 254 -27.12 3.60 -0.55
N SER B 255 -27.43 3.72 0.72
CA SER B 255 -28.46 2.86 1.27
C SER B 255 -29.83 3.34 0.95
N ASN B 256 -29.96 4.47 0.30
CA ASN B 256 -31.26 5.02 0.06
C ASN B 256 -31.65 4.87 -1.38
N ASN B 257 -31.10 3.87 -2.09
CA ASN B 257 -30.63 4.21 -3.41
C ASN B 257 -31.74 4.47 -4.43
N PRO B 258 -32.54 3.58 -5.02
CA PRO B 258 -33.51 4.14 -5.96
C PRO B 258 -34.66 4.87 -5.32
N ASP B 259 -34.94 4.65 -4.05
CA ASP B 259 -36.06 5.28 -3.40
C ASP B 259 -35.91 6.79 -3.24
N VAL B 260 -34.70 7.33 -3.30
CA VAL B 260 -34.57 8.76 -3.40
C VAL B 260 -35.08 9.22 -4.76
N TRP B 261 -34.63 8.56 -5.81
CA TRP B 261 -34.71 9.22 -7.10
C TRP B 261 -35.68 8.57 -8.07
N ILE B 262 -36.66 7.85 -7.56
CA ILE B 262 -37.71 7.32 -8.42
C ILE B 262 -38.58 8.41 -9.01
N PRO B 263 -39.15 9.37 -8.25
CA PRO B 263 -40.03 10.32 -8.92
C PRO B 263 -39.33 11.40 -9.71
N ALA B 264 -38.00 11.52 -9.66
CA ALA B 264 -37.25 12.20 -10.71
C ALA B 264 -36.81 11.28 -11.83
N TYR B 265 -37.10 9.98 -11.75
CA TYR B 265 -36.87 9.05 -12.83
C TYR B 265 -38.14 8.72 -13.56
N LYS B 266 -39.24 8.70 -12.86
CA LYS B 266 -40.51 8.45 -13.48
C LYS B 266 -40.95 9.61 -14.34
N SER B 267 -40.50 10.81 -14.05
CA SER B 267 -40.93 12.00 -14.78
C SER B 267 -39.97 12.41 -15.89
N SER B 268 -38.66 12.29 -15.69
CA SER B 268 -37.77 12.26 -16.84
C SER B 268 -36.64 11.28 -16.61
N ARG B 269 -36.39 10.45 -17.59
CA ARG B 269 -35.40 9.40 -17.44
C ARG B 269 -34.02 9.95 -17.49
N TRP B 270 -33.90 11.17 -17.98
CA TRP B 270 -32.64 11.77 -18.25
C TRP B 270 -31.96 12.19 -16.96
N SER B 271 -32.72 12.41 -15.91
CA SER B 271 -32.26 12.88 -14.61
C SER B 271 -31.76 11.78 -13.70
N SER B 272 -31.70 10.55 -14.18
CA SER B 272 -30.87 9.58 -13.49
C SER B 272 -29.40 9.86 -13.72
N VAL B 273 -29.05 10.52 -14.82
CA VAL B 273 -27.66 10.83 -15.12
C VAL B 273 -27.05 11.76 -14.08
N PHE B 274 -27.86 12.62 -13.47
CA PHE B 274 -27.40 13.31 -12.28
C PHE B 274 -27.15 12.32 -11.17
N PHE B 275 -28.08 11.40 -10.94
CA PHE B 275 -28.07 10.52 -9.78
C PHE B 275 -27.29 9.25 -9.98
N VAL B 276 -27.12 8.78 -11.22
CA VAL B 276 -26.22 7.67 -11.46
C VAL B 276 -24.79 8.14 -11.63
N LEU B 277 -24.55 9.44 -11.68
CA LEU B 277 -23.19 9.94 -11.62
C LEU B 277 -22.83 10.47 -10.25
N TYR B 278 -23.78 10.96 -9.47
CA TYR B 278 -23.47 11.38 -8.12
C TYR B 278 -23.06 10.23 -7.24
N VAL B 279 -23.76 9.09 -7.32
CA VAL B 279 -23.39 7.97 -6.48
C VAL B 279 -22.26 7.18 -7.09
N LEU B 280 -21.96 7.45 -8.35
CA LEU B 280 -20.72 6.93 -8.90
C LEU B 280 -19.54 7.68 -8.30
N ILE B 281 -19.60 9.01 -8.26
CA ILE B 281 -18.52 9.81 -7.70
C ILE B 281 -18.46 9.65 -6.19
N GLY B 282 -19.63 9.67 -5.54
CA GLY B 282 -19.69 9.66 -4.08
C GLY B 282 -19.16 8.41 -3.44
N VAL B 283 -19.23 7.28 -4.12
CA VAL B 283 -18.83 6.02 -3.54
C VAL B 283 -17.48 5.54 -4.06
N TYR B 284 -17.14 5.85 -5.30
CA TYR B 284 -15.97 5.24 -5.91
C TYR B 284 -14.78 6.16 -6.00
N PHE B 285 -14.95 7.48 -5.87
CA PHE B 285 -13.80 8.35 -5.74
C PHE B 285 -13.66 8.82 -4.31
N VAL B 286 -14.71 9.40 -3.77
CA VAL B 286 -14.60 10.11 -2.50
C VAL B 286 -14.47 9.14 -1.34
N THR B 287 -15.26 8.07 -1.35
CA THR B 287 -15.20 7.12 -0.25
C THR B 287 -13.88 6.37 -0.24
N ASN B 288 -13.31 6.12 -1.41
CA ASN B 288 -12.00 5.54 -1.49
C ASN B 288 -10.93 6.55 -1.15
N LEU B 289 -11.13 7.81 -1.49
CA LEU B 289 -10.21 8.86 -1.08
C LEU B 289 -10.57 9.48 0.25
N ILE B 290 -11.51 8.89 0.99
CA ILE B 290 -11.46 8.97 2.45
C ILE B 290 -10.71 7.76 2.95
N LEU B 291 -10.84 6.62 2.28
CA LEU B 291 -10.13 5.44 2.73
C LEU B 291 -8.64 5.58 2.48
N ALA B 292 -8.26 6.21 1.38
CA ALA B 292 -6.86 6.39 1.09
C ALA B 292 -6.18 7.37 2.02
N VAL B 293 -6.89 8.41 2.46
CA VAL B 293 -6.34 9.32 3.45
C VAL B 293 -6.18 8.62 4.78
N VAL B 294 -7.22 7.93 5.21
CA VAL B 294 -7.22 7.29 6.51
C VAL B 294 -6.34 6.04 6.52
N TYR B 295 -6.06 5.47 5.35
CA TYR B 295 -4.95 4.54 5.23
C TYR B 295 -3.63 5.25 5.46
N ASP B 296 -3.48 6.43 4.88
CA ASP B 296 -2.21 7.14 4.85
C ASP B 296 -1.84 7.67 6.22
N SER B 297 -2.80 8.19 6.97
CA SER B 297 -2.54 8.53 8.35
C SER B 297 -2.61 7.35 9.27
N PHE B 298 -2.89 6.16 8.78
CA PHE B 298 -2.63 5.00 9.60
C PHE B 298 -1.20 4.52 9.43
N LYS B 299 -0.64 4.65 8.23
CA LYS B 299 0.75 4.26 8.01
C LYS B 299 1.69 5.14 8.82
N GLU B 300 1.40 6.42 8.90
CA GLU B 300 2.31 7.33 9.58
C GLU B 300 2.20 7.21 11.09
N GLN B 301 0.98 7.12 11.62
CA GLN B 301 0.82 7.06 13.06
C GLN B 301 1.20 5.70 13.64
N LEU B 302 1.16 4.64 12.83
CA LEU B 302 1.53 3.33 13.35
C LEU B 302 3.04 3.21 13.51
N ALA B 303 3.77 3.61 12.46
CA ALA B 303 5.22 3.60 12.55
C ALA B 303 5.73 4.66 13.52
N LYS B 304 4.96 5.71 13.75
CA LYS B 304 5.27 6.62 14.84
C LYS B 304 5.08 5.96 16.18
N GLN B 305 4.25 4.93 16.26
CA GLN B 305 4.09 4.20 17.49
C GLN B 305 5.11 3.07 17.62
N VAL B 306 5.50 2.46 16.50
CA VAL B 306 6.54 1.45 16.55
C VAL B 306 7.88 2.06 16.92
N SER B 307 8.19 3.23 16.35
CA SER B 307 9.38 3.97 16.79
C SER B 307 9.22 4.58 18.17
N GLY B 308 8.00 4.71 18.68
CA GLY B 308 7.84 4.96 20.09
C GLY B 308 7.88 3.72 20.94
N MET B 309 7.88 2.56 20.30
CA MET B 309 8.03 1.29 21.00
C MET B 309 9.43 0.72 20.85
N ASP B 310 10.03 0.86 19.67
CA ASP B 310 11.40 0.42 19.46
C ASP B 310 12.37 1.19 20.32
N GLN B 311 12.11 2.46 20.56
CA GLN B 311 12.98 3.24 21.40
C GLN B 311 12.84 2.83 22.85
N MET B 312 11.76 2.14 23.21
CA MET B 312 11.63 1.57 24.53
C MET B 312 12.35 0.23 24.66
N LYS B 313 12.62 -0.45 23.54
CA LYS B 313 13.52 -1.60 23.61
C LYS B 313 14.94 -1.15 23.93
N ARG B 314 15.34 -0.03 23.34
CA ARG B 314 16.67 0.51 23.53
C ARG B 314 16.84 1.20 24.88
N ARG B 315 15.74 1.58 25.54
CA ARG B 315 15.79 1.92 26.96
C ARG B 315 16.25 0.72 27.77
N MET B 316 15.82 -0.48 27.38
CA MET B 316 16.24 -1.67 28.07
C MET B 316 17.65 -2.07 27.66
N LEU B 317 17.95 -1.95 26.38
CA LEU B 317 19.26 -2.30 25.87
C LEU B 317 20.28 -1.18 25.98
N GLU B 318 19.99 -0.13 26.74
CA GLU B 318 21.00 0.67 27.39
C GLU B 318 21.07 0.43 28.88
N LYS B 319 20.00 -0.13 29.45
CA LYS B 319 20.02 -0.64 30.81
C LYS B 319 20.56 -2.07 30.85
N ALA B 320 20.48 -2.80 29.73
CA ALA B 320 21.20 -4.07 29.65
C ALA B 320 22.69 -3.87 29.54
N PHE B 321 23.11 -2.92 28.71
CA PHE B 321 24.52 -2.65 28.46
C PHE B 321 25.16 -2.08 29.71
N GLY B 322 24.42 -1.27 30.43
CA GLY B 322 24.90 -0.49 31.54
C GLY B 322 24.75 -1.12 32.88
N LEU B 323 24.36 -2.38 32.95
CA LEU B 323 24.56 -3.14 34.16
C LEU B 323 25.88 -3.87 34.11
N ILE B 324 26.31 -4.25 32.91
CA ILE B 324 27.49 -5.08 32.74
C ILE B 324 28.75 -4.27 33.02
N ASP B 325 28.82 -3.05 32.49
CA ASP B 325 30.03 -2.23 32.61
C ASP B 325 30.17 -1.76 34.05
N SER B 326 30.68 -2.65 34.89
CA SER B 326 31.08 -2.26 36.24
C SER B 326 32.29 -1.35 36.19
N ASP B 327 33.11 -1.47 35.14
CA ASP B 327 34.18 -0.50 34.91
C ASP B 327 33.63 0.86 34.51
N LYS B 328 32.43 0.88 33.91
CA LYS B 328 31.81 2.07 33.34
C LYS B 328 32.74 2.70 32.30
N ASN B 329 32.93 2.00 31.19
CA ASN B 329 33.78 2.54 30.12
C ASN B 329 32.98 2.95 28.89
N GLY B 330 32.19 2.03 28.33
CA GLY B 330 31.54 2.26 27.05
C GLY B 330 31.42 1.01 26.20
N GLU B 331 32.22 -0.03 26.46
CA GLU B 331 32.15 -1.25 25.68
C GLU B 331 32.26 -2.46 26.59
N ILE B 332 31.85 -3.63 26.08
CA ILE B 332 31.91 -4.85 26.84
C ILE B 332 32.86 -5.84 26.19
N ASP B 333 33.20 -6.88 26.93
CA ASP B 333 34.26 -7.80 26.55
C ASP B 333 33.69 -9.06 25.93
N LYS B 334 34.43 -9.58 24.94
CA LYS B 334 33.95 -10.74 24.16
C LYS B 334 33.84 -11.98 25.03
N ASN B 335 34.86 -12.24 25.85
CA ASN B 335 34.76 -13.31 26.82
C ASN B 335 33.68 -13.02 27.86
N GLN B 336 33.49 -11.74 28.18
CA GLN B 336 32.39 -11.39 29.06
C GLN B 336 31.05 -11.53 28.36
N CYS B 337 31.03 -11.29 27.04
CA CYS B 337 29.81 -11.55 26.28
C CYS B 337 29.45 -13.02 26.29
N ILE B 338 30.45 -13.88 26.16
CA ILE B 338 30.21 -15.32 26.13
C ILE B 338 29.83 -15.83 27.52
N LYS B 339 30.56 -15.42 28.54
CA LYS B 339 30.36 -16.00 29.87
C LYS B 339 29.08 -15.51 30.52
N LEU B 340 28.49 -14.44 30.00
CA LEU B 340 27.16 -14.02 30.40
C LEU B 340 26.06 -14.66 29.57
N PHE B 341 26.41 -15.32 28.47
CA PHE B 341 25.42 -16.08 27.71
C PHE B 341 25.06 -17.38 28.41
N GLU B 342 25.79 -17.77 29.46
CA GLU B 342 25.42 -18.94 30.22
C GLU B 342 24.14 -18.69 31.02
N GLN B 343 23.98 -17.47 31.53
CA GLN B 343 22.73 -17.11 32.18
C GLN B 343 21.61 -16.92 31.16
N LEU B 344 21.98 -16.62 29.91
CA LEU B 344 21.00 -16.45 28.83
C LEU B 344 20.23 -17.73 28.55
N THR B 345 20.88 -18.89 28.72
CA THR B 345 20.29 -20.23 28.58
C THR B 345 19.62 -20.43 27.22
N ASN B 346 20.42 -20.30 26.16
CA ASN B 346 19.94 -20.48 24.79
C ASN B 346 20.60 -21.64 24.05
N TYR B 347 21.90 -21.84 24.23
CA TYR B 347 22.63 -22.86 23.49
C TYR B 347 23.77 -23.37 24.35
N ARG B 348 24.18 -24.62 24.09
CA ARG B 348 25.18 -25.27 24.91
C ARG B 348 26.59 -24.78 24.61
N THR B 349 27.06 -24.99 23.38
CA THR B 349 28.42 -24.58 23.01
C THR B 349 28.43 -23.08 22.81
N LEU B 350 28.88 -22.37 23.84
CA LEU B 350 28.81 -20.91 23.82
C LEU B 350 29.84 -20.24 22.90
N PRO B 351 31.17 -20.44 23.04
CA PRO B 351 32.10 -19.55 22.33
C PRO B 351 32.22 -19.79 20.83
N LYS B 352 31.52 -20.78 20.27
CA LYS B 352 31.59 -21.06 18.84
C LYS B 352 30.62 -20.21 18.03
N ILE B 353 29.90 -19.28 18.65
CA ILE B 353 28.89 -18.49 17.98
C ILE B 353 29.29 -17.02 17.89
N SER B 354 29.84 -16.46 18.97
CA SER B 354 30.12 -15.02 19.03
C SER B 354 31.22 -14.60 18.05
N LYS B 355 32.14 -15.52 17.72
CA LYS B 355 33.10 -15.22 16.67
C LYS B 355 32.45 -15.27 15.30
N GLU B 356 31.44 -16.12 15.12
CA GLU B 356 30.65 -16.12 13.90
C GLU B 356 29.73 -14.91 13.83
N GLU B 357 29.22 -14.44 14.98
CA GLU B 357 28.28 -13.34 15.01
C GLU B 357 28.88 -12.01 14.61
N PHE B 358 30.21 -11.84 14.76
CA PHE B 358 30.85 -10.58 14.41
C PHE B 358 30.81 -10.34 12.92
N GLY B 359 30.81 -11.40 12.11
CA GLY B 359 30.52 -11.27 10.71
C GLY B 359 29.03 -11.22 10.42
N LEU B 360 28.22 -11.79 11.31
CA LEU B 360 26.78 -11.72 11.15
C LEU B 360 26.27 -10.31 11.48
N ILE B 361 26.86 -9.68 12.49
CA ILE B 361 26.66 -8.25 12.69
C ILE B 361 27.39 -7.51 11.57
N PHE B 362 26.72 -6.51 10.99
CA PHE B 362 27.28 -5.78 9.86
C PHE B 362 28.50 -4.96 10.25
N ASP B 363 28.61 -4.55 11.51
CA ASP B 363 29.71 -3.73 11.97
C ASP B 363 30.48 -4.40 13.09
N GLU B 364 31.67 -3.88 13.32
CA GLU B 364 32.56 -4.32 14.40
C GLU B 364 33.57 -3.20 14.63
N LEU B 365 33.93 -2.98 15.89
CA LEU B 365 34.82 -1.87 16.24
C LEU B 365 36.23 -2.09 15.69
N ASP B 366 36.82 -3.24 16.03
CA ASP B 366 38.17 -3.66 15.64
C ASP B 366 39.23 -2.66 16.10
N ASP B 367 38.99 -1.99 17.22
CA ASP B 367 40.07 -1.31 17.92
C ASP B 367 40.87 -2.30 18.74
N THR B 368 40.20 -3.30 19.30
CA THR B 368 40.82 -4.46 19.91
C THR B 368 40.45 -5.70 19.10
N ARG B 369 41.03 -6.84 19.48
CA ARG B 369 40.72 -8.07 18.78
C ARG B 369 39.39 -8.64 19.24
N ASP B 370 39.16 -8.70 20.55
CA ASP B 370 37.98 -9.35 21.11
C ASP B 370 37.07 -8.38 21.85
N PHE B 371 37.58 -7.69 22.87
CA PHE B 371 36.76 -6.91 23.79
C PHE B 371 36.40 -5.57 23.15
N LYS B 372 35.46 -5.61 22.22
CA LYS B 372 35.00 -4.40 21.54
C LYS B 372 33.56 -4.62 21.09
N ILE B 373 32.61 -4.15 21.89
CA ILE B 373 31.21 -4.04 21.47
C ILE B 373 30.74 -2.63 21.86
N ASN B 374 30.56 -1.79 20.86
CA ASN B 374 29.95 -0.47 21.01
C ASN B 374 28.49 -0.66 21.38
N LYS B 375 27.87 0.38 21.96
CA LYS B 375 26.55 0.16 22.57
C LYS B 375 25.47 -0.08 21.53
N ASP B 376 25.64 0.42 20.31
CA ASP B 376 24.68 0.06 19.29
C ASP B 376 25.01 -1.26 18.63
N GLU B 377 26.25 -1.76 18.78
CA GLU B 377 26.54 -3.13 18.35
C GLU B 377 25.74 -4.12 19.19
N PHE B 378 25.70 -3.89 20.50
CA PHE B 378 24.92 -4.74 21.39
C PHE B 378 23.43 -4.53 21.21
N ALA B 379 23.01 -3.36 20.73
CA ALA B 379 21.59 -3.05 20.65
C ALA B 379 20.87 -3.85 19.60
N ASP B 380 21.59 -4.35 18.58
CA ASP B 380 21.03 -5.22 17.57
C ASP B 380 21.41 -6.68 17.79
N LEU B 381 22.40 -6.94 18.63
CA LEU B 381 22.81 -8.30 18.92
C LEU B 381 21.76 -9.04 19.72
N CYS B 382 21.29 -8.42 20.80
CA CYS B 382 20.29 -9.04 21.65
C CYS B 382 18.90 -9.01 21.01
N GLN B 383 18.74 -8.27 19.91
CA GLN B 383 17.56 -8.41 19.06
C GLN B 383 17.78 -9.32 17.87
N ALA B 384 18.89 -10.04 17.82
CA ALA B 384 19.08 -11.08 16.81
C ALA B 384 19.04 -12.48 17.39
N ILE B 385 19.58 -12.67 18.59
CA ILE B 385 19.68 -14.00 19.19
C ILE B 385 18.31 -14.55 19.52
N ALA B 386 17.41 -13.68 19.98
CA ALA B 386 16.06 -14.09 20.34
C ALA B 386 15.20 -14.41 19.12
N LEU B 387 15.63 -14.06 17.92
CA LEU B 387 14.84 -14.32 16.73
C LEU B 387 15.34 -15.50 15.91
N ARG B 388 16.62 -15.86 16.02
CA ARG B 388 17.15 -16.99 15.25
C ARG B 388 17.08 -18.31 16.03
N PHE B 389 17.60 -18.33 17.26
CA PHE B 389 17.62 -19.58 18.02
C PHE B 389 16.23 -19.93 18.54
N GLN B 390 15.66 -19.02 19.34
CA GLN B 390 14.34 -19.14 19.97
C GLN B 390 14.27 -20.42 20.81
N LYS B 391 15.11 -20.44 21.85
CA LYS B 391 15.21 -21.60 22.73
C LYS B 391 15.50 -21.09 24.14
N GLU B 392 14.43 -20.87 24.90
CA GLU B 392 14.57 -20.45 26.29
C GLU B 392 14.02 -21.48 27.27
N GLU B 393 12.77 -21.94 27.04
CA GLU B 393 12.12 -23.03 27.78
C GLU B 393 12.04 -22.72 29.28
N VAL B 394 11.17 -21.76 29.58
CA VAL B 394 10.81 -21.48 30.97
C VAL B 394 10.05 -22.69 31.51
N PRO B 395 10.54 -23.32 32.58
CA PRO B 395 9.81 -24.49 33.12
C PRO B 395 8.52 -24.12 33.82
N SER B 396 8.41 -22.90 34.33
CA SER B 396 7.19 -22.33 34.96
C SER B 396 6.64 -23.16 36.12
N VAL B 538 -1.00 -26.31 3.17
CA VAL B 538 -1.74 -25.73 2.06
C VAL B 538 -0.91 -24.59 1.46
N GLN B 539 -0.82 -24.57 0.13
CA GLN B 539 -0.04 -23.55 -0.57
C GLN B 539 -0.89 -22.57 -1.35
N ARG B 540 -1.96 -23.05 -1.98
CA ARG B 540 -2.81 -22.17 -2.78
C ARG B 540 -3.62 -21.21 -1.91
N TYR B 541 -4.03 -21.66 -0.72
CA TYR B 541 -4.85 -20.84 0.16
C TYR B 541 -4.07 -20.38 1.38
N ARG B 542 -2.75 -20.25 1.25
CA ARG B 542 -1.96 -19.99 2.45
C ARG B 542 -1.96 -18.51 2.82
N ALA B 543 -1.69 -17.64 1.85
CA ALA B 543 -1.47 -16.22 2.13
C ALA B 543 -2.72 -15.52 2.64
N PHE B 544 -3.90 -16.13 2.44
CA PHE B 544 -5.12 -15.64 3.05
C PHE B 544 -5.17 -16.01 4.51
N ILE B 545 -5.09 -17.30 4.83
CA ILE B 545 -5.22 -17.76 6.20
C ILE B 545 -3.93 -17.59 6.99
N ALA B 546 -2.82 -17.26 6.32
CA ALA B 546 -1.70 -16.69 7.05
C ALA B 546 -2.09 -15.37 7.66
N THR B 547 -2.82 -14.55 6.92
CA THR B 547 -3.29 -13.27 7.44
C THR B 547 -4.51 -13.47 8.33
N PHE B 548 -5.44 -14.34 7.93
CA PHE B 548 -6.71 -14.48 8.63
C PHE B 548 -6.53 -15.04 10.04
N ILE B 549 -5.47 -15.79 10.28
CA ILE B 549 -5.14 -16.23 11.62
C ILE B 549 -4.28 -15.20 12.36
N THR B 550 -3.46 -14.45 11.62
CA THR B 550 -2.68 -13.37 12.20
C THR B 550 -3.60 -12.28 12.76
N LEU B 551 -4.70 -12.03 12.07
CA LEU B 551 -5.51 -10.86 12.33
C LEU B 551 -6.38 -10.95 13.57
N ILE B 552 -6.69 -12.14 14.07
CA ILE B 552 -7.72 -12.24 15.10
C ILE B 552 -7.25 -11.62 16.41
N PRO B 553 -6.01 -11.76 16.89
CA PRO B 553 -5.58 -10.88 17.95
C PRO B 553 -4.98 -9.55 17.49
N SER B 554 -4.83 -9.34 16.20
CA SER B 554 -4.31 -8.06 15.74
C SER B 554 -5.39 -7.04 15.43
N LEU B 555 -6.65 -7.43 15.51
CA LEU B 555 -7.72 -6.45 15.46
C LEU B 555 -8.47 -6.32 16.78
N MET B 556 -8.22 -7.19 17.74
CA MET B 556 -8.79 -6.99 19.07
C MET B 556 -8.42 -5.69 19.80
N PRO B 557 -7.36 -4.95 19.46
CA PRO B 557 -7.32 -3.56 19.91
C PRO B 557 -7.91 -2.57 18.95
N TYR B 558 -8.27 -2.97 17.74
CA TYR B 558 -8.87 -2.05 16.81
C TYR B 558 -10.33 -2.36 16.62
N LEU B 559 -10.79 -3.47 17.18
CA LEU B 559 -12.20 -3.78 17.33
C LEU B 559 -12.60 -3.85 18.79
N GLY B 560 -11.79 -3.32 19.68
CA GLY B 560 -12.20 -3.14 21.05
C GLY B 560 -12.35 -1.67 21.30
N THR B 561 -11.78 -0.85 20.45
CA THR B 561 -12.07 0.57 20.49
C THR B 561 -13.48 0.82 20.00
N ILE B 562 -13.85 0.14 18.93
CA ILE B 562 -15.17 0.34 18.35
C ILE B 562 -16.25 -0.21 19.28
N PHE B 563 -16.01 -1.34 19.92
CA PHE B 563 -16.93 -1.81 20.95
C PHE B 563 -17.03 -0.85 22.12
N CYS B 564 -16.03 0.00 22.34
CA CYS B 564 -16.07 1.06 23.32
C CYS B 564 -16.38 2.41 22.69
N VAL B 565 -16.70 2.43 21.41
CA VAL B 565 -17.49 3.51 20.83
C VAL B 565 -18.96 3.13 20.80
N LEU B 566 -19.29 1.86 20.60
CA LEU B 566 -20.67 1.46 20.64
C LEU B 566 -21.20 1.31 22.04
N CYS B 567 -20.34 1.40 23.04
CA CYS B 567 -20.74 1.42 24.41
C CYS B 567 -20.77 2.81 24.98
N ILE B 568 -20.33 3.79 24.21
CA ILE B 568 -20.63 5.17 24.49
C ILE B 568 -21.95 5.54 23.87
N TYR B 569 -22.16 5.21 22.60
CA TYR B 569 -23.38 5.55 21.91
C TYR B 569 -24.57 4.80 22.38
N CYS B 570 -24.39 3.60 22.90
CA CYS B 570 -25.51 2.92 23.51
C CYS B 570 -26.00 3.70 24.70
N SER B 571 -25.09 4.11 25.58
CA SER B 571 -25.48 4.77 26.81
C SER B 571 -26.03 6.15 26.56
N ILE B 572 -25.57 6.81 25.50
CA ILE B 572 -26.23 7.99 25.01
C ILE B 572 -27.60 7.62 24.48
N GLY B 573 -27.65 6.66 23.55
CA GLY B 573 -28.87 6.24 22.93
C GLY B 573 -29.88 5.63 23.87
N VAL B 574 -29.45 5.01 24.97
CA VAL B 574 -30.40 4.60 26.00
C VAL B 574 -30.96 5.81 26.71
N GLN B 575 -30.27 6.94 26.70
CA GLN B 575 -30.75 8.08 27.47
C GLN B 575 -31.42 9.13 26.62
N VAL B 576 -30.95 9.34 25.41
CA VAL B 576 -31.60 10.29 24.53
C VAL B 576 -32.87 9.69 23.94
N PHE B 577 -32.80 8.48 23.39
CA PHE B 577 -33.91 7.81 22.73
C PHE B 577 -34.58 6.80 23.62
N GLY B 578 -34.72 7.06 24.91
CA GLY B 578 -34.91 6.00 25.87
C GLY B 578 -36.13 5.12 25.86
N GLY B 579 -37.30 5.57 26.28
CA GLY B 579 -38.37 4.60 26.44
C GLY B 579 -39.49 4.69 25.44
N LEU B 580 -39.19 5.04 24.17
CA LEU B 580 -40.04 5.65 23.16
C LEU B 580 -40.80 4.70 22.26
N VAL B 581 -40.14 3.67 21.75
CA VAL B 581 -40.78 2.68 20.91
C VAL B 581 -41.65 1.83 21.84
N ASN B 582 -42.88 2.24 22.05
CA ASN B 582 -43.77 1.48 22.90
C ASN B 582 -44.88 0.86 22.07
N ALA B 583 -45.46 -0.20 22.61
CA ALA B 583 -46.71 -0.67 22.07
C ALA B 583 -47.89 0.19 22.50
N GLY B 584 -47.68 1.17 23.38
CA GLY B 584 -48.63 2.24 23.53
C GLY B 584 -48.47 3.39 22.56
N ASN B 585 -47.39 3.44 21.80
CA ASN B 585 -47.13 4.63 21.01
C ASN B 585 -47.92 4.61 19.71
N LYS B 586 -48.23 5.81 19.20
CA LYS B 586 -48.95 5.99 17.95
C LYS B 586 -48.12 6.56 16.83
N LYS B 587 -47.16 7.44 17.12
CA LYS B 587 -46.28 7.90 16.08
C LYS B 587 -45.27 6.85 15.67
N LEU B 588 -45.09 5.81 16.49
CA LEU B 588 -44.26 4.66 16.12
C LEU B 588 -44.85 3.90 14.95
N PHE B 589 -46.12 3.54 15.04
CA PHE B 589 -46.72 2.55 14.16
C PHE B 589 -46.87 2.99 12.72
N GLU B 590 -46.36 4.15 12.32
CA GLU B 590 -46.35 4.54 10.93
C GLU B 590 -44.94 4.78 10.42
N THR B 591 -43.93 4.65 11.26
CA THR B 591 -42.56 4.87 10.86
C THR B 591 -42.06 3.69 10.04
N GLU B 592 -40.79 3.66 9.73
CA GLU B 592 -40.31 2.50 9.01
C GLU B 592 -39.99 1.36 9.95
N LEU B 593 -39.86 1.60 11.25
CA LEU B 593 -39.70 0.51 12.18
C LEU B 593 -40.93 -0.36 12.24
N ALA B 594 -42.10 0.20 12.05
CA ALA B 594 -43.26 -0.64 12.22
C ALA B 594 -43.58 -1.43 10.97
N GLU B 595 -43.26 -0.90 9.81
CA GLU B 595 -43.59 -1.60 8.57
C GLU B 595 -42.51 -2.60 8.18
N ASP B 596 -41.23 -2.24 8.32
CA ASP B 596 -40.15 -3.20 8.19
C ASP B 596 -40.04 -4.12 9.39
N ASP B 597 -40.80 -3.86 10.45
CA ASP B 597 -40.86 -4.69 11.67
C ASP B 597 -39.50 -4.77 12.32
N TYR B 598 -38.97 -3.62 12.70
CA TYR B 598 -37.81 -3.57 13.56
C TYR B 598 -38.31 -2.98 14.86
N LEU B 599 -38.96 -3.75 15.68
CA LEU B 599 -39.54 -3.15 16.86
C LEU B 599 -38.83 -3.58 18.11
N LEU B 600 -38.04 -4.63 18.01
CA LEU B 600 -36.81 -4.77 18.77
C LEU B 600 -35.82 -3.93 17.98
N PHE B 601 -34.52 -4.02 18.25
CA PHE B 601 -33.52 -3.14 17.63
C PHE B 601 -33.88 -1.68 17.93
N ASN B 602 -33.73 -1.35 19.15
CA ASN B 602 -34.77 -0.58 19.77
C ASN B 602 -34.30 0.71 20.37
N PHE B 603 -33.27 0.66 21.22
CA PHE B 603 -32.70 1.63 22.16
C PHE B 603 -33.42 1.73 23.46
N ASN B 604 -34.36 0.85 23.77
CA ASN B 604 -35.01 0.96 25.05
C ASN B 604 -34.24 0.30 26.15
N ASP B 605 -32.98 -0.05 25.97
CA ASP B 605 -32.20 -0.79 26.95
C ASP B 605 -30.77 -0.89 26.43
N TYR B 606 -29.89 -1.40 27.27
CA TYR B 606 -28.49 -1.40 26.91
C TYR B 606 -28.13 -2.52 25.96
N PRO B 607 -28.66 -3.75 26.05
CA PRO B 607 -28.38 -4.68 24.96
C PRO B 607 -29.49 -4.81 23.92
N ASN B 608 -30.63 -4.09 24.04
CA ASN B 608 -31.42 -3.79 22.85
C ASN B 608 -30.67 -2.84 21.94
N GLY B 609 -30.04 -1.87 22.51
CA GLY B 609 -29.42 -0.86 21.71
C GLY B 609 -27.99 -1.10 21.39
N MET B 610 -27.38 -2.10 22.01
CA MET B 610 -26.02 -2.53 21.66
C MET B 610 -26.02 -3.23 20.32
N VAL B 611 -27.07 -3.96 20.04
CA VAL B 611 -27.27 -4.67 18.79
C VAL B 611 -27.73 -3.73 17.70
N THR B 612 -28.55 -2.74 18.06
CA THR B 612 -29.05 -1.77 17.10
C THR B 612 -27.92 -1.02 16.47
N LEU B 613 -26.93 -0.68 17.26
CA LEU B 613 -25.76 -0.03 16.74
C LEU B 613 -24.92 -0.96 15.91
N PHE B 614 -25.01 -2.27 16.12
CA PHE B 614 -24.38 -3.16 15.16
C PHE B 614 -25.02 -3.07 13.80
N ASN B 615 -26.34 -3.07 13.73
CA ASN B 615 -27.00 -2.99 12.43
C ASN B 615 -26.72 -1.66 11.75
N LEU B 616 -26.60 -0.61 12.53
CA LEU B 616 -26.23 0.68 12.00
C LEU B 616 -24.80 0.72 11.56
N LEU B 617 -23.98 -0.20 12.03
CA LEU B 617 -22.55 -0.23 11.77
C LEU B 617 -22.24 -0.96 10.49
N VAL B 618 -23.01 -2.02 10.25
CA VAL B 618 -22.99 -2.79 9.03
C VAL B 618 -23.58 -2.01 7.85
N MET B 619 -24.44 -1.02 8.15
CA MET B 619 -25.25 -0.20 7.23
C MET B 619 -26.30 -1.02 6.52
N GLY B 620 -26.87 -1.97 7.20
CA GLY B 620 -27.95 -2.67 6.58
C GLY B 620 -29.21 -1.99 7.00
N ASN B 621 -29.84 -1.24 6.07
CA ASN B 621 -31.08 -0.49 6.30
C ASN B 621 -30.92 0.50 7.43
N TRP B 622 -29.80 1.23 7.43
CA TRP B 622 -29.42 1.99 8.60
C TRP B 622 -30.30 3.20 8.80
N GLN B 623 -31.00 3.64 7.76
CA GLN B 623 -31.86 4.81 7.87
C GLN B 623 -33.25 4.49 8.35
N VAL B 624 -33.63 3.24 8.51
CA VAL B 624 -34.92 2.92 9.12
C VAL B 624 -34.94 3.38 10.55
N TRP B 625 -33.85 3.17 11.27
CA TRP B 625 -33.77 3.63 12.65
C TRP B 625 -33.65 5.12 12.70
N MET B 626 -32.93 5.71 11.75
CA MET B 626 -32.71 7.15 11.77
C MET B 626 -34.00 7.91 11.53
N GLU B 627 -34.69 7.58 10.45
CA GLU B 627 -35.95 8.20 10.08
C GLU B 627 -37.07 7.87 11.02
N SER B 628 -36.88 6.94 11.95
CA SER B 628 -37.89 6.64 12.95
C SER B 628 -37.71 7.50 14.17
N TYR B 629 -36.49 7.59 14.63
CA TYR B 629 -36.23 8.40 15.80
C TYR B 629 -36.22 9.87 15.51
N LYS B 630 -36.13 10.26 14.27
CA LYS B 630 -36.41 11.64 13.99
C LYS B 630 -37.91 11.88 14.11
N ASP B 631 -38.73 10.87 13.95
CA ASP B 631 -40.16 11.00 14.06
C ASP B 631 -40.70 10.66 15.42
N LEU B 632 -40.01 9.83 16.20
CA LEU B 632 -40.45 9.52 17.56
C LEU B 632 -40.07 10.58 18.56
N THR B 633 -38.94 11.24 18.36
CA THR B 633 -38.53 12.34 19.18
C THR B 633 -38.98 13.67 18.62
N GLY B 634 -39.38 13.70 17.37
CA GLY B 634 -40.04 14.86 16.83
C GLY B 634 -39.06 15.76 16.13
N THR B 635 -37.98 16.06 16.83
CA THR B 635 -37.03 17.05 16.38
C THR B 635 -36.20 16.51 15.21
N TRP B 636 -35.57 17.42 14.48
CA TRP B 636 -34.50 17.02 13.58
C TRP B 636 -33.20 16.79 14.30
N TRP B 637 -33.15 16.97 15.60
CA TRP B 637 -31.88 16.88 16.28
C TRP B 637 -31.50 15.45 16.59
N SER B 638 -32.45 14.52 16.47
CA SER B 638 -32.13 13.11 16.60
C SER B 638 -31.34 12.59 15.42
N ILE B 639 -31.30 13.35 14.32
CA ILE B 639 -30.48 13.02 13.17
C ILE B 639 -29.03 12.99 13.58
N THR B 640 -28.62 13.92 14.43
CA THR B 640 -27.22 14.15 14.72
C THR B 640 -26.60 13.01 15.54
N TYR B 641 -27.41 12.21 16.22
CA TYR B 641 -26.89 10.98 16.83
C TYR B 641 -26.45 9.99 15.78
N PHE B 642 -27.17 9.90 14.67
CA PHE B 642 -27.00 8.89 13.63
C PHE B 642 -26.11 9.35 12.50
N VAL B 643 -25.75 10.62 12.47
CA VAL B 643 -24.71 11.14 11.60
C VAL B 643 -23.36 11.14 12.30
N SER B 644 -23.35 11.34 13.62
CA SER B 644 -22.12 11.23 14.39
C SER B 644 -21.59 9.82 14.38
N PHE B 645 -22.47 8.84 14.47
CA PHE B 645 -22.09 7.45 14.42
C PHE B 645 -21.52 7.11 13.08
N TYR B 646 -22.02 7.76 12.04
CA TYR B 646 -21.52 7.50 10.71
C TYR B 646 -20.09 8.00 10.57
N VAL B 647 -19.84 9.21 11.03
CA VAL B 647 -18.59 9.89 10.79
C VAL B 647 -17.47 9.26 11.60
N ILE B 648 -17.73 9.05 12.89
CA ILE B 648 -16.76 8.46 13.79
C ILE B 648 -16.48 7.02 13.45
N THR B 649 -17.48 6.27 13.05
CA THR B 649 -17.26 4.86 12.93
C THR B 649 -17.18 4.40 11.50
N ILE B 650 -17.26 5.29 10.52
CA ILE B 650 -16.67 5.04 9.21
C ILE B 650 -15.49 6.01 8.98
N LEU B 651 -14.92 6.50 10.07
CA LEU B 651 -13.48 6.57 10.28
C LEU B 651 -12.97 5.25 10.83
N LEU B 652 -13.56 4.78 11.92
CA LEU B 652 -13.05 3.61 12.62
C LEU B 652 -13.19 2.34 11.80
N LEU B 653 -14.25 2.21 11.03
CA LEU B 653 -14.33 1.01 10.23
C LEU B 653 -13.62 1.13 8.91
N LEU B 654 -12.98 2.25 8.64
CA LEU B 654 -12.07 2.35 7.52
C LEU B 654 -10.64 2.51 7.96
N ASN B 655 -10.41 3.10 9.12
CA ASN B 655 -9.03 3.22 9.60
C ASN B 655 -8.54 1.90 10.09
N LEU B 656 -8.95 1.58 11.28
CA LEU B 656 -8.19 0.62 12.02
C LEU B 656 -8.64 -0.78 11.66
N VAL B 657 -9.64 -0.89 10.79
CA VAL B 657 -10.20 -2.18 10.43
C VAL B 657 -9.94 -2.50 8.97
N VAL B 658 -10.20 -1.57 8.07
CA VAL B 658 -9.90 -1.87 6.67
C VAL B 658 -8.42 -1.73 6.39
N ALA B 659 -7.86 -0.56 6.69
CA ALA B 659 -6.48 -0.25 6.37
C ALA B 659 -5.50 -1.11 7.14
N PHE B 660 -5.94 -1.72 8.22
CA PHE B 660 -5.09 -2.67 8.90
C PHE B 660 -5.05 -3.98 8.16
N VAL B 661 -6.20 -4.47 7.71
CA VAL B 661 -6.31 -5.75 7.04
C VAL B 661 -5.69 -5.68 5.65
N LEU B 662 -5.52 -4.49 5.08
CA LEU B 662 -4.68 -4.40 3.90
C LEU B 662 -3.21 -4.55 4.27
N GLU B 663 -2.71 -3.74 5.20
CA GLU B 663 -1.30 -3.81 5.58
C GLU B 663 -0.96 -5.07 6.35
N ALA B 664 -1.92 -5.80 6.88
CA ALA B 664 -1.60 -7.08 7.48
C ALA B 664 -1.60 -8.20 6.47
N PHE B 665 -2.21 -7.97 5.32
CA PHE B 665 -2.06 -8.91 4.22
C PHE B 665 -0.70 -8.76 3.56
N PHE B 666 -0.18 -7.54 3.51
CA PHE B 666 1.09 -7.28 2.85
C PHE B 666 2.28 -7.68 3.69
N THR B 667 2.05 -8.13 4.91
CA THR B 667 3.09 -8.67 5.76
C THR B 667 3.09 -10.18 5.80
N GLU B 668 1.92 -10.82 5.73
CA GLU B 668 1.85 -12.23 5.38
C GLU B 668 1.77 -12.45 3.90
N LEU B 669 2.45 -11.60 3.13
CA LEU B 669 2.69 -11.80 1.71
C LEU B 669 4.17 -11.63 1.50
N ASP B 670 4.80 -10.83 2.34
CA ASP B 670 6.25 -10.69 2.30
C ASP B 670 6.97 -11.65 3.24
N LEU B 671 6.25 -12.31 4.14
CA LEU B 671 6.75 -13.46 4.87
C LEU B 671 6.46 -14.77 4.15
N GLU B 672 5.94 -14.71 2.94
CA GLU B 672 5.85 -15.86 2.06
C GLU B 672 6.67 -15.72 0.81
N GLU B 673 6.83 -14.51 0.28
CA GLU B 673 7.67 -14.34 -0.91
C GLU B 673 9.13 -14.29 -0.53
N GLU B 674 9.48 -13.51 0.49
CA GLU B 674 10.87 -13.44 0.93
C GLU B 674 11.28 -14.62 1.80
N GLU B 675 10.33 -15.48 2.19
CA GLU B 675 10.68 -16.71 2.89
C GLU B 675 11.45 -17.66 2.00
N LYS B 676 11.17 -17.64 0.70
CA LYS B 676 12.00 -18.38 -0.26
C LYS B 676 13.41 -17.82 -0.32
N CYS B 677 13.56 -16.50 -0.15
CA CYS B 677 14.88 -15.89 -0.09
C CYS B 677 15.60 -16.19 1.22
N GLN B 678 14.89 -16.58 2.28
CA GLN B 678 15.52 -16.90 3.55
C GLN B 678 16.21 -18.26 3.56
N GLY B 679 15.93 -19.11 2.58
CA GLY B 679 16.59 -20.41 2.52
C GLY B 679 17.52 -20.53 1.34
N GLN B 680 17.54 -19.53 0.48
CA GLN B 680 18.32 -19.54 -0.74
C GLN B 680 19.42 -18.48 -0.78
N ASP B 681 19.14 -17.27 -0.30
CA ASP B 681 20.15 -16.22 -0.34
C ASP B 681 21.18 -16.40 0.76
N SER B 682 20.73 -16.68 1.98
CA SER B 682 21.64 -16.91 3.10
C SER B 682 20.92 -17.76 4.14
N GLN B 683 21.63 -18.75 4.69
CA GLN B 683 21.03 -19.64 5.68
C GLN B 683 20.91 -18.96 7.04
N GLU B 684 21.77 -18.00 7.33
CA GLU B 684 21.73 -17.25 8.57
C GLU B 684 21.29 -15.82 8.30
N LYS B 685 20.68 -15.21 9.32
CA LYS B 685 19.99 -13.93 9.15
C LYS B 685 20.98 -12.77 9.13
N ARG B 686 20.81 -11.87 8.16
CA ARG B 686 21.55 -10.62 8.09
C ARG B 686 20.69 -9.47 8.58
N ASN B 687 21.35 -8.38 8.97
CA ASN B 687 20.65 -7.24 9.55
C ASN B 687 20.33 -6.14 8.54
N ARG B 688 21.15 -5.98 7.50
CA ARG B 688 20.93 -4.91 6.53
C ARG B 688 19.89 -5.27 5.47
N ARG B 689 19.68 -6.56 5.21
CA ARG B 689 18.63 -6.97 4.27
C ARG B 689 17.24 -6.74 4.86
N ARG B 690 17.10 -6.91 6.18
CA ARG B 690 15.82 -6.67 6.84
C ARG B 690 15.49 -5.18 6.87
N SER B 691 16.50 -4.33 7.07
CA SER B 691 16.28 -2.88 7.06
C SER B 691 15.99 -2.37 5.65
N ALA B 692 16.51 -3.05 4.63
CA ALA B 692 16.26 -2.61 3.26
C ALA B 692 14.89 -3.07 2.76
N GLY B 693 14.43 -4.24 3.20
CA GLY B 693 13.13 -4.74 2.77
C GLY B 693 11.95 -4.07 3.41
N SER B 694 12.16 -3.36 4.54
CA SER B 694 11.06 -2.68 5.21
C SER B 694 10.66 -1.41 4.47
N LYS B 695 11.65 -0.63 4.01
CA LYS B 695 11.35 0.59 3.27
C LYS B 695 10.89 0.29 1.84
N SER B 696 11.22 -0.88 1.31
CA SER B 696 10.95 -1.18 -0.09
C SER B 696 9.50 -1.53 -0.36
N ARG B 697 8.77 -2.02 0.63
CA ARG B 697 7.35 -2.31 0.45
C ARG B 697 6.53 -1.73 1.59
N MET C 4 16.47 24.26 39.70
CA MET C 4 17.66 24.75 39.02
C MET C 4 18.18 26.04 39.64
N THR C 5 18.06 26.17 40.95
CA THR C 5 18.56 27.33 41.68
C THR C 5 19.54 26.91 42.75
N GLN C 6 20.74 27.47 42.72
CA GLN C 6 21.79 27.21 43.69
C GLN C 6 21.48 27.92 45.01
N SER C 7 22.36 27.76 45.99
CA SER C 7 22.26 28.53 47.23
C SER C 7 23.62 28.68 47.87
N PRO C 8 24.14 29.91 47.99
CA PRO C 8 25.49 30.15 48.52
C PRO C 8 25.56 30.02 50.03
N THR C 20 29.16 24.84 52.16
CA THR C 20 27.94 24.07 52.17
C THR C 20 26.98 24.69 51.18
N ILE C 21 26.73 24.01 50.06
CA ILE C 21 26.01 24.59 48.95
C ILE C 21 24.82 23.70 48.61
N THR C 22 23.68 24.30 48.34
CA THR C 22 22.58 23.46 47.89
C THR C 22 22.08 23.89 46.52
N CYS C 23 21.24 23.04 45.96
CA CYS C 23 20.64 23.25 44.65
C CYS C 23 19.13 23.08 44.78
N ARG C 24 18.39 23.05 43.68
CA ARG C 24 16.95 22.98 43.78
C ARG C 24 16.41 21.87 42.91
N ALA C 25 15.11 21.60 43.10
CA ALA C 25 14.28 20.70 42.29
C ALA C 25 14.85 19.30 42.12
N SER C 28 12.19 13.60 38.96
CA SER C 28 13.36 14.42 39.24
C SER C 28 13.45 14.79 40.72
N VAL C 29 13.57 13.79 41.58
CA VAL C 29 13.70 14.02 43.01
C VAL C 29 14.97 13.41 43.60
N SER C 30 15.40 12.24 43.12
CA SER C 30 16.58 11.68 43.78
C SER C 30 17.65 11.16 42.83
N SER C 31 17.31 10.84 41.59
CA SER C 31 18.33 10.44 40.63
C SER C 31 18.37 11.35 39.40
N ALA C 32 18.34 12.66 39.63
CA ALA C 32 18.47 13.68 38.61
C ALA C 32 19.36 14.82 39.10
N VAL C 33 20.51 14.50 39.70
CA VAL C 33 21.43 15.54 40.17
C VAL C 33 22.91 15.15 40.17
N ALA C 34 23.76 15.87 39.38
CA ALA C 34 25.22 15.83 39.48
C ALA C 34 25.74 17.19 39.80
N TRP C 35 26.94 17.26 40.32
CA TRP C 35 27.43 18.49 40.94
C TRP C 35 28.85 18.85 40.52
N TYR C 36 29.03 19.95 39.81
CA TYR C 36 30.35 20.11 39.23
C TYR C 36 31.13 21.14 40.04
N GLN C 37 32.28 21.55 39.53
CA GLN C 37 33.14 22.55 40.12
C GLN C 37 34.04 23.00 39.04
N GLY C 41 39.12 30.24 33.18
CA GLY C 41 40.31 29.43 33.34
C GLY C 41 40.03 27.95 33.28
N LYS C 42 39.17 27.47 34.16
CA LYS C 42 38.84 26.06 34.18
C LYS C 42 37.62 25.77 33.31
N ALA C 43 37.62 24.60 32.70
CA ALA C 43 36.37 23.96 32.37
C ALA C 43 35.81 23.35 33.64
N PRO C 44 34.49 23.14 33.73
CA PRO C 44 33.94 22.41 34.86
C PRO C 44 34.51 21.01 34.96
N LYS C 45 34.92 20.67 36.16
CA LYS C 45 35.32 19.31 36.46
C LYS C 45 34.10 18.66 37.09
N LEU C 46 33.80 17.42 36.74
CA LEU C 46 32.73 16.73 37.44
C LEU C 46 33.19 16.42 38.84
N LEU C 47 32.27 16.48 39.80
CA LEU C 47 32.61 15.98 41.14
C LEU C 47 31.76 14.81 41.61
N ILE C 48 30.45 14.95 41.70
CA ILE C 48 29.60 13.92 42.28
C ILE C 48 28.49 13.63 41.31
N TYR C 49 28.60 12.56 40.55
CA TYR C 49 27.42 12.13 39.82
C TYR C 49 26.53 11.45 40.83
N SER C 50 25.22 11.50 40.59
CA SER C 50 24.11 11.01 41.42
C SER C 50 23.85 11.79 42.69
N ALA C 51 24.70 12.76 43.00
CA ALA C 51 24.75 13.47 44.30
C ALA C 51 24.87 12.52 45.48
N SER C 52 25.46 11.35 45.27
CA SER C 52 25.89 10.52 46.39
C SER C 52 27.13 9.70 46.04
N SER C 53 27.69 9.86 44.85
CA SER C 53 28.70 8.96 44.32
C SER C 53 29.88 9.82 43.91
N LEU C 54 30.92 9.86 44.73
CA LEU C 54 32.12 10.63 44.43
C LEU C 54 32.79 10.11 43.16
N TYR C 55 32.89 10.97 42.15
CA TYR C 55 33.62 10.59 40.96
C TYR C 55 35.10 10.53 41.30
N SER C 56 35.81 9.66 40.57
CA SER C 56 37.19 9.29 40.87
C SER C 56 38.15 10.45 40.67
N GLY C 57 39.37 10.25 41.15
CA GLY C 57 40.41 11.26 41.07
C GLY C 57 40.21 12.45 41.99
N VAL C 58 39.26 12.39 42.90
CA VAL C 58 38.83 13.57 43.65
C VAL C 58 38.94 13.30 45.15
N PRO C 59 39.52 14.22 45.92
CA PRO C 59 39.47 14.09 47.39
C PRO C 59 38.04 14.16 47.90
N SER C 60 37.81 13.47 49.02
CA SER C 60 36.47 13.29 49.56
C SER C 60 36.02 14.44 50.43
N ARG C 61 36.63 15.61 50.32
CA ARG C 61 36.10 16.77 51.01
C ARG C 61 34.83 17.29 50.34
N PHE C 62 34.54 16.86 49.12
CA PHE C 62 33.29 17.14 48.45
C PHE C 62 32.43 15.88 48.45
N SER C 63 31.28 15.95 49.13
CA SER C 63 30.33 14.87 49.15
C SER C 63 28.96 15.42 48.77
N GLY C 64 28.03 14.50 48.49
CA GLY C 64 26.71 14.88 48.06
C GLY C 64 25.65 14.17 48.89
N SER C 65 24.45 14.75 48.85
CA SER C 65 23.31 14.18 49.56
CA SER C 65 23.31 14.18 49.56
C SER C 65 22.02 14.75 48.96
N ARG C 66 21.09 13.86 48.63
CA ARG C 66 19.78 14.28 48.14
C ARG C 66 18.86 14.40 49.34
N SER C 67 18.34 15.61 49.57
CA SER C 67 17.40 15.86 50.67
C SER C 67 16.10 16.36 50.04
N GLY C 68 15.28 15.42 49.60
CA GLY C 68 13.97 15.70 49.03
C GLY C 68 14.01 16.56 47.79
N THR C 69 13.53 17.80 47.93
CA THR C 69 13.60 18.79 46.89
C THR C 69 14.80 19.71 47.04
N ASP C 70 15.78 19.30 47.83
CA ASP C 70 17.05 20.01 47.97
C ASP C 70 18.19 19.04 47.73
N PHE C 71 19.28 19.57 47.17
CA PHE C 71 20.43 18.78 46.77
C PHE C 71 21.62 19.31 47.55
N THR C 72 22.05 18.56 48.56
CA THR C 72 23.13 18.98 49.44
C THR C 72 24.46 18.52 48.86
N LEU C 73 24.98 19.35 47.96
CA LEU C 73 26.38 19.54 47.69
C LEU C 73 27.06 20.01 48.99
N THR C 74 28.36 19.73 49.16
CA THR C 74 28.94 19.90 50.51
C THR C 74 30.39 20.33 50.51
N ILE C 75 30.66 21.48 51.14
CA ILE C 75 32.01 21.94 51.45
C ILE C 75 32.37 21.50 52.85
N SER C 76 33.49 20.80 53.00
CA SER C 76 33.98 20.47 54.33
C SER C 76 35.33 21.08 54.63
N SER C 77 36.34 20.80 53.81
CA SER C 77 37.72 21.17 54.10
C SER C 77 38.10 22.46 53.39
N LEU C 78 38.98 23.21 54.02
CA LEU C 78 39.44 24.50 53.50
C LEU C 78 40.92 24.40 53.17
N GLN C 79 41.29 25.00 52.04
CA GLN C 79 42.67 24.92 51.57
C GLN C 79 43.24 26.31 51.33
N TYR C 86 30.34 24.18 40.58
CA TYR C 86 29.40 24.46 41.63
C TYR C 86 28.19 24.79 40.86
N TYR C 87 27.95 23.90 39.91
CA TYR C 87 26.98 24.05 38.84
C TYR C 87 26.20 22.76 38.86
N CYS C 88 25.25 22.62 39.78
CA CYS C 88 24.44 21.42 39.90
C CYS C 88 23.63 21.19 38.63
N GLN C 89 23.18 19.97 38.40
CA GLN C 89 22.60 19.64 37.11
C GLN C 89 21.39 18.73 37.26
N GLN C 90 20.46 18.78 36.32
CA GLN C 90 19.19 18.09 36.44
C GLN C 90 18.48 17.99 35.09
N SER C 91 18.22 16.78 34.59
CA SER C 91 17.36 16.53 33.44
C SER C 91 16.14 15.73 33.84
N SER C 92 15.26 15.50 32.87
CA SER C 92 14.30 14.40 33.00
C SER C 92 14.34 13.43 31.83
N SER C 93 14.22 13.88 30.59
CA SER C 93 14.30 12.97 29.47
C SER C 93 15.42 13.32 28.52
N SER C 94 15.48 14.52 28.04
CA SER C 94 16.61 14.87 27.21
C SER C 94 17.01 16.31 27.41
N LEU C 95 16.31 17.04 28.27
CA LEU C 95 16.49 18.48 28.40
C LEU C 95 16.96 18.73 29.82
N ILE C 96 18.01 19.52 29.96
CA ILE C 96 18.87 19.41 31.13
C ILE C 96 19.05 20.82 31.68
N THR C 97 19.09 20.93 32.98
CA THR C 97 18.91 22.20 33.65
C THR C 97 20.04 22.40 34.65
N PHE C 98 20.95 23.29 34.34
CA PHE C 98 22.08 23.56 35.22
C PHE C 98 21.68 24.33 36.47
N GLY C 99 22.69 24.86 37.12
CA GLY C 99 22.55 25.96 38.04
C GLY C 99 23.53 27.03 37.59
N GLN C 100 23.60 28.10 38.35
CA GLN C 100 24.32 29.27 37.90
C GLN C 100 24.70 30.16 39.07
N VAL D 2 41.96 10.42 22.88
CA VAL D 2 40.77 9.86 23.48
C VAL D 2 39.78 10.99 23.79
N GLN D 3 40.30 12.01 24.47
CA GLN D 3 39.49 13.11 24.98
C GLN D 3 39.03 14.01 23.83
N LEU D 4 38.16 14.95 24.19
CA LEU D 4 37.38 15.69 23.20
C LEU D 4 38.19 16.69 22.40
N VAL D 5 37.80 16.87 21.15
CA VAL D 5 38.25 17.97 20.32
C VAL D 5 37.04 18.63 19.70
N GLU D 6 36.84 19.92 19.96
CA GLU D 6 35.88 20.74 19.24
C GLU D 6 36.58 21.40 18.05
N SER D 7 35.85 21.56 16.96
CA SER D 7 36.35 22.32 15.83
C SER D 7 35.18 22.92 15.06
N GLY D 8 35.46 23.96 14.29
CA GLY D 8 34.44 24.76 13.65
C GLY D 8 34.20 26.10 14.31
N GLY D 9 34.85 26.35 15.45
CA GLY D 9 34.72 27.60 16.16
C GLY D 9 35.64 28.67 15.61
N GLY D 10 35.25 29.28 14.51
CA GLY D 10 36.04 30.34 13.92
C GLY D 10 35.67 31.72 14.42
N LEU D 11 35.48 32.65 13.49
CA LEU D 11 35.09 34.02 13.80
C LEU D 11 33.79 34.30 13.06
N VAL D 12 32.71 34.38 13.81
CA VAL D 12 31.38 34.42 13.23
C VAL D 12 30.87 35.86 13.21
N GLN D 13 30.12 36.18 12.18
CA GLN D 13 29.40 37.44 12.08
C GLN D 13 27.94 37.22 12.47
N PRO D 14 27.25 38.26 12.94
CA PRO D 14 25.80 38.14 13.09
C PRO D 14 25.13 38.01 11.73
N GLY D 15 23.92 37.45 11.75
CA GLY D 15 23.30 37.07 10.50
C GLY D 15 23.61 35.61 10.22
N GLY D 16 24.68 35.37 9.48
CA GLY D 16 25.17 34.02 9.26
C GLY D 16 25.67 33.36 10.53
N SER D 17 26.12 32.11 10.36
CA SER D 17 26.50 31.32 11.52
CA SER D 17 26.49 31.30 11.52
C SER D 17 27.62 30.36 11.10
N LEU D 18 28.01 29.49 12.02
CA LEU D 18 29.07 28.52 11.77
C LEU D 18 28.51 27.11 11.78
N ARG D 19 29.43 26.16 11.68
CA ARG D 19 29.12 24.73 11.75
C ARG D 19 30.22 24.07 12.54
N LEU D 20 29.87 23.58 13.72
CA LEU D 20 30.84 23.01 14.64
C LEU D 20 31.15 21.56 14.29
N SER D 21 31.95 20.93 15.15
CA SER D 21 32.40 19.55 15.01
C SER D 21 33.00 19.16 16.33
N CYS D 22 32.78 17.91 16.74
CA CYS D 22 33.17 17.46 18.09
C CYS D 22 33.90 16.13 17.96
N ALA D 23 35.21 16.20 17.80
CA ALA D 23 36.02 15.03 17.48
C ALA D 23 36.32 14.23 18.73
N ALA D 24 36.59 12.95 18.54
CA ALA D 24 36.66 12.02 19.65
C ALA D 24 37.41 10.77 19.27
N SER D 25 38.08 10.16 20.26
CA SER D 25 38.89 8.97 19.99
C SER D 25 38.77 7.90 21.07
N GLY D 26 37.79 8.00 21.95
CA GLY D 26 37.52 6.99 22.95
C GLY D 26 36.17 6.33 22.75
N PHE D 27 35.83 6.02 21.49
CA PHE D 27 34.57 5.45 21.02
C PHE D 27 33.35 6.20 21.60
N ASN D 28 33.16 7.40 21.06
CA ASN D 28 32.29 8.38 21.68
C ASN D 28 31.14 8.81 20.79
N VAL D 29 30.70 7.92 19.91
CA VAL D 29 29.30 7.84 19.56
C VAL D 29 28.86 6.40 19.67
N TYR D 30 27.54 6.25 19.78
CA TYR D 30 26.67 5.12 20.06
C TYR D 30 26.73 4.67 21.52
N SER D 31 27.78 5.02 22.25
CA SER D 31 27.97 4.45 23.59
C SER D 31 28.12 5.48 24.66
N TYR D 32 28.50 6.70 24.34
CA TYR D 32 29.02 7.56 25.38
C TYR D 32 28.59 8.97 25.06
N SER D 33 27.36 9.12 24.59
CA SER D 33 26.94 10.12 23.61
C SER D 33 27.17 11.60 24.01
N ILE D 34 27.10 12.54 23.01
CA ILE D 34 27.67 13.89 23.09
C ILE D 34 26.65 14.88 23.64
N HIS D 35 27.11 15.94 24.34
CA HIS D 35 26.30 17.07 24.75
C HIS D 35 27.03 18.39 24.52
N TRP D 36 26.37 19.31 23.82
CA TRP D 36 26.89 20.67 23.64
C TRP D 36 26.37 21.61 24.74
N VAL D 37 27.28 22.10 25.55
CA VAL D 37 27.00 23.03 26.63
C VAL D 37 27.95 24.20 26.43
N ARG D 38 27.46 25.43 26.56
CA ARG D 38 28.26 26.61 26.32
C ARG D 38 28.39 27.43 27.57
N GLN D 39 29.12 28.55 27.47
CA GLN D 39 29.09 29.55 28.54
C GLN D 39 29.42 30.93 27.98
N ALA D 40 28.45 31.83 28.01
CA ALA D 40 28.72 33.22 27.72
C ALA D 40 29.61 33.80 28.82
N PRO D 41 30.52 34.73 28.48
CA PRO D 41 31.49 35.22 29.48
C PRO D 41 30.83 35.98 30.61
N GLY D 42 31.19 35.62 31.83
CA GLY D 42 30.55 36.12 33.03
C GLY D 42 29.36 35.33 33.49
N LYS D 43 28.67 34.65 32.58
CA LYS D 43 27.49 33.88 32.90
C LYS D 43 27.87 32.52 33.50
N GLY D 44 26.85 31.72 33.80
CA GLY D 44 27.04 30.32 34.08
C GLY D 44 26.97 29.53 32.81
N LEU D 45 26.96 28.20 32.95
CA LEU D 45 26.87 27.38 31.76
C LEU D 45 25.46 27.41 31.20
N GLU D 46 25.32 26.82 30.03
CA GLU D 46 24.01 26.68 29.43
C GLU D 46 24.07 25.51 28.49
N TRP D 47 23.11 24.62 28.58
CA TRP D 47 23.06 23.49 27.70
C TRP D 47 22.47 23.88 26.36
N VAL D 48 23.17 23.60 25.25
CA VAL D 48 22.62 23.98 23.96
C VAL D 48 22.27 22.85 23.00
N ALA D 49 22.92 21.69 23.09
CA ALA D 49 22.50 20.60 22.21
C ALA D 49 22.94 19.24 22.72
N SER D 50 22.05 18.26 22.59
CA SER D 50 22.34 16.84 22.85
C SER D 50 22.02 16.00 21.63
N ILE D 51 22.34 14.71 21.75
CA ILE D 51 22.31 13.78 20.63
C ILE D 51 22.39 12.36 21.17
N SER D 52 21.78 11.43 20.46
CA SER D 52 22.09 10.02 20.61
C SER D 52 22.43 9.48 19.25
N SER D 53 23.62 8.96 19.10
CA SER D 53 23.83 8.12 17.95
C SER D 53 23.27 6.74 18.22
N TYR D 54 23.00 6.42 19.48
CA TYR D 54 22.39 5.16 19.85
C TYR D 54 20.91 5.15 19.50
N TYR D 55 20.13 5.98 20.18
CA TYR D 55 18.67 5.94 20.07
C TYR D 55 18.17 6.56 18.78
N SER D 56 19.05 7.24 18.04
CA SER D 56 18.71 8.18 16.97
C SER D 56 17.70 9.21 17.47
N SER D 57 18.15 10.03 18.42
CA SER D 57 17.40 11.21 18.84
C SER D 57 18.40 12.33 19.06
N THR D 58 18.15 13.44 18.39
CA THR D 58 19.00 14.62 18.41
C THR D 58 18.17 15.77 18.97
N SER D 59 18.13 15.91 20.28
CA SER D 59 17.22 16.86 20.90
C SER D 59 17.98 17.93 21.65
N TYR D 60 17.35 19.09 21.78
CA TYR D 60 18.00 20.27 22.30
C TYR D 60 16.95 21.23 22.85
N ALA D 61 17.40 22.41 23.26
CA ALA D 61 16.88 23.08 24.45
C ALA D 61 15.57 23.80 24.20
N ASP D 62 15.26 24.73 25.11
CA ASP D 62 14.08 25.57 25.01
C ASP D 62 14.39 26.88 24.29
N SER D 63 15.36 27.62 24.79
CA SER D 63 15.69 28.93 24.25
C SER D 63 16.46 28.85 22.94
N VAL D 64 16.82 27.66 22.48
CA VAL D 64 17.52 27.55 21.21
C VAL D 64 16.76 26.58 20.33
N LYS D 65 15.47 26.38 20.62
CA LYS D 65 14.76 25.28 19.98
C LYS D 65 14.43 25.66 18.54
N GLY D 66 15.01 24.93 17.60
CA GLY D 66 14.88 25.24 16.20
C GLY D 66 15.96 26.14 15.66
N ARG D 67 16.64 26.90 16.52
CA ARG D 67 17.72 27.74 16.06
C ARG D 67 18.93 26.91 15.63
N PHE D 68 19.39 26.01 16.50
CA PHE D 68 20.68 25.36 16.35
C PHE D 68 20.51 23.88 16.02
N THR D 69 21.13 23.45 14.93
CA THR D 69 20.94 22.10 14.40
C THR D 69 22.16 21.25 14.72
N ILE D 70 21.92 20.02 15.18
CA ILE D 70 22.98 19.10 15.55
C ILE D 70 22.96 17.91 14.60
N SER D 71 24.12 17.38 14.26
CA SER D 71 24.25 16.15 13.51
C SER D 71 25.52 15.44 13.97
N ALA D 72 25.87 14.36 13.27
CA ALA D 72 26.98 13.53 13.72
C ALA D 72 27.73 12.98 12.53
N ASP D 73 28.88 12.39 12.83
CA ASP D 73 29.59 11.52 11.90
C ASP D 73 30.16 10.39 12.74
N THR D 74 29.55 9.21 12.64
CA THR D 74 29.99 8.10 13.47
C THR D 74 31.32 7.56 13.00
N SER D 75 31.60 7.66 11.68
CA SER D 75 32.77 7.03 11.10
C SER D 75 34.05 7.71 11.53
N LYS D 76 33.99 9.00 11.85
CA LYS D 76 35.10 9.70 12.46
C LYS D 76 34.77 10.22 13.85
N ASN D 77 33.66 9.74 14.45
CA ASN D 77 33.29 9.98 15.85
C ASN D 77 33.09 11.46 16.14
N THR D 78 32.57 12.18 15.16
CA THR D 78 32.45 13.63 15.21
C THR D 78 30.98 14.00 15.34
N ALA D 79 30.69 14.94 16.23
CA ALA D 79 29.36 15.52 16.37
C ALA D 79 29.38 16.95 15.82
N TYR D 80 28.76 17.14 14.66
CA TYR D 80 28.63 18.47 14.07
C TYR D 80 27.60 19.26 14.83
N LEU D 81 27.60 20.58 14.63
CA LEU D 81 26.54 21.44 15.16
C LEU D 81 26.37 22.62 14.22
N GLN D 82 25.28 22.62 13.46
CA GLN D 82 24.94 23.76 12.63
C GLN D 82 24.29 24.84 13.49
N MET D 83 24.69 26.09 13.25
CA MET D 83 24.36 27.14 14.20
C MET D 83 23.30 28.09 13.64
N GLU D 89 22.31 37.29 20.66
CA GLU D 89 23.50 37.38 21.50
C GLU D 89 24.07 36.00 21.80
N ASP D 90 24.60 35.35 20.76
CA ASP D 90 25.22 34.04 20.90
C ASP D 90 26.71 34.12 21.18
N THR D 91 27.17 35.24 21.74
CA THR D 91 28.58 35.45 22.07
C THR D 91 28.94 34.49 23.19
N ALA D 92 29.58 33.39 22.85
CA ALA D 92 29.63 32.26 23.75
C ALA D 92 30.97 31.55 23.66
N VAL D 93 31.15 30.63 24.59
CA VAL D 93 32.32 29.76 24.68
C VAL D 93 31.80 28.34 24.72
N TYR D 94 31.98 27.61 23.62
CA TYR D 94 31.36 26.30 23.50
C TYR D 94 32.28 25.21 24.03
N TYR D 95 31.65 24.23 24.64
CA TYR D 95 32.27 23.06 25.23
C TYR D 95 31.51 21.84 24.73
N CYS D 96 32.18 20.70 24.66
CA CYS D 96 31.54 19.41 24.44
C CYS D 96 31.55 18.57 25.71
N ALA D 97 30.86 17.45 25.64
CA ALA D 97 30.65 16.67 26.84
C ALA D 97 30.29 15.23 26.53
N ARG D 98 30.64 14.35 27.44
CA ARG D 98 30.45 12.92 27.23
C ARG D 98 29.76 12.33 28.45
N SER D 99 28.44 12.34 28.43
CA SER D 99 27.67 11.62 29.42
C SER D 99 27.58 10.20 28.96
N TYR D 100 27.64 9.28 29.89
CA TYR D 100 27.38 7.92 29.45
C TYR D 100 25.88 7.69 29.27
N TRP D 101 25.07 8.21 30.14
CA TRP D 101 23.65 7.96 30.01
C TRP D 101 23.12 9.03 29.08
N TYR D 102 22.05 8.74 28.37
CA TYR D 102 21.44 9.77 27.53
C TYR D 102 20.18 10.32 28.15
N TRP D 103 19.28 9.47 28.63
CA TRP D 103 17.98 10.00 29.03
C TRP D 103 18.08 10.82 30.32
N ARG D 104 18.47 10.24 31.40
CA ARG D 104 18.60 11.05 32.55
C ARG D 104 20.06 11.01 32.93
N THR D 105 20.86 11.77 32.20
CA THR D 105 22.29 11.94 32.40
C THR D 105 22.66 12.84 33.52
N SER D 106 21.73 13.17 34.38
CA SER D 106 22.01 14.20 35.33
C SER D 106 22.72 13.64 36.51
N THR D 107 22.62 12.35 36.70
CA THR D 107 22.99 11.66 37.91
C THR D 107 23.90 10.48 37.65
N LEU D 108 23.62 9.77 36.61
CA LEU D 108 24.28 8.52 36.42
C LEU D 108 25.34 8.63 35.34
N GLY D 109 25.35 9.71 34.60
CA GLY D 109 26.54 9.91 33.83
C GLY D 109 27.40 10.97 34.45
N GLY D 110 26.79 12.09 34.83
CA GLY D 110 27.49 13.36 34.78
C GLY D 110 27.60 13.71 33.32
N ILE D 111 28.47 14.67 33.00
CA ILE D 111 29.09 14.73 31.69
C ILE D 111 30.60 14.75 31.92
N ASP D 112 31.21 13.60 31.64
CA ASP D 112 32.48 13.15 32.19
C ASP D 112 33.65 13.98 31.70
N TYR D 113 33.82 14.00 30.38
CA TYR D 113 34.93 14.67 29.74
C TYR D 113 34.40 15.88 29.01
N TRP D 114 34.97 17.04 29.32
CA TRP D 114 34.70 18.35 28.74
C TRP D 114 35.81 18.70 27.78
N GLY D 115 35.43 19.43 26.73
CA GLY D 115 36.35 19.78 25.67
C GLY D 115 37.44 20.75 26.10
N GLN D 116 38.26 21.12 25.13
CA GLN D 116 39.38 22.01 25.41
C GLN D 116 38.96 23.46 25.45
N GLY D 117 37.85 23.81 24.86
CA GLY D 117 37.46 25.21 24.82
C GLY D 117 37.54 25.80 23.43
N THR D 118 36.77 26.87 23.21
CA THR D 118 36.76 27.62 21.97
C THR D 118 36.26 29.02 22.29
N LEU D 119 36.08 29.86 21.25
CA LEU D 119 35.71 31.24 21.51
C LEU D 119 34.86 31.73 20.34
N VAL D 120 33.56 31.48 20.42
CA VAL D 120 32.66 31.80 19.33
C VAL D 120 31.90 33.08 19.64
N MET E 4 13.79 -22.70 -41.64
CA MET E 4 15.09 -23.07 -41.11
C MET E 4 15.64 -24.32 -41.79
N THR E 5 15.34 -24.48 -43.09
CA THR E 5 15.85 -25.59 -43.86
C THR E 5 16.66 -25.09 -45.05
N GLN E 6 17.91 -25.55 -45.15
CA GLN E 6 18.79 -25.18 -46.25
C GLN E 6 18.40 -25.93 -47.52
N SER E 7 19.14 -25.67 -48.61
CA SER E 7 18.99 -26.47 -49.81
C SER E 7 20.30 -26.43 -50.59
N PRO E 8 20.89 -27.58 -50.90
CA PRO E 8 22.18 -27.63 -51.60
C PRO E 8 22.06 -27.37 -53.09
N THR E 20 24.62 -21.53 -55.52
CA THR E 20 23.18 -21.38 -55.52
C THR E 20 22.64 -22.16 -54.34
N ILE E 21 22.43 -21.47 -53.23
CA ILE E 21 22.03 -22.11 -51.99
C ILE E 21 20.79 -21.40 -51.48
N THR E 22 19.80 -22.13 -51.02
CA THR E 22 18.68 -21.43 -50.45
C THR E 22 18.40 -21.86 -49.02
N CYS E 23 17.56 -21.07 -48.35
CA CYS E 23 17.14 -21.33 -46.98
C CYS E 23 15.62 -21.29 -46.95
N ARG E 24 15.01 -21.33 -45.76
CA ARG E 24 13.56 -21.37 -45.70
C ARG E 24 13.04 -20.34 -44.71
N ALA E 25 11.74 -20.10 -44.81
CA ALA E 25 10.93 -19.30 -43.88
C ALA E 25 11.46 -17.89 -43.63
N SER E 28 8.58 -12.49 -40.20
CA SER E 28 9.69 -13.19 -40.82
C SER E 28 9.38 -13.54 -42.27
N VAL E 29 9.47 -12.55 -43.16
CA VAL E 29 9.27 -12.75 -44.59
C VAL E 29 10.42 -12.21 -45.43
N SER E 30 10.91 -11.01 -45.11
CA SER E 30 11.98 -10.46 -45.93
C SER E 30 13.17 -9.99 -45.10
N SER E 31 12.91 -9.43 -43.93
CA SER E 31 14.00 -9.13 -43.01
C SER E 31 14.08 -10.14 -41.86
N ALA E 32 14.45 -11.38 -42.15
CA ALA E 32 14.79 -12.35 -41.14
C ALA E 32 15.91 -13.25 -41.61
N VAL E 33 16.99 -12.67 -42.12
CA VAL E 33 18.06 -13.48 -42.69
C VAL E 33 19.47 -12.92 -42.45
N ALA E 34 20.36 -13.71 -41.84
CA ALA E 34 21.78 -13.52 -41.92
C ALA E 34 22.26 -14.71 -42.69
N TRP E 35 23.42 -14.61 -43.31
CA TRP E 35 23.82 -15.68 -44.19
C TRP E 35 25.30 -16.04 -44.09
N TYR E 36 25.65 -17.08 -43.35
CA TYR E 36 27.06 -17.14 -42.96
C TYR E 36 27.82 -18.08 -43.88
N GLN E 37 29.06 -18.37 -43.51
CA GLN E 37 29.94 -19.28 -44.21
C GLN E 37 30.97 -19.66 -43.22
N GLY E 41 37.51 -26.33 -38.13
CA GLY E 41 38.59 -25.41 -38.42
C GLY E 41 38.19 -23.96 -38.27
N LYS E 42 37.17 -23.55 -39.02
CA LYS E 42 36.71 -22.18 -38.98
C LYS E 42 35.58 -22.02 -37.97
N ALA E 43 35.54 -20.85 -37.34
CA ALA E 43 34.28 -20.35 -36.84
C ALA E 43 33.51 -19.80 -38.03
N PRO E 44 32.18 -19.72 -37.95
CA PRO E 44 31.42 -19.07 -39.02
C PRO E 44 31.83 -17.61 -39.18
N LYS E 45 32.04 -17.23 -40.41
CA LYS E 45 32.25 -15.84 -40.74
C LYS E 45 30.90 -15.33 -41.20
N LEU E 46 30.53 -14.12 -40.83
CA LEU E 46 29.32 -13.55 -41.38
C LEU E 46 29.58 -13.20 -42.83
N LEU E 47 28.57 -13.38 -43.69
CA LEU E 47 28.70 -12.84 -45.03
C LEU E 47 27.66 -11.77 -45.37
N ILE E 48 26.36 -12.04 -45.29
CA ILE E 48 25.34 -11.10 -45.70
C ILE E 48 24.38 -10.94 -44.56
N TYR E 49 24.17 -9.74 -44.10
CA TYR E 49 23.01 -9.50 -43.28
C TYR E 49 21.88 -9.00 -44.17
N SER E 50 20.65 -9.42 -43.86
CA SER E 50 19.38 -9.13 -44.53
C SER E 50 19.20 -9.73 -45.90
N ALA E 51 20.17 -10.52 -46.37
CA ALA E 51 20.22 -11.07 -47.74
C ALA E 51 20.10 -9.98 -48.79
N SER E 52 20.61 -8.80 -48.50
CA SER E 52 20.77 -7.78 -49.53
C SER E 52 21.97 -6.90 -49.26
N SER E 53 22.73 -7.17 -48.19
CA SER E 53 23.70 -6.21 -47.68
C SER E 53 24.97 -6.97 -47.38
N LEU E 54 25.93 -6.93 -48.29
CA LEU E 54 27.21 -7.59 -48.06
C LEU E 54 27.94 -6.99 -46.87
N TYR E 55 28.33 -7.84 -45.93
CA TYR E 55 29.15 -7.38 -44.84
C TYR E 55 30.55 -7.11 -45.37
N SER E 56 31.21 -6.13 -44.76
CA SER E 56 32.46 -5.58 -45.24
C SER E 56 33.59 -6.59 -45.15
N GLY E 57 34.72 -6.23 -45.78
CA GLY E 57 35.92 -7.04 -45.74
C GLY E 57 35.89 -8.29 -46.58
N VAL E 58 34.80 -8.55 -47.29
CA VAL E 58 34.59 -9.80 -48.00
C VAL E 58 34.27 -9.53 -49.46
N PRO E 59 34.86 -10.26 -50.41
CA PRO E 59 34.47 -10.11 -51.82
C PRO E 59 33.01 -10.43 -52.07
N SER E 60 32.47 -9.82 -53.12
CA SER E 60 31.04 -9.83 -53.41
C SER E 60 30.64 -10.99 -54.29
N ARG E 61 31.46 -12.04 -54.38
CA ARG E 61 31.03 -13.22 -55.11
C ARG E 61 29.93 -13.98 -54.37
N PHE E 62 29.72 -13.68 -53.09
CA PHE E 62 28.56 -14.16 -52.35
C PHE E 62 27.59 -13.00 -52.19
N SER E 63 26.42 -13.13 -52.80
CA SER E 63 25.35 -12.15 -52.67
C SER E 63 24.12 -12.85 -52.12
N GLY E 64 23.13 -12.05 -51.76
CA GLY E 64 21.90 -12.57 -51.20
C GLY E 64 20.69 -11.94 -51.85
N SER E 65 19.55 -12.63 -51.69
CA SER E 65 18.28 -12.12 -52.21
CA SER E 65 18.28 -12.12 -52.21
C SER E 65 17.14 -12.80 -51.48
N ARG E 66 16.19 -12.00 -51.00
CA ARG E 66 14.99 -12.54 -50.37
C ARG E 66 13.94 -12.77 -51.45
N SER E 67 13.53 -14.03 -51.62
CA SER E 67 12.52 -14.40 -52.59
C SER E 67 11.35 -15.03 -51.84
N GLY E 68 10.50 -14.17 -51.29
CA GLY E 68 9.29 -14.60 -50.59
C GLY E 68 9.56 -15.43 -49.35
N THR E 69 9.20 -16.70 -49.44
CA THR E 69 9.46 -17.66 -48.38
C THR E 69 10.72 -18.47 -48.63
N ASP E 70 11.57 -18.01 -49.54
CA ASP E 70 12.88 -18.59 -49.77
C ASP E 70 13.94 -17.50 -49.71
N PHE E 71 15.13 -17.87 -49.27
CA PHE E 71 16.25 -16.94 -49.12
C PHE E 71 17.33 -17.37 -50.09
N THR E 72 17.51 -16.60 -51.16
CA THR E 72 18.50 -16.90 -52.18
C THR E 72 19.84 -16.31 -51.74
N LEU E 73 20.51 -17.07 -50.89
CA LEU E 73 21.95 -17.07 -50.77
C LEU E 73 22.55 -17.50 -52.12
N THR E 74 23.75 -17.03 -52.46
CA THR E 74 24.17 -17.16 -53.86
C THR E 74 25.67 -17.38 -54.03
N ILE E 75 26.02 -18.48 -54.69
CA ILE E 75 27.38 -18.74 -55.18
C ILE E 75 27.49 -18.16 -56.58
N SER E 76 28.56 -17.42 -56.84
CA SER E 76 28.89 -17.06 -58.21
C SER E 76 30.23 -17.59 -58.67
N SER E 77 31.30 -17.27 -57.95
CA SER E 77 32.66 -17.52 -58.41
C SER E 77 33.24 -18.78 -57.78
N LEU E 78 34.18 -19.38 -58.49
CA LEU E 78 34.81 -20.62 -58.06
C LEU E 78 36.30 -20.38 -57.87
N GLN E 79 36.86 -20.97 -56.81
CA GLN E 79 38.27 -20.73 -56.48
C GLN E 79 39.01 -22.06 -56.32
N TYR E 86 27.31 -21.23 -44.25
CA TYR E 86 26.28 -21.60 -45.18
C TYR E 86 25.22 -22.04 -44.25
N TYR E 87 25.01 -21.17 -43.27
CA TYR E 87 24.22 -21.42 -42.09
C TYR E 87 23.31 -20.21 -42.01
N CYS E 88 22.25 -20.18 -42.80
CA CYS E 88 21.30 -19.08 -42.81
C CYS E 88 20.66 -18.90 -41.44
N GLN E 89 20.08 -17.74 -41.18
CA GLN E 89 19.64 -17.47 -39.81
C GLN E 89 18.34 -16.69 -39.82
N GLN E 90 17.53 -16.85 -38.78
CA GLN E 90 16.18 -16.31 -38.74
C GLN E 90 15.64 -16.28 -37.31
N SER E 91 15.30 -15.09 -36.81
CA SER E 91 14.57 -14.93 -35.54
C SER E 91 13.26 -14.23 -35.77
N SER E 92 12.49 -14.06 -34.70
CA SER E 92 11.43 -13.05 -34.71
C SER E 92 11.52 -12.08 -33.54
N SER E 93 11.60 -12.56 -32.31
CA SER E 93 11.72 -11.64 -31.18
C SER E 93 12.99 -11.89 -30.38
N SER E 94 13.23 -13.08 -29.93
CA SER E 94 14.49 -13.33 -29.29
C SER E 94 15.00 -14.72 -29.55
N LEU E 95 14.27 -15.54 -30.30
CA LEU E 95 14.59 -16.95 -30.46
C LEU E 95 14.92 -17.17 -31.92
N ILE E 96 16.05 -17.81 -32.17
CA ILE E 96 16.75 -17.60 -33.43
C ILE E 96 17.02 -18.98 -34.02
N THR E 97 16.85 -19.09 -35.31
CA THR E 97 16.73 -20.39 -35.94
C THR E 97 17.72 -20.48 -37.08
N PHE E 98 18.77 -21.26 -36.89
CA PHE E 98 19.80 -21.42 -37.91
C PHE E 98 19.32 -22.24 -39.10
N GLY E 99 20.30 -22.67 -39.89
CA GLY E 99 20.16 -23.78 -40.78
C GLY E 99 21.28 -24.74 -40.44
N GLN E 100 21.36 -25.81 -41.20
CA GLN E 100 22.24 -26.90 -40.85
C GLN E 100 22.57 -27.76 -42.05
N VAL F 2 39.62 -6.28 -28.05
CA VAL F 2 38.31 -5.84 -28.49
C VAL F 2 37.43 -7.06 -28.70
N GLN F 3 37.95 -8.02 -29.45
CA GLN F 3 37.20 -9.19 -29.87
C GLN F 3 37.00 -10.14 -28.68
N LEU F 4 36.20 -11.18 -28.92
CA LEU F 4 35.62 -11.97 -27.85
C LEU F 4 36.62 -12.88 -27.17
N VAL F 5 36.40 -13.09 -25.87
CA VAL F 5 37.06 -14.13 -25.10
C VAL F 5 36.00 -14.91 -24.34
N GLU F 6 35.91 -16.22 -24.59
CA GLU F 6 35.14 -17.11 -23.76
C GLU F 6 36.03 -17.72 -22.68
N SER F 7 35.47 -17.91 -21.50
CA SER F 7 36.19 -18.61 -20.44
C SER F 7 35.19 -19.30 -19.53
N GLY F 8 35.68 -20.31 -18.81
CA GLY F 8 34.84 -21.20 -18.04
C GLY F 8 34.66 -22.56 -18.67
N GLY F 9 35.19 -22.76 -19.87
CA GLY F 9 35.09 -24.02 -20.56
C GLY F 9 36.17 -25.00 -20.15
N GLY F 10 35.98 -25.64 -19.00
CA GLY F 10 36.93 -26.62 -18.52
C GLY F 10 36.64 -28.02 -19.00
N LEU F 11 36.71 -28.98 -18.08
CA LEU F 11 36.42 -30.38 -18.37
C LEU F 11 35.26 -30.79 -17.48
N VAL F 12 34.10 -30.95 -18.07
CA VAL F 12 32.86 -31.13 -17.33
C VAL F 12 32.51 -32.61 -17.28
N GLN F 13 31.94 -33.03 -16.16
CA GLN F 13 31.37 -34.35 -16.00
C GLN F 13 29.87 -34.27 -16.21
N PRO F 14 29.21 -35.35 -16.62
CA PRO F 14 27.75 -35.39 -16.60
C PRO F 14 27.24 -35.33 -15.16
N GLY F 15 25.99 -34.89 -15.03
CA GLY F 15 25.49 -34.57 -13.71
C GLY F 15 25.68 -33.10 -13.45
N GLY F 16 26.82 -32.75 -12.84
CA GLY F 16 27.18 -31.37 -12.65
C GLY F 16 27.46 -30.65 -13.96
N SER F 17 27.77 -29.36 -13.84
CA SER F 17 27.93 -28.53 -15.02
CA SER F 17 27.91 -28.52 -15.01
C SER F 17 28.97 -27.46 -14.74
N LEU F 18 29.16 -26.55 -15.68
CA LEU F 18 30.14 -25.48 -15.55
C LEU F 18 29.45 -24.12 -15.49
N ARG F 19 30.27 -23.09 -15.49
CA ARG F 19 29.80 -21.71 -15.51
C ARG F 19 30.73 -20.94 -16.44
N LEU F 20 30.19 -20.50 -17.57
CA LEU F 20 30.99 -19.84 -18.58
C LEU F 20 31.17 -18.36 -18.26
N SER F 21 31.81 -17.67 -19.21
CA SER F 21 32.11 -16.24 -19.11
C SER F 21 32.49 -15.80 -20.50
N CYS F 22 32.11 -14.58 -20.87
CA CYS F 22 32.28 -14.11 -22.24
C CYS F 22 32.90 -12.71 -22.20
N ALA F 23 34.22 -12.66 -22.19
CA ALA F 23 34.95 -11.43 -21.97
C ALA F 23 35.03 -10.62 -23.25
N ALA F 24 35.23 -9.32 -23.09
CA ALA F 24 35.03 -8.39 -24.19
C ALA F 24 35.67 -7.05 -23.90
N SER F 25 36.11 -6.36 -24.96
CA SER F 25 36.77 -5.08 -24.78
C SER F 25 36.38 -4.04 -25.83
N GLY F 26 35.33 -4.29 -26.60
CA GLY F 26 34.81 -3.35 -27.57
C GLY F 26 33.40 -2.90 -27.23
N PHE F 27 33.18 -2.58 -25.95
CA PHE F 27 31.92 -2.16 -25.33
C PHE F 27 30.74 -3.06 -25.73
N ASN F 28 30.81 -4.28 -25.19
CA ASN F 28 29.99 -5.39 -25.68
C ASN F 28 29.01 -5.90 -24.66
N VAL F 29 28.61 -5.07 -23.73
CA VAL F 29 27.25 -5.10 -23.20
C VAL F 29 26.70 -3.69 -23.32
N TYR F 30 25.37 -3.60 -23.18
CA TYR F 30 24.43 -2.50 -23.36
C TYR F 30 24.20 -2.14 -24.82
N SER F 31 25.08 -2.50 -25.72
CA SER F 31 25.05 -1.84 -27.01
C SER F 31 25.18 -2.80 -28.15
N TYR F 32 25.75 -3.95 -27.85
CA TYR F 32 26.25 -4.76 -28.93
C TYR F 32 26.02 -6.20 -28.55
N SER F 33 24.88 -6.46 -27.93
CA SER F 33 24.68 -7.49 -26.91
C SER F 33 25.01 -8.94 -27.33
N ILE F 34 25.16 -9.88 -26.35
CA ILE F 34 25.85 -11.16 -26.50
C ILE F 34 24.86 -12.26 -26.92
N HIS F 35 25.34 -13.27 -27.68
CA HIS F 35 24.59 -14.48 -27.99
C HIS F 35 25.47 -15.71 -27.87
N TRP F 36 25.02 -16.69 -27.10
CA TRP F 36 25.69 -17.99 -26.99
C TRP F 36 25.15 -18.97 -28.02
N VAL F 37 26.00 -19.38 -28.94
CA VAL F 37 25.67 -20.34 -29.99
C VAL F 37 26.75 -21.41 -29.91
N ARG F 38 26.37 -22.68 -29.99
CA ARG F 38 27.33 -23.78 -29.86
C ARG F 38 27.37 -24.59 -31.12
N GLN F 39 28.22 -25.62 -31.13
CA GLN F 39 28.16 -26.64 -32.18
C GLN F 39 28.69 -27.96 -31.68
N ALA F 40 27.82 -28.96 -31.59
CA ALA F 40 28.27 -30.31 -31.35
C ALA F 40 29.07 -30.80 -32.56
N PRO F 41 30.10 -31.63 -32.35
CA PRO F 41 30.99 -32.01 -33.47
C PRO F 41 30.26 -32.85 -34.51
N GLY F 42 30.42 -32.46 -35.77
CA GLY F 42 29.70 -33.04 -36.87
C GLY F 42 28.38 -32.37 -37.18
N LYS F 43 27.75 -31.76 -36.19
CA LYS F 43 26.47 -31.11 -36.34
C LYS F 43 26.63 -29.73 -36.97
N GLY F 44 25.51 -29.04 -37.14
CA GLY F 44 25.51 -27.63 -37.44
C GLY F 44 25.52 -26.84 -36.15
N LEU F 45 25.37 -25.52 -36.29
CA LEU F 45 25.34 -24.71 -35.09
C LEU F 45 24.03 -24.88 -34.35
N GLU F 46 23.97 -24.30 -33.17
CA GLU F 46 22.74 -24.30 -32.41
C GLU F 46 22.80 -23.12 -31.49
N TRP F 47 21.75 -22.33 -31.45
CA TRP F 47 21.68 -21.20 -30.55
C TRP F 47 21.31 -21.65 -29.16
N VAL F 48 22.12 -21.29 -28.14
CA VAL F 48 21.78 -21.74 -26.79
C VAL F 48 21.43 -20.64 -25.79
N ALA F 49 21.95 -19.42 -25.95
CA ALA F 49 21.55 -18.38 -25.01
C ALA F 49 21.77 -16.99 -25.56
N SER F 50 20.80 -16.10 -25.32
CA SER F 50 20.90 -14.67 -25.61
C SER F 50 20.66 -13.84 -24.35
N ILE F 51 20.84 -12.53 -24.51
CA ILE F 51 20.85 -11.60 -23.40
C ILE F 51 20.72 -10.18 -23.96
N SER F 52 20.06 -9.32 -23.21
CA SER F 52 20.21 -7.89 -23.36
C SER F 52 20.70 -7.35 -22.05
N SER F 53 21.83 -6.70 -22.08
CA SER F 53 22.13 -5.89 -20.92
C SER F 53 21.46 -4.54 -21.07
N TYR F 54 20.99 -4.24 -22.27
CA TYR F 54 20.22 -3.04 -22.54
C TYR F 54 18.79 -3.17 -22.01
N TYR F 55 18.01 -4.06 -22.61
CA TYR F 55 16.59 -4.15 -22.33
C TYR F 55 16.30 -4.81 -21.00
N SER F 56 17.32 -5.38 -20.37
CA SER F 56 17.18 -6.35 -19.27
C SER F 56 16.23 -7.47 -19.65
N SER F 57 16.64 -8.25 -20.64
CA SER F 57 15.98 -9.51 -20.97
C SER F 57 17.04 -10.51 -21.32
N THR F 58 16.98 -11.65 -20.64
CA THR F 58 17.95 -12.73 -20.76
C THR F 58 17.18 -13.96 -21.22
N SER F 59 16.97 -14.10 -22.51
CA SER F 59 16.09 -15.14 -23.01
C SER F 59 16.84 -16.13 -23.88
N TYR F 60 16.33 -17.35 -23.92
CA TYR F 60 17.04 -18.46 -24.54
C TYR F 60 16.02 -19.53 -24.94
N ALA F 61 16.54 -20.66 -25.41
CA ALA F 61 15.95 -21.38 -26.53
C ALA F 61 14.75 -22.23 -26.14
N ASP F 62 14.45 -23.20 -26.99
CA ASP F 62 13.37 -24.16 -26.76
C ASP F 62 13.90 -25.43 -26.11
N SER F 63 14.87 -26.07 -26.73
CA SER F 63 15.40 -27.33 -26.25
C SER F 63 16.32 -27.18 -25.05
N VAL F 64 16.62 -25.97 -24.63
CA VAL F 64 17.45 -25.78 -23.45
C VAL F 64 16.72 -24.88 -22.47
N LYS F 65 15.39 -24.82 -22.59
CA LYS F 65 14.66 -23.79 -21.86
C LYS F 65 14.55 -24.17 -20.40
N GLY F 66 15.16 -23.37 -19.54
CA GLY F 66 15.24 -23.66 -18.14
C GLY F 66 16.46 -24.46 -17.73
N ARG F 67 17.10 -25.15 -18.67
CA ARG F 67 18.31 -25.88 -18.34
C ARG F 67 19.47 -24.93 -18.07
N PHE F 68 19.73 -24.01 -18.98
CA PHE F 68 20.96 -23.22 -19.01
C PHE F 68 20.70 -21.77 -18.65
N THR F 69 21.40 -21.27 -17.63
CA THR F 69 21.15 -19.95 -17.06
C THR F 69 22.21 -18.98 -17.54
N ILE F 70 21.79 -17.78 -17.96
CA ILE F 70 22.70 -16.76 -18.46
C ILE F 70 22.66 -15.57 -17.50
N SER F 71 23.81 -14.93 -17.32
CA SER F 71 23.89 -13.67 -16.58
C SER F 71 25.01 -12.83 -17.20
N ALA F 72 25.35 -11.74 -16.54
CA ALA F 72 26.27 -10.79 -17.13
C ALA F 72 27.13 -10.15 -16.06
N ASP F 73 28.05 -9.30 -16.52
CA ASP F 73 28.79 -8.39 -15.65
C ASP F 73 29.17 -7.22 -16.55
N THR F 74 28.48 -6.09 -16.40
CA THR F 74 28.75 -4.94 -17.25
C THR F 74 30.11 -4.33 -16.94
N SER F 75 30.54 -4.41 -15.67
CA SER F 75 31.72 -3.68 -15.21
C SER F 75 32.99 -4.27 -15.80
N LYS F 76 32.99 -5.56 -16.11
CA LYS F 76 34.07 -6.18 -16.85
C LYS F 76 33.63 -6.72 -18.20
N ASN F 77 32.41 -6.35 -18.65
CA ASN F 77 31.89 -6.63 -20.00
C ASN F 77 31.80 -8.13 -20.28
N THR F 78 31.47 -8.89 -19.25
CA THR F 78 31.50 -10.34 -19.29
C THR F 78 30.08 -10.88 -19.24
N ALA F 79 29.77 -11.84 -20.10
CA ALA F 79 28.51 -12.56 -20.07
C ALA F 79 28.75 -13.97 -19.52
N TYR F 80 28.31 -14.21 -18.30
CA TYR F 80 28.39 -15.53 -17.71
C TYR F 80 27.35 -16.44 -18.33
N LEU F 81 27.52 -17.75 -18.14
CA LEU F 81 26.51 -18.71 -18.54
C LEU F 81 26.58 -19.91 -17.59
N GLN F 82 25.61 -20.02 -16.70
CA GLN F 82 25.49 -21.18 -15.84
C GLN F 82 24.84 -22.32 -16.61
N MET F 83 25.38 -23.52 -16.45
CA MET F 83 25.04 -24.61 -17.35
C MET F 83 24.15 -25.64 -16.66
N GLU F 89 23.24 -34.85 -23.73
CA GLU F 89 24.27 -34.80 -24.75
C GLU F 89 24.72 -33.37 -25.02
N ASP F 90 25.31 -32.74 -24.02
CA ASP F 90 25.81 -31.38 -24.15
C ASP F 90 27.27 -31.34 -24.60
N THR F 91 27.75 -32.42 -25.21
CA THR F 91 29.12 -32.50 -25.71
C THR F 91 29.26 -31.54 -26.89
N ALA F 92 29.77 -30.35 -26.61
CA ALA F 92 29.59 -29.24 -27.51
C ALA F 92 30.83 -28.38 -27.59
N VAL F 93 30.80 -27.45 -28.53
CA VAL F 93 31.85 -26.48 -28.77
C VAL F 93 31.19 -25.12 -28.73
N TYR F 94 31.43 -24.36 -27.66
CA TYR F 94 30.71 -23.12 -27.46
C TYR F 94 31.44 -21.95 -28.08
N TYR F 95 30.64 -21.03 -28.59
CA TYR F 95 31.06 -19.81 -29.25
C TYR F 95 30.23 -18.68 -28.66
N CYS F 96 30.80 -17.47 -28.65
CA CYS F 96 30.07 -16.26 -28.36
C CYS F 96 29.83 -15.43 -29.61
N ALA F 97 29.06 -14.37 -29.45
CA ALA F 97 28.61 -13.63 -30.60
C ALA F 97 28.13 -12.24 -30.26
N ARG F 98 28.28 -11.33 -31.21
CA ARG F 98 27.97 -9.93 -30.97
C ARG F 98 27.05 -9.43 -32.08
N SER F 99 25.76 -9.59 -31.88
CA SER F 99 24.78 -8.96 -32.73
C SER F 99 24.69 -7.53 -32.32
N TYR F 100 24.56 -6.62 -33.28
CA TYR F 100 24.27 -5.29 -32.83
C TYR F 100 22.82 -5.17 -32.39
N TRP F 101 21.92 -5.88 -33.03
CA TRP F 101 20.53 -5.76 -32.65
C TRP F 101 20.27 -6.78 -31.58
N TYR F 102 19.10 -6.71 -30.97
CA TYR F 102 18.70 -7.76 -30.07
C TYR F 102 17.44 -8.44 -30.53
N TRP F 103 16.40 -7.67 -30.90
CA TRP F 103 15.12 -8.33 -31.16
C TRP F 103 15.15 -9.13 -32.45
N ARG F 104 15.34 -8.51 -33.57
CA ARG F 104 15.40 -9.32 -34.74
C ARG F 104 16.79 -9.15 -35.31
N THR F 105 17.76 -9.80 -34.66
CA THR F 105 19.15 -9.80 -35.08
C THR F 105 19.46 -10.71 -36.23
N SER F 106 18.46 -11.28 -36.85
CA SER F 106 18.72 -12.19 -37.91
C SER F 106 19.09 -11.39 -39.10
N THR F 107 18.31 -10.38 -39.34
CA THR F 107 18.42 -9.67 -40.60
C THR F 107 19.52 -8.65 -40.62
N LEU F 108 19.67 -7.85 -39.61
CA LEU F 108 20.35 -6.65 -39.95
C LEU F 108 21.63 -6.61 -39.15
N GLY F 109 21.57 -7.04 -37.90
CA GLY F 109 22.79 -7.20 -37.15
C GLY F 109 23.65 -8.33 -37.67
N GLY F 110 23.09 -9.53 -37.78
CA GLY F 110 23.91 -10.72 -37.89
C GLY F 110 24.44 -11.00 -36.50
N ILE F 111 25.41 -11.88 -36.38
CA ILE F 111 26.25 -11.87 -35.18
C ILE F 111 27.69 -11.75 -35.63
N ASP F 112 28.20 -10.54 -35.42
CA ASP F 112 29.32 -9.95 -36.15
C ASP F 112 30.64 -10.64 -35.83
N TYR F 113 30.99 -10.62 -34.55
CA TYR F 113 32.24 -11.16 -34.05
C TYR F 113 31.94 -12.41 -33.24
N TRP F 114 32.55 -13.52 -33.63
CA TRP F 114 32.49 -14.83 -33.03
C TRP F 114 33.74 -15.07 -32.21
N GLY F 115 33.58 -15.86 -31.15
CA GLY F 115 34.67 -16.12 -30.22
C GLY F 115 35.78 -16.97 -30.82
N GLN F 116 36.72 -17.32 -29.96
CA GLN F 116 37.87 -18.09 -30.40
C GLN F 116 37.63 -19.59 -30.37
N GLY F 117 36.64 -20.05 -29.63
CA GLY F 117 36.44 -21.47 -29.55
C GLY F 117 36.76 -22.04 -28.17
N THR F 118 36.13 -23.17 -27.87
CA THR F 118 36.36 -23.92 -26.64
C THR F 118 35.98 -25.37 -26.90
N LEU F 119 36.00 -26.22 -25.87
CA LEU F 119 35.75 -27.63 -26.09
C LEU F 119 35.12 -28.21 -24.83
N VAL F 120 33.80 -28.10 -24.74
CA VAL F 120 33.09 -28.47 -23.53
C VAL F 120 32.41 -29.82 -23.72
#